data_3QXQ
#
_entry.id   3QXQ
#
_cell.length_a   90.678
_cell.length_b   99.605
_cell.length_c   93.073
_cell.angle_alpha   90.00
_cell.angle_beta   102.98
_cell.angle_gamma   90.00
#
_symmetry.space_group_name_H-M   'P 1 21 1'
#
loop_
_entity.id
_entity.type
_entity.pdbx_description
1 polymer Endoglucanase
2 branched beta-D-glucopyranose-(1-4)-beta-D-glucopyranose-(1-4)-beta-D-glucopyranose-(1-4)-beta-D-glucopyranose-(1-4)-beta-D-glucopyranose
3 water water
#
_entity_poly.entity_id   1
_entity_poly.type   'polypeptide(L)'
_entity_poly.pdbx_seq_one_letter_code
;ACTWPAWEQFKKDYISQEGRVIDPSDARKITTSQGQSYGMFSALAANDRAAFDNILDWTQNNLAQGSLKERLPAWLWGKK
ENSKWEVLDSNSASDGDVWMAWSLLEAGRLWKEQRYTDIGSALLKRIAREEVVTVPGLGSMLLPGKVGFAEDNSWRFNPS
YLPPTLAQYFTRFGAPWTTLRETNQRLLLETAPKGFSPDWVRYEKDKGWQLKAEKTLISSYDAIRVYMWVGMMPDSDPQK
ARMLNRFKPMATFTEKNGYPPEKVDVATGKAQGKGPVGFSAAMLPFLQNRDAQAVQRQRVADNFPGSDAYYNYVLTLFGQ
GWDQHRFRFSTKGELLPDWGQECANSHLEHHHHHH
;
_entity_poly.pdbx_strand_id   A,B,C,D
#
loop_
_chem_comp.id
_chem_comp.type
_chem_comp.name
_chem_comp.formula
BGC D-saccharide, beta linking beta-D-glucopyranose 'C6 H12 O6'
#
# COMPACT_ATOMS: atom_id res chain seq x y z
N CYS A 2 -2.14 18.88 -9.57
CA CYS A 2 -3.38 19.70 -9.45
C CYS A 2 -4.35 19.09 -8.43
N THR A 3 -3.80 18.35 -7.48
CA THR A 3 -4.61 17.81 -6.39
C THR A 3 -3.90 18.06 -5.06
N TRP A 4 -4.68 18.05 -3.98
CA TRP A 4 -4.15 18.13 -2.63
C TRP A 4 -4.26 16.74 -2.03
N PRO A 5 -3.16 15.98 -2.07
CA PRO A 5 -3.12 14.58 -1.65
C PRO A 5 -3.72 14.33 -0.27
N ALA A 6 -3.33 15.12 0.73
CA ALA A 6 -3.91 14.95 2.07
C ALA A 6 -5.43 15.10 2.04
N TRP A 7 -5.92 16.00 1.20
CA TRP A 7 -7.37 16.20 1.06
C TRP A 7 -8.03 15.03 0.34
N GLU A 8 -7.37 14.52 -0.70
CA GLU A 8 -7.87 13.36 -1.43
C GLU A 8 -8.03 12.17 -0.49
N GLN A 9 -7.04 11.96 0.38
CA GLN A 9 -7.13 10.87 1.35
C GLN A 9 -8.22 11.13 2.38
N PHE A 10 -8.42 12.40 2.73
CA PHE A 10 -9.46 12.75 3.71
C PHE A 10 -10.85 12.42 3.18
N LYS A 11 -11.12 12.79 1.94
CA LYS A 11 -12.37 12.42 1.26
C LYS A 11 -12.63 10.91 1.32
N LYS A 12 -11.65 10.11 0.93
CA LYS A 12 -11.81 8.66 0.92
C LYS A 12 -12.19 8.13 2.31
N ASP A 13 -11.51 8.61 3.34
CA ASP A 13 -11.63 8.01 4.67
C ASP A 13 -12.78 8.57 5.51
N TYR A 14 -13.20 9.80 5.22
CA TYR A 14 -14.07 10.52 6.14
C TYR A 14 -15.34 11.09 5.49
N ILE A 15 -15.38 11.16 4.17
CA ILE A 15 -16.52 11.77 3.50
C ILE A 15 -17.36 10.77 2.71
N SER A 16 -18.64 10.73 3.03
CA SER A 16 -19.55 9.77 2.43
C SER A 16 -19.84 10.13 0.99
N GLN A 17 -20.41 9.17 0.26
CA GLN A 17 -20.82 9.38 -1.11
C GLN A 17 -21.82 10.54 -1.22
N GLU A 18 -22.65 10.69 -0.19
CA GLU A 18 -23.67 11.75 -0.19
C GLU A 18 -23.10 13.11 0.20
N GLY A 19 -21.86 13.13 0.68
CA GLY A 19 -21.18 14.37 0.99
C GLY A 19 -21.12 14.76 2.46
N ARG A 20 -21.31 13.81 3.37
CA ARG A 20 -21.22 14.12 4.80
C ARG A 20 -19.88 13.73 5.43
N VAL A 21 -19.31 14.65 6.20
CA VAL A 21 -18.04 14.41 6.86
C VAL A 21 -18.27 13.66 8.16
N ILE A 22 -17.58 12.53 8.35
CA ILE A 22 -17.90 11.62 9.44
C ILE A 22 -16.79 11.47 10.47
N ASP A 23 -17.16 11.60 11.73
CA ASP A 23 -16.23 11.34 12.82
C ASP A 23 -16.47 9.92 13.28
N PRO A 24 -15.58 9.00 12.89
CA PRO A 24 -15.79 7.56 13.14
C PRO A 24 -15.50 7.14 14.58
N SER A 25 -15.01 8.07 15.40
CA SER A 25 -14.63 7.72 16.78
C SER A 25 -15.85 7.66 17.69
N ASP A 26 -16.91 8.32 17.24
CA ASP A 26 -18.17 8.36 17.98
C ASP A 26 -19.06 7.21 17.52
N ALA A 27 -19.62 6.47 18.47
CA ALA A 27 -20.45 5.32 18.15
C ALA A 27 -21.64 5.67 17.27
N ARG A 28 -22.09 6.93 17.32
CA ARG A 28 -23.22 7.34 16.48
C ARG A 28 -22.75 7.81 15.10
N LYS A 29 -21.43 7.69 14.86
CA LYS A 29 -20.85 8.05 13.57
C LYS A 29 -21.38 9.40 13.11
N ILE A 30 -21.08 10.41 13.91
CA ILE A 30 -21.70 11.73 13.75
C ILE A 30 -21.10 12.55 12.63
N THR A 31 -21.89 13.51 12.17
CA THR A 31 -21.42 14.60 11.35
C THR A 31 -21.73 15.87 12.12
N THR A 32 -20.80 16.83 12.12
CA THR A 32 -21.03 18.11 12.78
C THR A 32 -21.05 19.25 11.76
N SER A 33 -21.63 20.38 12.13
CA SER A 33 -21.60 21.53 11.23
C SER A 33 -20.18 22.05 11.04
N GLN A 34 -19.33 21.86 12.05
CA GLN A 34 -17.90 22.16 11.93
C GLN A 34 -17.26 21.28 10.86
N GLY A 35 -17.53 19.98 10.94
CA GLY A 35 -17.03 19.01 9.97
C GLY A 35 -17.40 19.41 8.55
N GLN A 36 -18.66 19.78 8.34
CA GLN A 36 -19.13 20.17 7.03
C GLN A 36 -18.40 21.43 6.54
N SER A 37 -18.21 22.38 7.44
CA SER A 37 -17.58 23.64 7.07
C SER A 37 -16.11 23.43 6.71
N TYR A 38 -15.43 22.57 7.45
CA TYR A 38 -14.03 22.26 7.19
C TYR A 38 -13.89 21.53 5.85
N GLY A 39 -14.88 20.72 5.52
CA GLY A 39 -14.90 20.03 4.24
C GLY A 39 -15.12 21.02 3.12
N MET A 40 -15.98 22.00 3.34
CA MET A 40 -16.22 23.05 2.35
C MET A 40 -14.96 23.89 2.15
N PHE A 41 -14.37 24.34 3.26
CA PHE A 41 -13.13 25.09 3.18
C PHE A 41 -12.08 24.31 2.38
N SER A 42 -11.89 23.05 2.73
CA SER A 42 -10.83 22.26 2.13
C SER A 42 -11.07 22.01 0.65
N ALA A 43 -12.31 21.65 0.31
CA ALA A 43 -12.72 21.54 -1.08
C ALA A 43 -12.40 22.83 -1.86
N LEU A 44 -12.77 23.99 -1.30
CA LEU A 44 -12.44 25.25 -1.95
C LEU A 44 -10.93 25.44 -2.14
N ALA A 45 -10.15 25.21 -1.09
CA ALA A 45 -8.70 25.38 -1.16
C ALA A 45 -8.08 24.45 -2.20
N ALA A 46 -8.66 23.27 -2.36
CA ALA A 46 -8.16 22.28 -3.31
C ALA A 46 -8.67 22.52 -4.74
N ASN A 47 -9.52 23.53 -4.93
CA ASN A 47 -10.22 23.74 -6.20
C ASN A 47 -11.00 22.48 -6.59
N ASP A 48 -11.75 21.94 -5.63
CA ASP A 48 -12.48 20.71 -5.83
C ASP A 48 -13.98 20.99 -5.82
N ARG A 49 -14.48 21.55 -6.92
CA ARG A 49 -15.86 22.03 -6.91
C ARG A 49 -16.89 20.91 -6.76
N ALA A 50 -16.65 19.77 -7.39
CA ALA A 50 -17.57 18.64 -7.27
C ALA A 50 -17.78 18.25 -5.80
N ALA A 51 -16.71 18.23 -5.01
CA ALA A 51 -16.84 17.86 -3.60
C ALA A 51 -17.48 19.00 -2.80
N PHE A 52 -17.14 20.23 -3.16
CA PHE A 52 -17.74 21.39 -2.51
C PHE A 52 -19.26 21.30 -2.65
N ASP A 53 -19.72 21.09 -3.88
CA ASP A 53 -21.14 20.98 -4.19
C ASP A 53 -21.82 19.81 -3.48
N ASN A 54 -21.14 18.67 -3.44
CA ASN A 54 -21.70 17.49 -2.78
C ASN A 54 -21.84 17.72 -1.28
N ILE A 55 -20.81 18.31 -0.66
CA ILE A 55 -20.81 18.59 0.77
C ILE A 55 -21.85 19.66 1.11
N LEU A 56 -21.93 20.68 0.27
CA LEU A 56 -22.94 21.72 0.44
C LEU A 56 -24.37 21.12 0.38
N ASP A 57 -24.65 20.31 -0.64
CA ASP A 57 -25.97 19.66 -0.76
C ASP A 57 -26.37 18.94 0.52
N TRP A 58 -25.49 18.07 1.01
CA TRP A 58 -25.80 17.31 2.21
C TRP A 58 -26.06 18.23 3.39
N THR A 59 -25.21 19.25 3.56
CA THR A 59 -25.37 20.22 4.63
C THR A 59 -26.77 20.85 4.58
N GLN A 60 -27.13 21.38 3.42
CA GLN A 60 -28.41 22.07 3.29
C GLN A 60 -29.56 21.12 3.60
N ASN A 61 -29.52 19.93 3.01
CA ASN A 61 -30.61 18.96 3.15
C ASN A 61 -30.73 18.36 4.56
N ASN A 62 -29.62 18.11 5.22
CA ASN A 62 -29.64 17.39 6.49
C ASN A 62 -29.44 18.22 7.74
N LEU A 63 -28.71 19.32 7.63
CA LEU A 63 -28.47 20.18 8.79
C LEU A 63 -29.37 21.43 8.79
N ALA A 64 -29.92 21.77 7.63
CA ALA A 64 -30.70 23.01 7.51
C ALA A 64 -32.10 22.75 6.93
N GLN A 65 -32.62 21.54 7.16
CA GLN A 65 -33.92 21.12 6.65
C GLN A 65 -34.15 21.57 5.20
N GLY A 66 -33.09 21.60 4.41
CA GLY A 66 -33.21 21.90 3.00
C GLY A 66 -32.64 23.22 2.53
N SER A 67 -32.36 24.15 3.44
CA SER A 67 -31.88 25.45 3.00
C SER A 67 -31.17 26.30 4.06
N LEU A 68 -29.91 26.61 3.79
CA LEU A 68 -29.11 27.47 4.67
C LEU A 68 -29.57 28.92 4.65
N LYS A 69 -30.50 29.24 3.76
CA LYS A 69 -31.09 30.57 3.73
C LYS A 69 -32.23 30.69 4.74
N GLU A 70 -32.71 29.56 5.21
CA GLU A 70 -33.91 29.54 6.07
C GLU A 70 -33.57 29.35 7.55
N ARG A 71 -32.37 28.87 7.83
CA ARG A 71 -31.98 28.58 9.21
C ARG A 71 -30.50 28.27 9.31
N LEU A 72 -29.93 28.49 10.50
CA LEU A 72 -28.56 28.06 10.78
C LEU A 72 -28.53 26.54 10.86
N PRO A 73 -27.41 25.92 10.44
CA PRO A 73 -27.36 24.46 10.41
C PRO A 73 -27.30 23.86 11.80
N ALA A 74 -27.98 22.73 11.99
CA ALA A 74 -27.87 21.97 13.22
C ALA A 74 -26.43 21.55 13.39
N TRP A 75 -25.92 21.54 14.62
CA TRP A 75 -24.50 21.23 14.80
C TRP A 75 -24.20 19.74 14.84
N LEU A 76 -25.19 18.94 15.23
CA LEU A 76 -24.96 17.52 15.45
C LEU A 76 -25.97 16.64 14.73
N TRP A 77 -25.46 15.69 13.95
CA TRP A 77 -26.26 14.76 13.16
C TRP A 77 -25.68 13.36 13.30
N GLY A 78 -26.53 12.36 13.53
CA GLY A 78 -26.03 11.01 13.72
C GLY A 78 -27.07 9.93 13.92
N LYS A 79 -26.62 8.77 14.39
CA LYS A 79 -27.50 7.63 14.57
C LYS A 79 -28.16 7.64 15.94
N LYS A 80 -29.49 7.56 15.93
CA LYS A 80 -30.28 7.47 17.15
C LYS A 80 -30.42 6.02 17.58
N GLU A 81 -30.93 5.80 18.79
CA GLU A 81 -31.09 4.45 19.31
C GLU A 81 -32.07 3.60 18.49
N ASN A 82 -33.06 4.26 17.89
CA ASN A 82 -34.08 3.55 17.13
C ASN A 82 -33.58 3.11 15.75
N SER A 83 -32.33 3.42 15.44
CA SER A 83 -31.69 3.02 14.17
C SER A 83 -31.83 4.08 13.08
N LYS A 84 -32.62 5.13 13.35
CA LYS A 84 -32.77 6.22 12.40
C LYS A 84 -31.62 7.22 12.49
N TRP A 85 -31.27 7.81 11.36
CA TRP A 85 -30.19 8.78 11.32
C TRP A 85 -30.79 10.15 11.07
N GLU A 86 -30.59 11.06 12.03
CA GLU A 86 -31.10 12.42 11.89
C GLU A 86 -30.40 13.42 12.81
N VAL A 87 -30.87 14.67 12.79
CA VAL A 87 -30.33 15.72 13.66
C VAL A 87 -30.43 15.27 15.12
N LEU A 88 -29.34 15.42 15.88
CA LEU A 88 -29.34 15.05 17.30
C LEU A 88 -29.48 16.29 18.19
N ASP A 89 -29.00 17.42 17.71
CA ASP A 89 -29.15 18.70 18.39
C ASP A 89 -29.29 19.78 17.33
N SER A 90 -30.43 20.47 17.32
CA SER A 90 -30.70 21.42 16.23
C SER A 90 -30.08 22.78 16.51
N ASN A 91 -29.56 22.97 17.72
CA ASN A 91 -28.83 24.19 18.06
C ASN A 91 -27.62 24.32 17.13
N SER A 92 -27.19 25.54 16.88
CA SER A 92 -26.05 25.78 16.01
C SER A 92 -24.77 25.88 16.81
N ALA A 93 -23.64 25.66 16.13
CA ALA A 93 -22.33 25.99 16.68
C ALA A 93 -21.75 27.03 15.74
N SER A 94 -21.40 28.18 16.29
CA SER A 94 -21.09 29.34 15.45
C SER A 94 -19.76 29.26 14.70
N ASP A 95 -18.83 28.42 15.16
CA ASP A 95 -17.58 28.26 14.44
C ASP A 95 -17.83 27.59 13.08
N GLY A 96 -18.67 26.56 13.06
CA GLY A 96 -19.08 25.96 11.80
C GLY A 96 -19.78 26.99 10.93
N ASP A 97 -20.67 27.76 11.54
CA ASP A 97 -21.47 28.74 10.82
C ASP A 97 -20.62 29.76 10.06
N VAL A 98 -19.65 30.35 10.73
CA VAL A 98 -18.84 31.38 10.11
C VAL A 98 -17.92 30.83 9.03
N TRP A 99 -17.29 29.68 9.29
CA TRP A 99 -16.48 29.02 8.28
C TRP A 99 -17.33 28.66 7.05
N MET A 100 -18.55 28.22 7.31
CA MET A 100 -19.48 27.87 6.24
C MET A 100 -19.79 29.10 5.39
N ALA A 101 -20.08 30.22 6.07
CA ALA A 101 -20.40 31.47 5.39
C ALA A 101 -19.21 32.00 4.58
N TRP A 102 -18.03 31.98 5.20
CA TRP A 102 -16.81 32.43 4.53
C TRP A 102 -16.48 31.58 3.30
N SER A 103 -16.53 30.27 3.45
CA SER A 103 -16.25 29.38 2.32
C SER A 103 -17.21 29.63 1.17
N LEU A 104 -18.49 29.76 1.50
CA LEU A 104 -19.53 30.01 0.52
C LEU A 104 -19.29 31.34 -0.21
N LEU A 105 -19.05 32.39 0.55
CA LEU A 105 -18.80 33.70 -0.02
C LEU A 105 -17.57 33.65 -0.93
N GLU A 106 -16.50 33.02 -0.46
CA GLU A 106 -15.29 32.95 -1.25
C GLU A 106 -15.46 32.04 -2.47
N ALA A 107 -16.21 30.95 -2.31
CA ALA A 107 -16.53 30.09 -3.46
C ALA A 107 -17.26 30.91 -4.51
N GLY A 108 -18.22 31.72 -4.06
CA GLY A 108 -18.98 32.55 -4.98
C GLY A 108 -18.07 33.46 -5.77
N ARG A 109 -17.15 34.12 -5.09
CA ARG A 109 -16.25 35.07 -5.71
C ARG A 109 -15.25 34.38 -6.65
N LEU A 110 -14.56 33.37 -6.15
CA LEU A 110 -13.47 32.72 -6.89
C LEU A 110 -13.94 31.88 -8.08
N TRP A 111 -15.08 31.20 -7.90
CA TRP A 111 -15.64 30.37 -8.97
C TRP A 111 -16.69 31.12 -9.78
N LYS A 112 -16.88 32.40 -9.45
CA LYS A 112 -17.81 33.28 -10.16
C LYS A 112 -19.21 32.68 -10.22
N GLU A 113 -19.69 32.17 -9.08
CA GLU A 113 -21.01 31.55 -9.02
C GLU A 113 -21.91 32.29 -8.05
N GLN A 114 -22.97 32.88 -8.59
CA GLN A 114 -23.88 33.72 -7.82
C GLN A 114 -24.59 32.93 -6.73
N ARG A 115 -24.93 31.67 -7.01
CA ARG A 115 -25.63 30.86 -6.03
C ARG A 115 -24.86 30.73 -4.71
N TYR A 116 -23.53 30.59 -4.79
CA TYR A 116 -22.73 30.47 -3.56
C TYR A 116 -22.75 31.79 -2.77
N THR A 117 -22.64 32.90 -3.49
CA THR A 117 -22.70 34.21 -2.86
C THR A 117 -24.02 34.40 -2.13
N ASP A 118 -25.12 34.09 -2.83
CA ASP A 118 -26.46 34.26 -2.28
C ASP A 118 -26.65 33.45 -1.00
N ILE A 119 -26.26 32.19 -1.01
CA ILE A 119 -26.37 31.37 0.20
C ILE A 119 -25.45 31.89 1.29
N GLY A 120 -24.24 32.30 0.90
CA GLY A 120 -23.27 32.82 1.86
C GLY A 120 -23.76 34.07 2.57
N SER A 121 -24.34 34.99 1.81
CA SER A 121 -24.83 36.26 2.37
C SER A 121 -25.99 36.05 3.33
N ALA A 122 -26.98 35.26 2.91
CA ALA A 122 -28.10 34.93 3.77
C ALA A 122 -27.65 34.27 5.06
N LEU A 123 -26.73 33.31 4.96
CA LEU A 123 -26.18 32.67 6.14
C LEU A 123 -25.53 33.67 7.09
N LEU A 124 -24.66 34.51 6.56
CA LEU A 124 -23.93 35.48 7.36
C LEU A 124 -24.87 36.41 8.09
N LYS A 125 -25.89 36.91 7.36
CA LYS A 125 -26.89 37.80 7.94
C LYS A 125 -27.65 37.12 9.09
N ARG A 126 -28.03 35.87 8.90
CA ARG A 126 -28.73 35.16 9.96
C ARG A 126 -27.80 34.95 11.17
N ILE A 127 -26.51 34.72 10.92
CA ILE A 127 -25.55 34.63 12.01
C ILE A 127 -25.57 35.90 12.86
N ALA A 128 -25.43 37.04 12.20
CA ALA A 128 -25.46 38.35 12.85
C ALA A 128 -26.73 38.58 13.65
N ARG A 129 -27.85 38.12 13.11
CA ARG A 129 -29.16 38.33 13.72
C ARG A 129 -29.45 37.37 14.89
N GLU A 130 -28.99 36.13 14.78
CA GLU A 130 -29.44 35.09 15.70
C GLU A 130 -28.41 34.64 16.74
N GLU A 131 -27.13 34.88 16.48
CA GLU A 131 -26.10 34.50 17.46
C GLU A 131 -25.04 35.57 17.68
N VAL A 132 -25.40 36.81 17.38
CA VAL A 132 -24.58 37.96 17.77
C VAL A 132 -25.43 38.85 18.66
N VAL A 133 -24.89 39.22 19.81
CA VAL A 133 -25.63 40.07 20.75
C VAL A 133 -24.75 41.17 21.33
N THR A 134 -25.40 42.23 21.78
CA THR A 134 -24.71 43.32 22.44
C THR A 134 -24.55 42.97 23.92
N VAL A 135 -23.31 42.93 24.38
CA VAL A 135 -23.01 42.64 25.77
C VAL A 135 -22.52 43.90 26.46
N PRO A 136 -23.16 44.28 27.58
CA PRO A 136 -22.73 45.49 28.26
C PRO A 136 -21.28 45.36 28.71
N GLY A 137 -20.48 46.37 28.39
CA GLY A 137 -19.05 46.34 28.71
C GLY A 137 -18.18 45.92 27.53
N LEU A 138 -18.81 45.32 26.52
CA LEU A 138 -18.09 44.83 25.34
C LEU A 138 -18.65 45.37 24.02
N GLY A 139 -19.97 45.35 23.88
CA GLY A 139 -20.61 45.63 22.61
C GLY A 139 -20.95 44.32 21.90
N SER A 140 -20.98 44.34 20.57
CA SER A 140 -21.32 43.14 19.80
C SER A 140 -20.35 41.98 20.06
N MET A 141 -20.90 40.81 20.38
CA MET A 141 -20.12 39.59 20.59
C MET A 141 -20.74 38.42 19.85
N LEU A 142 -19.90 37.52 19.36
CA LEU A 142 -20.37 36.29 18.75
C LEU A 142 -20.55 35.22 19.81
N LEU A 143 -21.78 34.74 19.97
CA LEU A 143 -22.05 33.63 20.87
C LEU A 143 -21.62 32.32 20.21
N PRO A 144 -21.20 31.35 21.02
CA PRO A 144 -20.82 30.04 20.48
C PRO A 144 -21.99 29.28 19.85
N GLY A 145 -23.21 29.77 20.04
CA GLY A 145 -24.39 29.17 19.44
C GLY A 145 -25.66 29.98 19.67
N LYS A 146 -26.71 29.63 18.94
CA LYS A 146 -27.99 30.35 18.98
C LYS A 146 -28.63 30.39 20.38
N VAL A 147 -28.60 29.26 21.08
CA VAL A 147 -29.09 29.22 22.46
C VAL A 147 -28.10 28.51 23.37
N GLY A 148 -28.24 28.73 24.68
CA GLY A 148 -27.45 28.02 25.68
C GLY A 148 -26.17 28.69 26.15
N PHE A 149 -25.84 29.85 25.60
CA PHE A 149 -24.60 30.53 25.97
C PHE A 149 -24.82 31.94 26.50
N ALA A 150 -26.08 32.33 26.66
CA ALA A 150 -26.39 33.67 27.17
C ALA A 150 -27.42 33.63 28.29
N GLU A 151 -27.09 34.24 29.42
CA GLU A 151 -28.03 34.44 30.49
C GLU A 151 -28.27 35.93 30.68
N ASP A 152 -29.16 36.27 31.61
CA ASP A 152 -29.49 37.67 31.87
C ASP A 152 -28.24 38.54 32.09
N ASN A 153 -27.33 38.06 32.93
CA ASN A 153 -26.17 38.84 33.33
C ASN A 153 -24.82 38.18 33.08
N SER A 154 -24.80 37.11 32.30
CA SER A 154 -23.52 36.51 31.94
C SER A 154 -23.56 35.78 30.59
N TRP A 155 -22.41 35.73 29.95
CA TRP A 155 -22.27 35.10 28.64
C TRP A 155 -21.03 34.22 28.64
N ARG A 156 -21.06 33.18 27.81
CA ARG A 156 -19.89 32.34 27.66
C ARG A 156 -19.45 32.36 26.20
N PHE A 157 -18.14 32.56 26.01
CA PHE A 157 -17.59 32.66 24.66
C PHE A 157 -16.51 31.60 24.41
N ASN A 158 -16.16 31.42 23.15
CA ASN A 158 -15.14 30.47 22.73
C ASN A 158 -14.16 31.20 21.81
N PRO A 159 -13.01 31.60 22.35
CA PRO A 159 -12.00 32.38 21.62
C PRO A 159 -11.59 31.76 20.28
N SER A 160 -11.70 30.44 20.16
CA SER A 160 -11.27 29.77 18.94
C SER A 160 -12.24 29.90 17.77
N TYR A 161 -13.45 30.43 18.01
CA TYR A 161 -14.52 30.40 17.01
C TYR A 161 -14.39 31.36 15.82
N LEU A 162 -13.87 32.55 16.05
CA LEU A 162 -13.73 33.52 14.96
C LEU A 162 -12.27 33.84 14.66
N PRO A 163 -11.71 33.21 13.62
CA PRO A 163 -10.35 33.54 13.25
C PRO A 163 -10.28 35.00 12.85
N PRO A 164 -9.19 35.69 13.24
CA PRO A 164 -9.03 37.09 12.90
C PRO A 164 -9.11 37.34 11.39
N THR A 165 -8.63 36.41 10.57
CA THR A 165 -8.73 36.60 9.13
C THR A 165 -10.20 36.61 8.66
N LEU A 166 -11.03 35.73 9.22
CA LEU A 166 -12.45 35.73 8.88
C LEU A 166 -13.11 37.01 9.38
N ALA A 167 -12.78 37.42 10.60
CA ALA A 167 -13.28 38.66 11.14
C ALA A 167 -13.01 39.81 10.18
N GLN A 168 -11.77 39.88 9.70
CA GLN A 168 -11.37 40.95 8.79
C GLN A 168 -12.18 40.87 7.51
N TYR A 169 -12.29 39.68 6.96
CA TYR A 169 -13.07 39.47 5.74
C TYR A 169 -14.48 40.02 5.89
N PHE A 170 -15.14 39.65 6.98
CA PHE A 170 -16.54 40.03 7.21
C PHE A 170 -16.81 41.53 7.35
N THR A 171 -15.79 42.31 7.67
CA THR A 171 -15.99 43.76 7.83
C THR A 171 -16.59 44.41 6.58
N ARG A 172 -16.32 43.82 5.42
CA ARG A 172 -16.78 44.41 4.15
C ARG A 172 -18.30 44.47 4.10
N PHE A 173 -18.95 43.76 5.00
CA PHE A 173 -20.41 43.70 5.04
C PHE A 173 -21.04 44.63 6.09
N GLY A 174 -20.22 45.48 6.71
CA GLY A 174 -20.73 46.46 7.66
C GLY A 174 -21.10 45.85 9.00
N ALA A 175 -22.00 46.52 9.72
CA ALA A 175 -22.42 46.11 11.06
C ALA A 175 -23.12 44.74 11.06
N PRO A 176 -22.87 43.91 12.09
CA PRO A 176 -22.04 44.19 13.26
C PRO A 176 -20.60 43.72 13.11
N TRP A 177 -20.25 43.23 11.91
CA TRP A 177 -18.93 42.65 11.66
C TRP A 177 -17.81 43.67 11.83
N THR A 178 -18.08 44.91 11.45
CA THR A 178 -17.20 46.03 11.72
C THR A 178 -16.76 46.03 13.19
N THR A 179 -17.72 45.88 14.09
CA THR A 179 -17.43 45.90 15.51
C THR A 179 -16.82 44.59 16.00
N LEU A 180 -17.31 43.48 15.48
CA LEU A 180 -16.85 42.15 15.91
C LEU A 180 -15.36 41.94 15.70
N ARG A 181 -14.84 42.45 14.59
CA ARG A 181 -13.40 42.41 14.33
C ARG A 181 -12.64 43.04 15.52
N GLU A 182 -13.21 44.10 16.11
CA GLU A 182 -12.59 44.75 17.26
C GLU A 182 -12.83 44.00 18.58
N THR A 183 -14.07 43.56 18.83
CA THR A 183 -14.37 42.81 20.06
C THR A 183 -13.75 41.42 20.07
N ASN A 184 -13.53 40.87 18.87
CA ASN A 184 -12.86 39.58 18.77
C ASN A 184 -11.43 39.71 19.29
N GLN A 185 -10.78 40.81 18.95
CA GLN A 185 -9.43 41.07 19.45
C GLN A 185 -9.45 41.16 20.98
N ARG A 186 -10.46 41.83 21.51
CA ARG A 186 -10.62 41.98 22.96
C ARG A 186 -10.74 40.62 23.63
N LEU A 187 -11.59 39.76 23.05
CA LEU A 187 -11.79 38.41 23.59
C LEU A 187 -10.47 37.65 23.62
N LEU A 188 -9.72 37.70 22.52
CA LEU A 188 -8.46 36.98 22.43
C LEU A 188 -7.36 37.52 23.36
N LEU A 189 -7.19 38.84 23.40
CA LEU A 189 -6.13 39.45 24.19
C LEU A 189 -6.37 39.48 25.70
N GLU A 190 -7.62 39.64 26.11
CA GLU A 190 -7.92 39.92 27.52
C GLU A 190 -8.18 38.69 28.39
N THR A 191 -8.24 37.51 27.78
CA THR A 191 -8.59 36.31 28.51
C THR A 191 -7.45 35.31 28.61
N ALA A 192 -6.24 35.78 28.35
CA ALA A 192 -5.06 34.94 28.35
C ALA A 192 -4.00 35.52 29.30
N PRO A 193 -4.33 35.62 30.58
CA PRO A 193 -3.45 36.26 31.54
C PRO A 193 -2.05 35.63 31.62
N LYS A 194 -1.92 34.35 31.26
CA LYS A 194 -0.61 33.70 31.32
C LYS A 194 -0.08 33.38 29.92
N GLY A 195 -0.71 33.94 28.90
CA GLY A 195 -0.30 33.71 27.52
C GLY A 195 -0.93 32.47 26.90
N PHE A 196 -1.93 31.91 27.56
CA PHE A 196 -2.65 30.75 27.02
C PHE A 196 -4.14 31.07 26.87
N SER A 197 -4.70 30.79 25.71
CA SER A 197 -6.10 31.07 25.45
C SER A 197 -6.98 29.94 25.98
N PRO A 198 -8.11 30.27 26.62
CA PRO A 198 -9.03 29.26 27.16
C PRO A 198 -9.96 28.66 26.09
N ASP A 199 -10.32 27.39 26.23
CA ASP A 199 -11.32 26.77 25.36
C ASP A 199 -12.62 27.57 25.47
N TRP A 200 -13.01 27.85 26.70
CA TRP A 200 -14.25 28.56 26.98
C TRP A 200 -13.99 29.61 28.06
N VAL A 201 -14.69 30.74 28.00
CA VAL A 201 -14.50 31.79 29.00
C VAL A 201 -15.79 32.58 29.23
N ARG A 202 -16.13 32.81 30.49
CA ARG A 202 -17.35 33.55 30.82
C ARG A 202 -17.07 35.03 31.08
N TYR A 203 -18.07 35.85 30.78
CA TYR A 203 -18.04 37.28 31.03
C TYR A 203 -19.32 37.63 31.80
N GLU A 204 -19.18 38.41 32.86
CA GLU A 204 -20.35 38.81 33.65
C GLU A 204 -20.52 40.32 33.64
N LYS A 205 -21.77 40.77 33.56
CA LYS A 205 -22.03 42.19 33.59
C LYS A 205 -21.54 42.78 34.91
N ASP A 206 -20.83 43.91 34.83
CA ASP A 206 -20.39 44.64 36.02
C ASP A 206 -19.12 44.08 36.65
N LYS A 207 -18.77 42.84 36.33
CA LYS A 207 -17.54 42.24 36.84
C LYS A 207 -16.48 42.03 35.75
N GLY A 208 -16.91 41.57 34.58
CA GLY A 208 -15.99 41.32 33.47
C GLY A 208 -15.60 39.86 33.31
N TRP A 209 -14.44 39.63 32.71
CA TRP A 209 -13.96 38.28 32.44
C TRP A 209 -13.77 37.47 33.72
N GLN A 210 -14.15 36.20 33.65
CA GLN A 210 -14.00 35.31 34.80
C GLN A 210 -12.80 34.42 34.57
N LEU A 211 -11.66 34.85 35.11
CA LEU A 211 -10.38 34.25 34.81
C LEU A 211 -9.74 33.49 35.97
N LYS A 212 -10.50 33.27 37.05
CA LYS A 212 -10.03 32.39 38.12
C LYS A 212 -10.08 30.95 37.63
N ALA A 213 -9.26 30.08 38.23
CA ALA A 213 -9.15 28.70 37.76
C ALA A 213 -10.51 28.00 37.74
N GLU A 214 -10.78 27.28 36.65
CA GLU A 214 -12.08 26.66 36.44
C GLU A 214 -11.93 25.53 35.42
N LYS A 215 -12.83 24.56 35.50
CA LYS A 215 -12.76 23.32 34.74
C LYS A 215 -12.51 23.51 33.25
N THR A 216 -13.27 24.42 32.62
CA THR A 216 -13.16 24.62 31.18
C THR A 216 -12.27 25.82 30.84
N LEU A 217 -11.71 26.45 31.87
CA LEU A 217 -10.78 27.57 31.65
C LEU A 217 -9.36 27.05 31.42
N ILE A 218 -9.21 26.25 30.38
CA ILE A 218 -7.94 25.64 30.05
C ILE A 218 -7.73 25.74 28.55
N SER A 219 -6.47 25.74 28.13
CA SER A 219 -6.12 25.72 26.72
C SER A 219 -5.93 24.28 26.29
N SER A 220 -6.94 23.71 25.62
CA SER A 220 -6.82 22.34 25.14
C SER A 220 -7.32 22.20 23.70
N TYR A 221 -8.35 21.39 23.49
CA TYR A 221 -8.75 20.99 22.13
C TYR A 221 -9.40 22.09 21.32
N ASP A 222 -10.22 22.92 21.94
CA ASP A 222 -10.77 24.08 21.24
C ASP A 222 -9.71 25.15 21.01
N ALA A 223 -9.00 25.51 22.07
CA ALA A 223 -8.08 26.65 22.08
C ALA A 223 -6.88 26.50 21.18
N ILE A 224 -6.43 25.27 20.95
CA ILE A 224 -5.25 25.02 20.12
C ILE A 224 -5.38 25.73 18.78
N ARG A 225 -6.62 25.91 18.32
CA ARG A 225 -6.87 26.56 17.04
C ARG A 225 -6.58 28.07 17.06
N VAL A 226 -6.75 28.69 18.24
CA VAL A 226 -6.44 30.10 18.40
C VAL A 226 -5.04 30.40 17.86
N TYR A 227 -4.05 29.66 18.35
CA TYR A 227 -2.67 29.86 17.93
C TYR A 227 -2.50 29.65 16.42
N MET A 228 -3.21 28.68 15.88
CA MET A 228 -3.14 28.41 14.45
C MET A 228 -3.70 29.58 13.61
N TRP A 229 -4.89 30.08 14.00
CA TRP A 229 -5.50 31.22 13.31
C TRP A 229 -4.55 32.42 13.31
N VAL A 230 -3.95 32.70 14.46
CA VAL A 230 -3.05 33.85 14.59
C VAL A 230 -1.86 33.70 13.65
N GLY A 231 -1.27 32.50 13.64
CA GLY A 231 -0.16 32.20 12.73
C GLY A 231 -0.54 32.30 11.26
N MET A 232 -1.82 32.17 10.96
CA MET A 232 -2.26 32.22 9.57
C MET A 232 -2.54 33.64 9.08
N MET A 233 -2.52 34.60 10.00
CA MET A 233 -2.70 36.00 9.64
C MET A 233 -1.51 36.46 8.82
N PRO A 234 -1.77 37.25 7.75
CA PRO A 234 -0.67 37.84 7.00
C PRO A 234 0.14 38.76 7.90
N ASP A 235 1.43 38.90 7.63
CA ASP A 235 2.28 39.81 8.40
C ASP A 235 1.76 41.25 8.36
N SER A 236 1.03 41.59 7.29
CA SER A 236 0.51 42.94 7.12
C SER A 236 -0.80 43.20 7.89
N ASP A 237 -1.24 42.20 8.65
CA ASP A 237 -2.36 42.40 9.57
C ASP A 237 -1.86 43.00 10.88
N PRO A 238 -2.24 44.26 11.16
CA PRO A 238 -1.70 44.98 12.31
C PRO A 238 -2.01 44.32 13.65
N GLN A 239 -3.04 43.48 13.69
CA GLN A 239 -3.42 42.77 14.91
C GLN A 239 -2.46 41.61 15.24
N LYS A 240 -1.77 41.10 14.24
CA LYS A 240 -1.00 39.88 14.40
C LYS A 240 0.11 39.97 15.44
N ALA A 241 0.87 41.07 15.39
CA ALA A 241 1.99 41.25 16.31
C ALA A 241 1.55 41.21 17.76
N ARG A 242 0.47 41.92 18.08
CA ARG A 242 -0.04 41.96 19.45
C ARG A 242 -0.45 40.56 19.90
N MET A 243 -1.07 39.82 19.00
CA MET A 243 -1.53 38.46 19.30
C MET A 243 -0.40 37.46 19.48
N LEU A 244 0.60 37.52 18.60
CA LEU A 244 1.77 36.67 18.76
C LEU A 244 2.45 36.92 20.11
N ASN A 245 2.54 38.18 20.51
CA ASN A 245 3.18 38.52 21.78
C ASN A 245 2.39 37.97 22.96
N ARG A 246 1.07 38.16 22.92
CA ARG A 246 0.21 37.68 23.97
C ARG A 246 0.34 36.16 24.15
N PHE A 247 0.39 35.43 23.05
CA PHE A 247 0.44 33.98 23.12
C PHE A 247 1.84 33.39 23.12
N LYS A 248 2.85 34.24 23.32
CA LYS A 248 4.24 33.78 23.29
C LYS A 248 4.55 32.59 24.22
N PRO A 249 4.00 32.57 25.44
CA PRO A 249 4.32 31.43 26.30
C PRO A 249 3.97 30.06 25.71
N MET A 250 2.97 30.00 24.83
CA MET A 250 2.65 28.74 24.14
C MET A 250 3.73 28.36 23.14
N ALA A 251 4.26 29.35 22.43
CA ALA A 251 5.38 29.12 21.53
C ALA A 251 6.65 28.75 22.30
N THR A 252 6.88 29.44 23.42
CA THR A 252 8.04 29.17 24.27
C THR A 252 8.02 27.75 24.83
N PHE A 253 6.87 27.32 25.34
CA PHE A 253 6.74 25.96 25.84
C PHE A 253 7.06 24.94 24.75
N THR A 254 6.47 25.14 23.58
CA THR A 254 6.65 24.19 22.49
C THR A 254 8.11 24.07 22.08
N GLU A 255 8.78 25.21 21.91
CA GLU A 255 10.19 25.23 21.54
C GLU A 255 11.01 24.45 22.57
N LYS A 256 10.79 24.78 23.84
CA LYS A 256 11.55 24.18 24.94
C LYS A 256 11.33 22.68 25.09
N ASN A 257 10.09 22.24 24.99
CA ASN A 257 9.79 20.85 25.27
C ASN A 257 9.75 19.95 24.03
N GLY A 258 9.73 20.56 22.85
CA GLY A 258 9.72 19.79 21.61
C GLY A 258 8.32 19.33 21.22
N TYR A 259 7.31 19.82 21.94
CA TYR A 259 5.93 19.47 21.65
C TYR A 259 4.99 20.45 22.34
N PRO A 260 3.76 20.60 21.81
CA PRO A 260 2.74 21.39 22.47
C PRO A 260 2.09 20.58 23.60
N PRO A 261 1.65 21.27 24.66
CA PRO A 261 1.02 20.59 25.79
C PRO A 261 -0.42 20.17 25.46
N GLU A 262 -0.96 19.20 26.17
CA GLU A 262 -2.34 18.79 25.91
C GLU A 262 -3.32 19.77 26.52
N LYS A 263 -3.07 20.14 27.78
CA LYS A 263 -3.92 21.07 28.53
C LYS A 263 -3.05 22.06 29.30
N VAL A 264 -3.49 23.31 29.34
CA VAL A 264 -2.80 24.33 30.12
C VAL A 264 -3.79 25.12 30.95
N ASP A 265 -3.55 25.20 32.25
CA ASP A 265 -4.38 25.99 33.14
C ASP A 265 -4.21 27.47 32.81
N VAL A 266 -5.29 28.10 32.37
CA VAL A 266 -5.23 29.48 31.88
C VAL A 266 -4.88 30.49 32.97
N ALA A 267 -5.29 30.20 34.21
CA ALA A 267 -5.01 31.12 35.32
C ALA A 267 -3.57 31.03 35.83
N THR A 268 -2.94 29.87 35.71
CA THR A 268 -1.62 29.69 36.31
C THR A 268 -0.55 29.43 35.27
N GLY A 269 -0.95 28.99 34.08
CA GLY A 269 0.01 28.63 33.04
C GLY A 269 0.59 27.23 33.23
N LYS A 270 0.05 26.47 34.17
CA LYS A 270 0.59 25.14 34.42
C LYS A 270 0.09 24.14 33.37
N ALA A 271 1.05 23.44 32.76
CA ALA A 271 0.78 22.55 31.62
C ALA A 271 0.76 21.07 31.99
N GLN A 272 -0.03 20.30 31.25
CA GLN A 272 -0.10 18.86 31.45
C GLN A 272 -0.21 18.08 30.15
N GLY A 273 0.55 16.99 30.08
CA GLY A 273 0.47 16.08 28.95
C GLY A 273 1.07 16.59 27.65
N LYS A 274 1.08 15.71 26.65
CA LYS A 274 1.57 16.03 25.34
C LYS A 274 0.36 16.04 24.39
N GLY A 275 0.18 17.14 23.66
CA GLY A 275 -0.92 17.22 22.70
C GLY A 275 -0.74 16.22 21.57
N PRO A 276 -1.85 15.78 20.96
CA PRO A 276 -1.80 14.84 19.84
C PRO A 276 -1.21 15.49 18.59
N VAL A 277 -0.99 14.69 17.55
CA VAL A 277 -0.33 15.17 16.33
C VAL A 277 -0.99 16.42 15.74
N GLY A 278 -2.32 16.50 15.88
CA GLY A 278 -3.06 17.68 15.45
C GLY A 278 -2.56 18.98 16.06
N PHE A 279 -2.26 18.94 17.35
CA PHE A 279 -1.72 20.12 18.04
C PHE A 279 -0.38 20.56 17.40
N SER A 280 0.46 19.60 17.02
CA SER A 280 1.73 19.94 16.37
C SER A 280 1.51 20.61 15.02
N ALA A 281 0.51 20.15 14.28
CA ALA A 281 0.19 20.77 12.99
C ALA A 281 -0.26 22.21 13.22
N ALA A 282 -1.03 22.42 14.30
CA ALA A 282 -1.54 23.75 14.61
C ALA A 282 -0.40 24.72 14.90
N MET A 283 0.73 24.19 15.34
CA MET A 283 1.89 25.01 15.68
C MET A 283 2.67 25.49 14.46
N LEU A 284 2.50 24.81 13.33
CA LEU A 284 3.33 25.10 12.16
C LEU A 284 3.20 26.55 11.66
N PRO A 285 1.96 27.05 11.53
CA PRO A 285 1.84 28.45 11.14
C PRO A 285 2.20 29.40 12.29
N PHE A 286 2.00 28.94 13.53
CA PHE A 286 2.14 29.77 14.72
C PHE A 286 3.60 30.04 15.10
N LEU A 287 4.42 28.99 15.12
CA LEU A 287 5.81 29.11 15.54
C LEU A 287 6.59 29.94 14.54
N GLN A 288 7.39 30.89 15.03
CA GLN A 288 8.22 31.71 14.14
C GLN A 288 9.66 31.20 14.07
N ASN A 289 10.07 30.43 15.07
CA ASN A 289 11.43 29.86 15.10
C ASN A 289 11.55 28.67 14.13
N ARG A 290 12.51 28.78 13.21
CA ARG A 290 12.71 27.76 12.17
CA ARG A 290 12.68 27.76 12.18
C ARG A 290 12.93 26.35 12.74
N ASP A 291 13.85 26.23 13.70
CA ASP A 291 14.17 24.92 14.27
C ASP A 291 12.97 24.29 14.96
N ALA A 292 12.31 25.08 15.82
CA ALA A 292 11.11 24.63 16.52
C ALA A 292 10.05 24.20 15.52
N GLN A 293 9.90 24.99 14.46
CA GLN A 293 8.95 24.69 13.41
C GLN A 293 9.26 23.33 12.79
N ALA A 294 10.54 23.09 12.51
CA ALA A 294 11.00 21.85 11.92
C ALA A 294 10.78 20.64 12.85
N VAL A 295 10.95 20.84 14.15
CA VAL A 295 10.68 19.75 15.10
C VAL A 295 9.20 19.35 15.04
N GLN A 296 8.31 20.32 14.99
CA GLN A 296 6.89 20.00 14.89
C GLN A 296 6.55 19.38 13.54
N ARG A 297 7.23 19.85 12.50
CA ARG A 297 7.02 19.35 11.16
C ARG A 297 7.35 17.85 11.11
N GLN A 298 8.46 17.49 11.72
CA GLN A 298 8.86 16.08 11.81
C GLN A 298 7.77 15.25 12.50
N ARG A 299 7.24 15.74 13.62
CA ARG A 299 6.24 14.99 14.37
C ARG A 299 4.97 14.76 13.54
N VAL A 300 4.48 15.79 12.87
CA VAL A 300 3.35 15.61 11.98
C VAL A 300 3.65 14.55 10.92
N ALA A 301 4.81 14.66 10.28
CA ALA A 301 5.21 13.72 9.25
C ALA A 301 5.28 12.29 9.76
N ASP A 302 5.85 12.10 10.95
CA ASP A 302 6.07 10.75 11.45
C ASP A 302 4.84 10.14 12.12
N ASN A 303 3.85 10.97 12.44
CA ASN A 303 2.64 10.48 13.09
C ASN A 303 1.38 10.94 12.38
N PHE A 304 1.46 11.01 11.05
CA PHE A 304 0.35 11.52 10.23
C PHE A 304 -0.93 10.73 10.49
N PRO A 305 -2.03 11.44 10.73
CA PRO A 305 -3.27 10.79 11.14
C PRO A 305 -3.78 9.77 10.13
N GLY A 306 -4.29 8.65 10.63
CA GLY A 306 -4.91 7.62 9.79
C GLY A 306 -6.39 7.90 9.60
N SER A 307 -7.19 6.83 9.54
CA SER A 307 -8.62 6.96 9.25
C SER A 307 -9.48 6.93 10.51
N ASP A 308 -8.84 6.86 11.67
CA ASP A 308 -9.56 6.76 12.93
C ASP A 308 -9.39 8.05 13.74
N ALA A 309 -9.16 9.17 13.06
CA ALA A 309 -8.71 10.38 13.77
C ALA A 309 -9.19 11.68 13.13
N TYR A 310 -10.50 11.90 13.17
CA TYR A 310 -11.10 13.05 12.51
C TYR A 310 -10.46 14.37 12.93
N TYR A 311 -10.39 14.62 14.24
CA TYR A 311 -9.92 15.92 14.70
C TYR A 311 -8.46 16.19 14.37
N ASN A 312 -7.58 15.23 14.62
CA ASN A 312 -6.18 15.37 14.24
C ASN A 312 -6.03 15.63 12.75
N TYR A 313 -6.81 14.93 11.95
CA TYR A 313 -6.74 15.06 10.50
C TYR A 313 -7.17 16.46 10.07
N VAL A 314 -8.25 16.95 10.66
CA VAL A 314 -8.76 18.26 10.31
C VAL A 314 -7.77 19.38 10.70
N LEU A 315 -7.15 19.23 11.87
CA LEU A 315 -6.12 20.16 12.29
C LEU A 315 -4.92 20.10 11.37
N THR A 316 -4.60 18.89 10.92
CA THR A 316 -3.50 18.68 10.00
C THR A 316 -3.79 19.31 8.63
N LEU A 317 -5.01 19.18 8.12
CA LEU A 317 -5.37 19.82 6.86
C LEU A 317 -5.06 21.31 6.95
N PHE A 318 -5.51 21.96 8.02
CA PHE A 318 -5.23 23.37 8.23
C PHE A 318 -3.75 23.67 8.46
N GLY A 319 -3.16 23.03 9.47
CA GLY A 319 -1.81 23.36 9.90
C GLY A 319 -0.71 22.97 8.93
N GLN A 320 -0.67 21.70 8.54
CA GLN A 320 0.30 21.24 7.56
C GLN A 320 -0.06 21.81 6.18
N GLY A 321 -1.35 21.89 5.88
CA GLY A 321 -1.80 22.51 4.64
C GLY A 321 -1.14 23.88 4.47
N TRP A 322 -1.22 24.69 5.51
CA TRP A 322 -0.63 26.02 5.48
C TRP A 322 0.90 25.92 5.32
N ASP A 323 1.52 25.02 6.08
CA ASP A 323 2.96 24.80 6.00
C ASP A 323 3.40 24.39 4.59
N GLN A 324 2.47 23.85 3.81
CA GLN A 324 2.77 23.40 2.45
C GLN A 324 2.16 24.33 1.40
N HIS A 325 1.91 25.58 1.77
CA HIS A 325 1.38 26.57 0.83
C HIS A 325 0.13 26.08 0.08
N ARG A 326 -0.75 25.37 0.79
CA ARG A 326 -1.98 24.89 0.17
C ARG A 326 -3.02 26.02 0.04
N PHE A 327 -2.82 27.08 0.80
CA PHE A 327 -3.72 28.23 0.77
C PHE A 327 -3.05 29.37 1.54
N ARG A 328 -3.49 30.60 1.27
CA ARG A 328 -3.01 31.75 2.02
C ARG A 328 -4.12 32.76 2.19
N PHE A 329 -4.03 33.62 3.20
CA PHE A 329 -5.03 34.64 3.41
C PHE A 329 -4.49 36.02 3.09
N SER A 330 -5.27 36.81 2.36
CA SER A 330 -4.85 38.15 2.01
C SER A 330 -4.99 39.06 3.21
N THR A 331 -4.51 40.29 3.07
CA THR A 331 -4.60 41.26 4.12
C THR A 331 -6.05 41.62 4.44
N LYS A 332 -6.95 41.35 3.51
CA LYS A 332 -8.37 41.62 3.73
C LYS A 332 -9.17 40.36 4.08
N GLY A 333 -8.47 39.27 4.40
CA GLY A 333 -9.09 38.03 4.84
C GLY A 333 -9.60 37.14 3.71
N GLU A 334 -9.24 37.47 2.47
CA GLU A 334 -9.68 36.68 1.32
C GLU A 334 -8.78 35.49 1.12
N LEU A 335 -9.31 34.44 0.52
CA LEU A 335 -8.50 33.30 0.15
C LEU A 335 -7.61 33.65 -1.04
N LEU A 336 -6.30 33.53 -0.87
CA LEU A 336 -5.39 33.57 -2.00
C LEU A 336 -5.10 32.12 -2.38
N PRO A 337 -5.81 31.62 -3.41
CA PRO A 337 -5.74 30.20 -3.73
C PRO A 337 -4.40 29.77 -4.30
N ASP A 338 -4.05 28.51 -4.08
CA ASP A 338 -2.87 27.92 -4.69
C ASP A 338 -3.41 26.83 -5.59
N TRP A 339 -3.90 27.21 -6.76
CA TRP A 339 -4.52 26.25 -7.66
C TRP A 339 -3.60 25.95 -8.83
N CYS B 2 12.25 4.39 17.30
CA CYS B 2 11.99 5.55 16.39
C CYS B 2 12.91 5.53 15.17
N THR B 3 12.35 5.89 14.01
CA THR B 3 13.07 5.78 12.76
C THR B 3 12.87 6.98 11.86
N TRP B 4 13.67 7.07 10.81
CA TRP B 4 13.53 8.10 9.80
C TRP B 4 12.89 7.43 8.58
N PRO B 5 11.57 7.61 8.41
CA PRO B 5 10.83 6.89 7.37
C PRO B 5 11.43 7.00 5.97
N ALA B 6 11.81 8.20 5.54
CA ALA B 6 12.41 8.37 4.22
C ALA B 6 13.71 7.58 4.08
N TRP B 7 14.51 7.55 5.13
CA TRP B 7 15.74 6.77 5.12
C TRP B 7 15.40 5.29 5.07
N GLU B 8 14.39 4.90 5.85
CA GLU B 8 13.92 3.53 5.88
C GLU B 8 13.55 3.07 4.48
N GLN B 9 12.76 3.87 3.77
CA GLN B 9 12.37 3.54 2.41
C GLN B 9 13.57 3.53 1.46
N PHE B 10 14.51 4.45 1.65
CA PHE B 10 15.70 4.50 0.81
C PHE B 10 16.50 3.19 0.91
N LYS B 11 16.72 2.72 2.13
CA LYS B 11 17.40 1.44 2.35
C LYS B 11 16.71 0.33 1.56
N LYS B 12 15.40 0.24 1.71
CA LYS B 12 14.64 -0.83 1.10
C LYS B 12 14.77 -0.80 -0.43
N ASP B 13 14.77 0.39 -1.01
CA ASP B 13 14.72 0.51 -2.46
C ASP B 13 16.09 0.65 -3.13
N TYR B 14 17.10 1.09 -2.38
CA TYR B 14 18.39 1.44 -3.00
C TYR B 14 19.61 0.73 -2.42
N ILE B 15 19.46 0.12 -1.24
CA ILE B 15 20.64 -0.48 -0.59
C ILE B 15 20.49 -2.00 -0.48
N SER B 16 21.47 -2.73 -0.98
CA SER B 16 21.41 -4.18 -0.98
C SER B 16 21.66 -4.77 0.41
N GLN B 17 21.41 -6.07 0.55
CA GLN B 17 21.59 -6.77 1.82
C GLN B 17 23.03 -6.71 2.27
N GLU B 18 23.93 -6.52 1.31
CA GLU B 18 25.37 -6.51 1.58
C GLU B 18 25.89 -5.09 1.85
N GLY B 19 25.04 -4.09 1.67
CA GLY B 19 25.35 -2.73 2.07
C GLY B 19 25.85 -1.80 0.98
N ARG B 20 25.51 -2.12 -0.27
CA ARG B 20 25.86 -1.22 -1.36
C ARG B 20 24.67 -0.35 -1.77
N VAL B 21 24.95 0.93 -1.94
CA VAL B 21 23.95 1.88 -2.39
C VAL B 21 23.93 1.83 -3.90
N ILE B 22 22.77 1.54 -4.48
CA ILE B 22 22.69 1.32 -5.92
C ILE B 22 21.95 2.41 -6.67
N ASP B 23 22.55 2.90 -7.75
CA ASP B 23 21.87 3.79 -8.68
C ASP B 23 21.34 2.94 -9.83
N PRO B 24 20.03 2.63 -9.80
CA PRO B 24 19.41 1.75 -10.77
C PRO B 24 19.17 2.37 -12.14
N SER B 25 19.41 3.68 -12.27
CA SER B 25 19.17 4.35 -13.56
C SER B 25 20.26 4.05 -14.57
N ASP B 26 21.45 3.68 -14.06
CA ASP B 26 22.55 3.30 -14.94
C ASP B 26 22.43 1.83 -15.35
N ALA B 27 22.58 1.56 -16.64
CA ALA B 27 22.51 0.16 -17.11
C ALA B 27 23.43 -0.77 -16.32
N ARG B 28 24.50 -0.21 -15.76
CA ARG B 28 25.48 -0.98 -15.01
C ARG B 28 25.15 -1.13 -13.53
N LYS B 29 24.01 -0.59 -13.10
CA LYS B 29 23.58 -0.68 -11.71
C LYS B 29 24.74 -0.36 -10.77
N ILE B 30 25.27 0.85 -10.88
CA ILE B 30 26.52 1.20 -10.22
C ILE B 30 26.40 1.51 -8.75
N THR B 31 27.54 1.44 -8.06
CA THR B 31 27.67 2.04 -6.74
C THR B 31 28.81 3.05 -6.83
N THR B 32 28.62 4.22 -6.19
CA THR B 32 29.66 5.24 -6.17
C THR B 32 30.13 5.49 -4.74
N SER B 33 31.33 6.03 -4.58
CA SER B 33 31.81 6.38 -3.24
C SER B 33 30.94 7.47 -2.64
N GLN B 34 30.41 8.36 -3.49
CA GLN B 34 29.46 9.37 -3.01
C GLN B 34 28.26 8.67 -2.38
N GLY B 35 27.68 7.72 -3.11
CA GLY B 35 26.53 6.97 -2.62
C GLY B 35 26.79 6.31 -1.29
N GLN B 36 27.96 5.67 -1.18
CA GLN B 36 28.33 4.99 0.07
C GLN B 36 28.44 5.98 1.22
N SER B 37 29.02 7.15 0.95
CA SER B 37 29.20 8.18 1.97
C SER B 37 27.87 8.77 2.41
N TYR B 38 26.96 8.95 1.47
CA TYR B 38 25.61 9.45 1.79
C TYR B 38 24.84 8.45 2.63
N GLY B 39 24.99 7.16 2.30
CA GLY B 39 24.42 6.10 3.11
C GLY B 39 24.92 6.12 4.54
N MET B 40 26.22 6.30 4.71
CA MET B 40 26.84 6.37 6.03
C MET B 40 26.37 7.59 6.80
N PHE B 41 26.30 8.72 6.11
CA PHE B 41 25.79 9.91 6.75
C PHE B 41 24.38 9.69 7.26
N SER B 42 23.50 9.19 6.39
CA SER B 42 22.09 9.08 6.71
C SER B 42 21.86 8.04 7.81
N ALA B 43 22.62 6.95 7.75
CA ALA B 43 22.56 5.94 8.79
C ALA B 43 22.92 6.54 10.14
N LEU B 44 24.01 7.31 10.18
CA LEU B 44 24.43 7.98 11.39
C LEU B 44 23.36 8.95 11.87
N ALA B 45 22.83 9.75 10.95
CA ALA B 45 21.79 10.71 11.27
C ALA B 45 20.60 9.99 11.91
N ALA B 46 20.29 8.80 11.40
CA ALA B 46 19.10 8.06 11.84
C ALA B 46 19.35 7.18 13.06
N ASN B 47 20.57 7.21 13.58
CA ASN B 47 20.96 6.30 14.65
C ASN B 47 20.75 4.86 14.25
N ASP B 48 21.11 4.56 13.01
CA ASP B 48 20.94 3.23 12.46
C ASP B 48 22.31 2.56 12.40
N ARG B 49 22.79 2.10 13.56
CA ARG B 49 24.12 1.52 13.64
C ARG B 49 24.27 0.32 12.71
N ALA B 50 23.28 -0.56 12.70
CA ALA B 50 23.34 -1.77 11.89
C ALA B 50 23.61 -1.45 10.41
N ALA B 51 22.88 -0.47 9.87
CA ALA B 51 23.06 -0.09 8.48
C ALA B 51 24.42 0.57 8.25
N PHE B 52 24.85 1.41 9.19
CA PHE B 52 26.14 2.06 9.11
C PHE B 52 27.26 1.02 8.99
N ASP B 53 27.23 0.02 9.86
CA ASP B 53 28.24 -1.04 9.85
C ASP B 53 28.24 -1.82 8.55
N ASN B 54 27.03 -2.12 8.05
CA ASN B 54 26.90 -2.85 6.80
C ASN B 54 27.39 -2.05 5.61
N ILE B 55 27.04 -0.77 5.57
CA ILE B 55 27.46 0.09 4.48
C ILE B 55 28.97 0.29 4.53
N LEU B 56 29.50 0.46 5.74
CA LEU B 56 30.94 0.61 5.91
C LEU B 56 31.68 -0.62 5.41
N ASP B 57 31.25 -1.80 5.87
CA ASP B 57 31.85 -3.07 5.46
C ASP B 57 31.93 -3.22 3.95
N TRP B 58 30.80 -3.00 3.27
CA TRP B 58 30.80 -3.12 1.81
C TRP B 58 31.79 -2.15 1.18
N THR B 59 31.79 -0.92 1.69
CA THR B 59 32.67 0.11 1.18
C THR B 59 34.12 -0.30 1.31
N GLN B 60 34.51 -0.77 2.49
CA GLN B 60 35.89 -1.18 2.71
C GLN B 60 36.30 -2.33 1.80
N ASN B 61 35.44 -3.34 1.71
CA ASN B 61 35.76 -4.54 0.92
C ASN B 61 35.77 -4.32 -0.59
N ASN B 62 34.88 -3.49 -1.09
CA ASN B 62 34.69 -3.40 -2.54
C ASN B 62 35.25 -2.15 -3.22
N LEU B 63 35.38 -1.05 -2.46
CA LEU B 63 35.92 0.18 -3.03
C LEU B 63 37.35 0.43 -2.59
N ALA B 64 37.77 -0.22 -1.51
CA ALA B 64 39.10 0.02 -0.96
C ALA B 64 39.91 -1.26 -0.78
N GLN B 65 39.56 -2.29 -1.55
CA GLN B 65 40.28 -3.55 -1.53
C GLN B 65 40.50 -4.05 -0.10
N GLY B 66 39.55 -3.78 0.79
CA GLY B 66 39.62 -4.30 2.14
C GLY B 66 39.86 -3.32 3.26
N SER B 67 40.39 -2.14 2.95
CA SER B 67 40.68 -1.19 4.03
C SER B 67 40.80 0.28 3.62
N LEU B 68 39.98 1.12 4.24
CA LEU B 68 40.02 2.56 4.01
C LEU B 68 41.22 3.22 4.67
N LYS B 69 41.92 2.47 5.51
CA LYS B 69 43.17 2.95 6.09
C LYS B 69 44.30 2.83 5.08
N GLU B 70 44.12 1.96 4.08
CA GLU B 70 45.17 1.68 3.13
C GLU B 70 45.05 2.49 1.85
N ARG B 71 43.86 2.99 1.56
CA ARG B 71 43.67 3.68 0.29
C ARG B 71 42.36 4.43 0.23
N LEU B 72 42.31 5.43 -0.64
CA LEU B 72 41.09 6.16 -0.91
C LEU B 72 40.18 5.26 -1.73
N PRO B 73 38.88 5.24 -1.39
CA PRO B 73 37.98 4.31 -2.06
C PRO B 73 37.80 4.69 -3.53
N ALA B 74 37.70 3.69 -4.40
CA ALA B 74 37.37 3.91 -5.80
C ALA B 74 36.00 4.57 -5.91
N TRP B 75 35.80 5.43 -6.90
CA TRP B 75 34.55 6.17 -7.00
C TRP B 75 33.43 5.39 -7.69
N LEU B 76 33.82 4.46 -8.56
CA LEU B 76 32.85 3.77 -9.42
C LEU B 76 32.97 2.25 -9.38
N TRP B 77 31.84 1.60 -9.14
CA TRP B 77 31.74 0.15 -9.06
C TRP B 77 30.49 -0.26 -9.79
N GLY B 78 30.53 -1.41 -10.45
CA GLY B 78 29.35 -1.90 -11.15
C GLY B 78 29.61 -3.10 -12.05
N LYS B 79 28.67 -3.33 -12.96
CA LYS B 79 28.70 -4.48 -13.83
C LYS B 79 29.50 -4.25 -15.12
N LYS B 80 30.42 -5.17 -15.39
CA LYS B 80 31.20 -5.15 -16.63
C LYS B 80 30.51 -5.92 -17.74
N GLU B 81 30.94 -5.66 -18.98
CA GLU B 81 30.42 -6.36 -20.14
C GLU B 81 30.53 -7.87 -19.96
N ASN B 82 31.53 -8.30 -19.21
CA ASN B 82 31.81 -9.72 -19.04
C ASN B 82 30.90 -10.43 -18.03
N SER B 83 30.02 -9.65 -17.39
CA SER B 83 29.05 -10.14 -16.42
C SER B 83 29.58 -10.12 -14.98
N LYS B 84 30.81 -9.65 -14.81
CA LYS B 84 31.38 -9.56 -13.48
C LYS B 84 31.16 -8.19 -12.84
N TRP B 85 31.01 -8.16 -11.53
CA TRP B 85 30.80 -6.92 -10.82
C TRP B 85 32.07 -6.52 -10.09
N GLU B 86 32.62 -5.36 -10.45
CA GLU B 86 33.87 -4.89 -9.85
C GLU B 86 34.13 -3.40 -10.03
N VAL B 87 35.25 -2.92 -9.48
CA VAL B 87 35.66 -1.54 -9.64
C VAL B 87 35.72 -1.22 -11.13
N LEU B 88 35.13 -0.10 -11.53
CA LEU B 88 35.16 0.36 -12.91
C LEU B 88 36.12 1.52 -13.10
N ASP B 89 36.41 2.24 -12.01
CA ASP B 89 37.38 3.31 -12.02
C ASP B 89 37.92 3.45 -10.59
N SER B 90 39.21 3.18 -10.42
CA SER B 90 39.79 3.15 -9.07
C SER B 90 40.15 4.53 -8.56
N ASN B 91 40.04 5.55 -9.41
CA ASN B 91 40.29 6.92 -9.00
C ASN B 91 39.24 7.37 -7.97
N SER B 92 39.67 8.23 -7.05
CA SER B 92 38.80 8.73 -6.00
C SER B 92 37.98 9.92 -6.46
N ALA B 93 36.84 10.14 -5.81
CA ALA B 93 36.09 11.38 -5.90
C ALA B 93 36.03 11.96 -4.49
N SER B 94 36.60 13.14 -4.30
CA SER B 94 36.86 13.67 -2.95
C SER B 94 35.60 14.08 -2.15
N ASP B 95 34.48 14.31 -2.82
CA ASP B 95 33.26 14.63 -2.09
C ASP B 95 32.78 13.41 -1.30
N GLY B 96 32.84 12.24 -1.93
CA GLY B 96 32.60 10.99 -1.21
C GLY B 96 33.61 10.80 -0.09
N ASP B 97 34.89 11.07 -0.38
CA ASP B 97 35.95 10.89 0.59
C ASP B 97 35.73 11.69 1.87
N VAL B 98 35.44 12.98 1.73
CA VAL B 98 35.29 13.82 2.92
C VAL B 98 34.03 13.51 3.70
N TRP B 99 32.92 13.24 3.00
CA TRP B 99 31.70 12.84 3.70
C TRP B 99 31.91 11.53 4.47
N MET B 100 32.71 10.64 3.88
CA MET B 100 33.08 9.40 4.53
C MET B 100 33.89 9.65 5.80
N ALA B 101 34.97 10.41 5.68
CA ALA B 101 35.82 10.72 6.82
C ALA B 101 35.01 11.38 7.92
N TRP B 102 34.23 12.39 7.56
CA TRP B 102 33.41 13.09 8.54
C TRP B 102 32.44 12.13 9.26
N SER B 103 31.74 11.30 8.49
CA SER B 103 30.76 10.39 9.06
C SER B 103 31.40 9.40 10.05
N LEU B 104 32.57 8.90 9.69
CA LEU B 104 33.30 7.95 10.52
C LEU B 104 33.78 8.60 11.81
N LEU B 105 34.32 9.81 11.68
CA LEU B 105 34.82 10.55 12.83
C LEU B 105 33.68 10.89 13.80
N GLU B 106 32.55 11.30 13.25
CA GLU B 106 31.40 11.65 14.09
C GLU B 106 30.70 10.41 14.66
N ALA B 107 30.70 9.32 13.90
CA ALA B 107 30.22 8.04 14.41
C ALA B 107 31.07 7.57 15.59
N GLY B 108 32.38 7.69 15.44
CA GLY B 108 33.30 7.33 16.51
C GLY B 108 33.06 8.14 17.77
N ARG B 109 32.82 9.43 17.60
CA ARG B 109 32.62 10.32 18.74
C ARG B 109 31.28 10.05 19.43
N LEU B 110 30.21 9.99 18.64
CA LEU B 110 28.85 9.88 19.20
C LEU B 110 28.48 8.48 19.67
N TRP B 111 28.96 7.46 18.99
CA TRP B 111 28.73 6.08 19.40
C TRP B 111 29.87 5.57 20.28
N LYS B 112 30.89 6.41 20.46
CA LYS B 112 32.05 6.06 21.28
C LYS B 112 32.69 4.77 20.80
N GLU B 113 32.99 4.71 19.51
CA GLU B 113 33.64 3.53 18.95
C GLU B 113 34.99 3.90 18.31
N GLN B 114 36.07 3.57 19.01
CA GLN B 114 37.42 3.91 18.58
C GLN B 114 37.70 3.45 17.16
N ARG B 115 37.14 2.30 16.79
CA ARG B 115 37.35 1.75 15.46
C ARG B 115 36.88 2.70 14.34
N TYR B 116 35.80 3.45 14.58
CA TYR B 116 35.33 4.42 13.58
C TYR B 116 36.27 5.61 13.52
N THR B 117 36.72 6.05 14.71
CA THR B 117 37.69 7.14 14.81
C THR B 117 38.98 6.78 14.08
N ASP B 118 39.54 5.62 14.39
CA ASP B 118 40.77 5.14 13.77
C ASP B 118 40.70 5.11 12.23
N ILE B 119 39.58 4.62 11.69
CA ILE B 119 39.39 4.55 10.24
C ILE B 119 39.16 5.93 9.62
N GLY B 120 38.27 6.71 10.20
CA GLY B 120 38.00 8.07 9.72
C GLY B 120 39.24 8.96 9.80
N SER B 121 39.97 8.86 10.90
CA SER B 121 41.19 9.63 11.08
C SER B 121 42.22 9.25 10.02
N ALA B 122 42.42 7.95 9.81
CA ALA B 122 43.34 7.48 8.80
C ALA B 122 42.94 7.95 7.40
N LEU B 123 41.63 7.91 7.11
CA LEU B 123 41.13 8.32 5.81
C LEU B 123 41.32 9.82 5.60
N LEU B 124 41.09 10.62 6.64
CA LEU B 124 41.25 12.06 6.52
C LEU B 124 42.69 12.45 6.19
N LYS B 125 43.63 11.82 6.88
CA LYS B 125 45.05 12.08 6.65
C LYS B 125 45.43 11.73 5.22
N ARG B 126 44.86 10.67 4.68
CA ARG B 126 45.17 10.27 3.31
C ARG B 126 44.56 11.23 2.30
N ILE B 127 43.36 11.74 2.58
CA ILE B 127 42.78 12.77 1.73
C ILE B 127 43.75 13.95 1.66
N ALA B 128 44.23 14.40 2.82
CA ALA B 128 45.17 15.52 2.87
C ALA B 128 46.43 15.23 2.05
N ARG B 129 47.00 14.04 2.21
CA ARG B 129 48.24 13.70 1.53
C ARG B 129 48.09 13.50 0.02
N GLU B 130 46.93 13.01 -0.40
CA GLU B 130 46.81 12.47 -1.75
C GLU B 130 45.92 13.27 -2.70
N GLU B 131 45.00 14.09 -2.17
CA GLU B 131 44.18 14.92 -3.04
C GLU B 131 44.04 16.37 -2.56
N VAL B 132 44.94 16.77 -1.67
CA VAL B 132 45.09 18.18 -1.32
C VAL B 132 46.43 18.67 -1.87
N VAL B 133 46.41 19.73 -2.67
CA VAL B 133 47.65 20.28 -3.21
C VAL B 133 47.78 21.79 -2.98
N THR B 134 49.02 22.26 -3.06
CA THR B 134 49.32 23.67 -2.90
C THR B 134 49.25 24.35 -4.27
N VAL B 135 48.36 25.33 -4.40
CA VAL B 135 48.17 26.02 -5.67
C VAL B 135 48.66 27.44 -5.55
N PRO B 136 49.66 27.82 -6.37
CA PRO B 136 50.16 29.19 -6.34
C PRO B 136 49.05 30.21 -6.55
N GLY B 137 48.95 31.15 -5.63
CA GLY B 137 47.88 32.14 -5.65
C GLY B 137 46.79 31.82 -4.64
N LEU B 138 46.66 30.54 -4.28
CA LEU B 138 45.62 30.12 -3.35
C LEU B 138 46.18 29.51 -2.07
N GLY B 139 47.11 28.58 -2.21
CA GLY B 139 47.55 27.77 -1.08
C GLY B 139 46.91 26.39 -1.22
N SER B 140 46.70 25.72 -0.09
CA SER B 140 46.14 24.38 -0.11
C SER B 140 44.76 24.36 -0.74
N MET B 141 44.53 23.41 -1.63
CA MET B 141 43.23 23.24 -2.28
C MET B 141 42.87 21.77 -2.36
N LEU B 142 41.57 21.49 -2.24
CA LEU B 142 41.04 20.14 -2.35
C LEU B 142 40.71 19.84 -3.81
N LEU B 143 41.42 18.86 -4.36
CA LEU B 143 41.14 18.41 -5.73
C LEU B 143 39.91 17.51 -5.70
N PRO B 144 39.13 17.49 -6.79
CA PRO B 144 37.96 16.62 -6.94
C PRO B 144 38.31 15.13 -6.94
N GLY B 145 39.59 14.80 -7.12
CA GLY B 145 40.05 13.40 -7.14
C GLY B 145 41.57 13.28 -7.12
N LYS B 146 42.06 12.14 -6.66
CA LYS B 146 43.50 11.89 -6.59
C LYS B 146 44.20 12.18 -7.91
N VAL B 147 43.54 11.82 -9.00
CA VAL B 147 44.10 11.98 -10.34
C VAL B 147 43.10 12.64 -11.30
N GLY B 148 43.61 13.39 -12.27
CA GLY B 148 42.79 13.88 -13.38
C GLY B 148 42.37 15.35 -13.34
N PHE B 149 42.72 16.05 -12.27
CA PHE B 149 42.25 17.41 -12.09
C PHE B 149 43.36 18.46 -11.94
N ALA B 150 44.61 18.02 -12.01
CA ALA B 150 45.75 18.92 -11.90
C ALA B 150 46.68 18.82 -13.11
N GLU B 151 46.92 19.96 -13.76
CA GLU B 151 47.94 20.10 -14.78
C GLU B 151 49.07 20.94 -14.20
N ASP B 152 50.12 21.16 -14.98
CA ASP B 152 51.30 21.88 -14.50
C ASP B 152 50.96 23.29 -14.02
N ASN B 153 50.14 24.00 -14.80
CA ASN B 153 49.82 25.39 -14.50
C ASN B 153 48.32 25.68 -14.37
N SER B 154 47.51 24.65 -14.18
CA SER B 154 46.08 24.85 -13.99
C SER B 154 45.42 23.73 -13.19
N TRP B 155 44.31 24.05 -12.54
CA TRP B 155 43.59 23.09 -11.74
C TRP B 155 42.08 23.22 -11.91
N ARG B 156 41.39 22.11 -11.69
CA ARG B 156 39.95 22.10 -11.79
C ARG B 156 39.34 21.72 -10.45
N PHE B 157 38.41 22.55 -9.99
CA PHE B 157 37.77 22.36 -8.69
C PHE B 157 36.25 22.20 -8.80
N ASN B 158 35.65 21.64 -7.76
CA ASN B 158 34.19 21.50 -7.70
C ASN B 158 33.69 22.14 -6.41
N PRO B 159 33.10 23.35 -6.52
CA PRO B 159 32.70 24.10 -5.34
C PRO B 159 31.77 23.32 -4.40
N SER B 160 31.02 22.36 -4.94
CA SER B 160 30.06 21.62 -4.14
C SER B 160 30.69 20.54 -3.24
N TYR B 161 31.99 20.31 -3.36
CA TYR B 161 32.62 19.13 -2.74
C TYR B 161 32.88 19.23 -1.24
N LEU B 162 33.18 20.43 -0.75
CA LEU B 162 33.46 20.61 0.67
C LEU B 162 32.46 21.55 1.33
N PRO B 163 31.44 20.99 1.98
CA PRO B 163 30.48 21.84 2.68
C PRO B 163 31.23 22.62 3.74
N PRO B 164 30.89 23.90 3.92
CA PRO B 164 31.58 24.71 4.91
C PRO B 164 31.54 24.11 6.32
N THR B 165 30.47 23.41 6.67
CA THR B 165 30.38 22.78 8.00
C THR B 165 31.43 21.69 8.17
N LEU B 166 31.65 20.89 7.14
CA LEU B 166 32.71 19.88 7.18
C LEU B 166 34.08 20.53 7.23
N ALA B 167 34.26 21.57 6.44
CA ALA B 167 35.50 22.34 6.44
C ALA B 167 35.83 22.79 7.86
N GLN B 168 34.88 23.43 8.51
CA GLN B 168 35.05 23.89 9.87
C GLN B 168 35.41 22.74 10.82
N TYR B 169 34.71 21.62 10.67
CA TYR B 169 34.96 20.44 11.49
C TYR B 169 36.39 19.93 11.38
N PHE B 170 36.91 19.92 10.15
CA PHE B 170 38.23 19.36 9.89
C PHE B 170 39.36 20.19 10.45
N THR B 171 39.10 21.47 10.70
CA THR B 171 40.13 22.35 11.26
C THR B 171 40.72 21.84 12.57
N ARG B 172 39.92 21.13 13.38
CA ARG B 172 40.41 20.59 14.65
C ARG B 172 41.65 19.69 14.46
N PHE B 173 41.88 19.23 13.24
CA PHE B 173 43.02 18.36 12.95
C PHE B 173 44.24 19.11 12.40
N GLY B 174 44.18 20.43 12.36
CA GLY B 174 45.32 21.23 11.91
C GLY B 174 45.50 21.20 10.40
N ALA B 175 46.73 21.45 9.96
CA ALA B 175 47.03 21.54 8.53
C ALA B 175 46.76 20.21 7.83
N PRO B 176 46.31 20.27 6.58
CA PRO B 176 46.08 21.51 5.84
C PRO B 176 44.66 22.05 5.99
N TRP B 177 43.92 21.54 6.97
CA TRP B 177 42.50 21.87 7.09
C TRP B 177 42.24 23.30 7.57
N THR B 178 43.10 23.83 8.43
CA THR B 178 42.96 25.21 8.85
C THR B 178 42.95 26.14 7.63
N THR B 179 43.95 25.98 6.76
CA THR B 179 44.01 26.73 5.52
C THR B 179 42.86 26.40 4.56
N LEU B 180 42.51 25.12 4.43
CA LEU B 180 41.45 24.73 3.49
C LEU B 180 40.11 25.40 3.76
N ARG B 181 39.79 25.63 5.03
CA ARG B 181 38.55 26.30 5.37
C ARG B 181 38.53 27.70 4.77
N GLU B 182 39.70 28.34 4.72
CA GLU B 182 39.78 29.68 4.19
C GLU B 182 39.72 29.66 2.66
N THR B 183 40.49 28.78 2.03
CA THR B 183 40.50 28.73 0.57
C THR B 183 39.19 28.18 -0.01
N ASN B 184 38.50 27.35 0.77
CA ASN B 184 37.17 26.88 0.39
C ASN B 184 36.22 28.07 0.25
N GLN B 185 36.32 29.00 1.21
CA GLN B 185 35.54 30.23 1.18
C GLN B 185 35.86 31.05 -0.07
N ARG B 186 37.14 31.20 -0.39
CA ARG B 186 37.53 31.90 -1.62
C ARG B 186 36.94 31.18 -2.85
N LEU B 187 36.97 29.85 -2.83
CA LEU B 187 36.41 29.08 -3.94
C LEU B 187 34.92 29.38 -4.12
N LEU B 188 34.18 29.35 -3.02
CA LEU B 188 32.74 29.56 -3.08
C LEU B 188 32.40 31.00 -3.45
N LEU B 189 33.13 31.96 -2.87
CA LEU B 189 32.78 33.38 -3.04
C LEU B 189 33.25 34.01 -4.35
N GLU B 190 34.40 33.58 -4.86
CA GLU B 190 35.05 34.30 -5.96
C GLU B 190 34.68 33.78 -7.35
N THR B 191 33.92 32.69 -7.41
CA THR B 191 33.61 32.06 -8.69
C THR B 191 32.13 32.13 -9.06
N ALA B 192 31.41 33.05 -8.42
CA ALA B 192 29.98 33.23 -8.65
C ALA B 192 29.66 34.68 -8.98
N PRO B 193 30.28 35.22 -10.04
CA PRO B 193 30.17 36.64 -10.38
C PRO B 193 28.72 37.12 -10.57
N LYS B 194 27.80 36.21 -10.88
CA LYS B 194 26.39 36.58 -11.03
C LYS B 194 25.50 35.95 -9.96
N GLY B 195 26.13 35.44 -8.90
CA GLY B 195 25.37 34.87 -7.79
C GLY B 195 25.02 33.41 -7.98
N PHE B 196 25.60 32.79 -9.01
CA PHE B 196 25.43 31.35 -9.24
C PHE B 196 26.78 30.62 -9.20
N SER B 197 26.84 29.57 -8.39
CA SER B 197 28.04 28.78 -8.23
C SER B 197 28.15 27.79 -9.37
N PRO B 198 29.36 27.60 -9.92
CA PRO B 198 29.60 26.66 -11.03
C PRO B 198 29.74 25.21 -10.56
N ASP B 199 29.34 24.26 -11.41
CA ASP B 199 29.54 22.83 -11.14
C ASP B 199 31.04 22.54 -11.03
N TRP B 200 31.79 23.06 -12.01
CA TRP B 200 33.24 22.93 -12.10
C TRP B 200 33.84 24.28 -12.48
N VAL B 201 35.02 24.60 -11.95
CA VAL B 201 35.69 25.84 -12.32
C VAL B 201 37.21 25.66 -12.28
N ARG B 202 37.90 26.27 -13.24
CA ARG B 202 39.35 26.14 -13.35
C ARG B 202 40.08 27.35 -12.80
N TYR B 203 41.31 27.11 -12.33
CA TYR B 203 42.17 28.16 -11.84
C TYR B 203 43.53 28.06 -12.53
N GLU B 204 44.02 29.15 -13.07
CA GLU B 204 45.30 29.12 -13.76
C GLU B 204 46.39 29.89 -13.03
N LYS B 205 47.58 29.30 -12.97
CA LYS B 205 48.71 29.89 -12.27
C LYS B 205 49.02 31.29 -12.82
N ASP B 206 49.13 32.27 -11.93
CA ASP B 206 49.45 33.65 -12.31
C ASP B 206 48.31 34.37 -13.03
N LYS B 207 47.14 33.77 -13.11
CA LYS B 207 45.98 34.42 -13.77
C LYS B 207 44.76 34.43 -12.85
N GLY B 208 44.38 33.26 -12.37
CA GLY B 208 43.28 33.17 -11.41
C GLY B 208 42.11 32.42 -11.99
N TRP B 209 40.93 32.72 -11.47
CA TRP B 209 39.74 31.98 -11.85
C TRP B 209 39.41 32.14 -13.33
N GLN B 210 39.03 31.05 -13.97
CA GLN B 210 38.65 31.07 -15.36
C GLN B 210 37.13 31.18 -15.44
N LEU B 211 36.64 32.42 -15.56
CA LEU B 211 35.22 32.69 -15.42
C LEU B 211 34.54 33.14 -16.71
N LYS B 212 35.25 33.04 -17.84
CA LYS B 212 34.61 33.30 -19.13
C LYS B 212 33.54 32.25 -19.38
N ALA B 213 32.47 32.66 -20.05
CA ALA B 213 31.38 31.76 -20.35
C ALA B 213 31.89 30.51 -21.07
N GLU B 214 31.50 29.34 -20.56
CA GLU B 214 31.82 28.06 -21.19
C GLU B 214 30.85 26.97 -20.75
N LYS B 215 30.97 25.79 -21.38
CA LYS B 215 30.04 24.67 -21.18
C LYS B 215 29.84 24.21 -19.74
N THR B 216 30.92 23.94 -19.01
CA THR B 216 30.81 23.44 -17.63
C THR B 216 30.71 24.54 -16.58
N LEU B 217 30.81 25.79 -17.02
CA LEU B 217 30.69 26.90 -16.10
C LEU B 217 29.22 27.22 -15.95
N ILE B 218 28.47 26.25 -15.44
CA ILE B 218 27.07 26.44 -15.16
C ILE B 218 26.72 25.90 -13.78
N SER B 219 25.72 26.49 -13.14
CA SER B 219 25.17 25.96 -11.92
C SER B 219 24.10 24.93 -12.26
N SER B 220 24.40 23.65 -12.10
CA SER B 220 23.41 22.62 -12.37
C SER B 220 23.36 21.52 -11.30
N TYR B 221 23.67 20.28 -11.69
CA TYR B 221 23.49 19.13 -10.81
C TYR B 221 24.49 19.03 -9.67
N ASP B 222 25.75 19.40 -9.91
CA ASP B 222 26.72 19.45 -8.84
C ASP B 222 26.45 20.65 -7.94
N ALA B 223 26.34 21.83 -8.55
CA ALA B 223 26.32 23.09 -7.81
C ALA B 223 25.08 23.31 -6.94
N ILE B 224 23.97 22.65 -7.28
CA ILE B 224 22.75 22.79 -6.50
C ILE B 224 23.03 22.50 -5.02
N ARG B 225 23.98 21.61 -4.75
CA ARG B 225 24.36 21.28 -3.38
C ARG B 225 25.02 22.45 -2.65
N VAL B 226 25.73 23.31 -3.36
CA VAL B 226 26.40 24.47 -2.74
C VAL B 226 25.41 25.27 -1.91
N TYR B 227 24.29 25.63 -2.54
CA TYR B 227 23.25 26.39 -1.89
C TYR B 227 22.71 25.64 -0.66
N MET B 228 22.56 24.34 -0.80
CA MET B 228 22.08 23.50 0.31
C MET B 228 23.09 23.50 1.47
N TRP B 229 24.37 23.30 1.17
CA TRP B 229 25.39 23.26 2.21
C TRP B 229 25.38 24.57 3.01
N VAL B 230 25.25 25.68 2.29
CA VAL B 230 25.21 27.00 2.93
C VAL B 230 23.99 27.18 3.83
N GLY B 231 22.84 26.71 3.36
CA GLY B 231 21.62 26.79 4.15
C GLY B 231 21.72 26.00 5.44
N MET B 232 22.56 24.99 5.45
CA MET B 232 22.71 24.11 6.62
C MET B 232 23.72 24.62 7.65
N MET B 233 24.44 25.69 7.29
CA MET B 233 25.36 26.32 8.21
C MET B 233 24.61 26.90 9.41
N PRO B 234 25.16 26.73 10.61
CA PRO B 234 24.52 27.35 11.77
C PRO B 234 24.54 28.86 11.60
N ASP B 235 23.50 29.53 12.07
CA ASP B 235 23.42 30.99 11.96
C ASP B 235 24.58 31.68 12.68
N SER B 236 25.03 31.08 13.78
CA SER B 236 26.13 31.65 14.54
C SER B 236 27.37 31.79 13.67
N ASP B 237 27.49 30.92 12.65
CA ASP B 237 28.67 30.91 11.80
C ASP B 237 28.84 32.24 11.06
N PRO B 238 30.04 32.81 11.13
CA PRO B 238 30.33 34.13 10.57
C PRO B 238 30.38 34.15 9.04
N GLN B 239 30.72 33.02 8.42
CA GLN B 239 30.76 32.91 6.95
C GLN B 239 29.37 32.85 6.30
N LYS B 240 28.37 32.39 7.05
CA LYS B 240 27.06 32.10 6.48
C LYS B 240 26.41 33.30 5.77
N ALA B 241 26.45 34.45 6.43
CA ALA B 241 25.84 35.65 5.90
C ALA B 241 26.46 36.09 4.56
N ARG B 242 27.78 36.03 4.46
CA ARG B 242 28.45 36.44 3.22
C ARG B 242 28.05 35.50 2.09
N MET B 243 27.96 34.21 2.40
CA MET B 243 27.61 33.23 1.39
C MET B 243 26.16 33.38 0.92
N LEU B 244 25.25 33.60 1.84
CA LEU B 244 23.84 33.79 1.50
C LEU B 244 23.69 34.98 0.58
N ASN B 245 24.39 36.07 0.87
CA ASN B 245 24.36 37.26 0.04
C ASN B 245 24.90 36.97 -1.36
N ARG B 246 26.06 36.32 -1.41
CA ARG B 246 26.67 36.01 -2.68
C ARG B 246 25.71 35.22 -3.57
N PHE B 247 25.02 34.24 -3.00
CA PHE B 247 24.15 33.37 -3.79
C PHE B 247 22.69 33.78 -3.82
N LYS B 248 22.40 35.01 -3.41
CA LYS B 248 21.02 35.47 -3.34
C LYS B 248 20.25 35.36 -4.67
N PRO B 249 20.92 35.60 -5.81
CA PRO B 249 20.17 35.48 -7.06
C PRO B 249 19.52 34.09 -7.27
N MET B 250 20.10 33.04 -6.70
CA MET B 250 19.47 31.72 -6.81
C MET B 250 18.16 31.69 -6.02
N ALA B 251 18.17 32.34 -4.86
CA ALA B 251 16.99 32.38 -4.01
C ALA B 251 15.90 33.27 -4.63
N THR B 252 16.32 34.40 -5.19
CA THR B 252 15.40 35.31 -5.86
C THR B 252 14.70 34.63 -7.04
N PHE B 253 15.46 33.93 -7.87
CA PHE B 253 14.87 33.19 -8.99
C PHE B 253 13.83 32.17 -8.51
N THR B 254 14.20 31.39 -7.50
CA THR B 254 13.30 30.37 -6.99
C THR B 254 12.02 31.02 -6.43
N GLU B 255 12.18 32.11 -5.67
CA GLU B 255 11.05 32.83 -5.11
C GLU B 255 10.13 33.35 -6.21
N LYS B 256 10.70 34.03 -7.21
CA LYS B 256 9.92 34.65 -8.28
C LYS B 256 9.15 33.62 -9.13
N ASN B 257 9.80 32.49 -9.42
CA ASN B 257 9.25 31.53 -10.37
C ASN B 257 8.54 30.34 -9.76
N GLY B 258 8.81 30.06 -8.49
CA GLY B 258 8.17 28.94 -7.80
C GLY B 258 8.93 27.63 -7.99
N TYR B 259 10.09 27.72 -8.65
CA TYR B 259 10.94 26.55 -8.83
C TYR B 259 12.38 26.97 -9.06
N PRO B 260 13.34 26.10 -8.71
CA PRO B 260 14.73 26.35 -9.01
C PRO B 260 15.03 26.01 -10.47
N PRO B 261 15.95 26.76 -11.09
CA PRO B 261 16.31 26.54 -12.48
C PRO B 261 17.09 25.24 -12.63
N GLU B 262 17.06 24.64 -13.83
CA GLU B 262 17.86 23.45 -14.07
C GLU B 262 19.33 23.78 -14.31
N LYS B 263 19.57 24.74 -15.19
CA LYS B 263 20.92 25.17 -15.51
C LYS B 263 20.99 26.68 -15.48
N VAL B 264 22.06 27.22 -14.89
CA VAL B 264 22.28 28.65 -14.90
C VAL B 264 23.69 28.94 -15.38
N ASP B 265 23.79 29.79 -16.40
CA ASP B 265 25.09 30.20 -16.92
C ASP B 265 25.78 31.09 -15.89
N VAL B 266 26.93 30.63 -15.41
CA VAL B 266 27.63 31.31 -14.32
C VAL B 266 28.13 32.71 -14.70
N ALA B 267 28.56 32.86 -15.95
CA ALA B 267 29.11 34.14 -16.41
C ALA B 267 28.05 35.20 -16.69
N THR B 268 26.86 34.76 -17.11
CA THR B 268 25.80 35.70 -17.46
C THR B 268 24.63 35.67 -16.49
N GLY B 269 24.46 34.55 -15.78
CA GLY B 269 23.33 34.41 -14.86
C GLY B 269 22.06 34.05 -15.59
N LYS B 270 22.22 33.61 -16.84
CA LYS B 270 21.10 33.23 -17.67
C LYS B 270 20.61 31.85 -17.28
N ALA B 271 19.34 31.76 -16.91
CA ALA B 271 18.80 30.51 -16.37
C ALA B 271 17.91 29.79 -17.38
N GLN B 272 17.91 28.46 -17.33
CA GLN B 272 17.06 27.69 -18.22
C GLN B 272 16.53 26.41 -17.56
N GLY B 273 15.33 26.00 -17.98
CA GLY B 273 14.75 24.76 -17.53
C GLY B 273 14.21 24.80 -16.11
N LYS B 274 13.67 23.69 -15.67
CA LYS B 274 13.09 23.60 -14.35
C LYS B 274 13.76 22.45 -13.60
N GLY B 275 14.46 22.78 -12.52
CA GLY B 275 15.16 21.77 -11.73
C GLY B 275 14.23 20.64 -11.31
N PRO B 276 14.75 19.41 -11.22
CA PRO B 276 13.92 18.31 -10.72
C PRO B 276 13.62 18.46 -9.22
N VAL B 277 12.87 17.51 -8.67
CA VAL B 277 12.40 17.61 -7.28
C VAL B 277 13.55 17.73 -6.27
N GLY B 278 14.65 17.03 -6.53
CA GLY B 278 15.83 17.13 -5.67
C GLY B 278 16.30 18.56 -5.47
N PHE B 279 16.28 19.36 -6.54
CA PHE B 279 16.71 20.74 -6.49
C PHE B 279 15.84 21.54 -5.52
N SER B 280 14.53 21.28 -5.58
CA SER B 280 13.59 21.93 -4.65
C SER B 280 13.88 21.54 -3.21
N ALA B 281 14.24 20.27 -2.99
CA ALA B 281 14.61 19.84 -1.63
C ALA B 281 15.86 20.57 -1.17
N ALA B 282 16.80 20.77 -2.10
CA ALA B 282 18.04 21.46 -1.77
C ALA B 282 17.81 22.93 -1.41
N MET B 283 16.72 23.51 -1.91
CA MET B 283 16.36 24.89 -1.58
C MET B 283 15.82 25.05 -0.15
N LEU B 284 15.26 23.98 0.42
CA LEU B 284 14.59 24.09 1.72
C LEU B 284 15.47 24.72 2.80
N PRO B 285 16.70 24.22 2.99
CA PRO B 285 17.57 24.84 3.99
C PRO B 285 18.08 26.21 3.53
N PHE B 286 18.20 26.39 2.21
CA PHE B 286 18.80 27.59 1.62
C PHE B 286 17.89 28.82 1.66
N LEU B 287 16.62 28.67 1.26
CA LEU B 287 15.68 29.79 1.21
C LEU B 287 15.30 30.31 2.59
N GLN B 288 15.35 31.63 2.78
CA GLN B 288 15.04 32.20 4.08
C GLN B 288 13.59 32.71 4.18
N ASN B 289 12.97 32.99 3.03
CA ASN B 289 11.58 33.43 3.00
C ASN B 289 10.61 32.26 3.26
N ARG B 290 9.73 32.44 4.23
CA ARG B 290 8.82 31.37 4.66
C ARG B 290 7.88 30.86 3.57
N ASP B 291 7.22 31.78 2.86
CA ASP B 291 6.34 31.40 1.75
C ASP B 291 7.10 30.66 0.65
N ALA B 292 8.24 31.20 0.23
CA ALA B 292 9.01 30.57 -0.82
C ALA B 292 9.42 29.16 -0.39
N GLN B 293 9.74 29.03 0.90
CA GLN B 293 10.13 27.76 1.47
C GLN B 293 8.97 26.76 1.35
N ALA B 294 7.78 27.24 1.68
CA ALA B 294 6.60 26.38 1.67
C ALA B 294 6.21 25.94 0.25
N VAL B 295 6.45 26.82 -0.73
CA VAL B 295 6.21 26.46 -2.13
C VAL B 295 7.08 25.27 -2.52
N GLN B 296 8.37 25.34 -2.20
CA GLN B 296 9.30 24.24 -2.49
C GLN B 296 8.94 23.00 -1.69
N ARG B 297 8.56 23.19 -0.43
CA ARG B 297 8.13 22.09 0.44
C ARG B 297 6.96 21.33 -0.18
N GLN B 298 6.02 22.08 -0.75
CA GLN B 298 4.86 21.47 -1.40
C GLN B 298 5.28 20.66 -2.62
N ARG B 299 6.21 21.22 -3.41
CA ARG B 299 6.67 20.55 -4.61
C ARG B 299 7.34 19.23 -4.24
N VAL B 300 8.17 19.26 -3.19
CA VAL B 300 8.82 18.05 -2.73
C VAL B 300 7.79 17.02 -2.26
N ALA B 301 6.82 17.45 -1.48
CA ALA B 301 5.82 16.53 -0.93
C ALA B 301 5.02 15.83 -2.02
N ASP B 302 4.66 16.59 -3.06
CA ASP B 302 3.75 16.09 -4.09
C ASP B 302 4.48 15.31 -5.17
N ASN B 303 5.79 15.45 -5.23
CA ASN B 303 6.59 14.75 -6.24
C ASN B 303 7.72 13.96 -5.60
N PHE B 304 7.44 13.35 -4.45
CA PHE B 304 8.46 12.61 -3.71
C PHE B 304 9.08 11.52 -4.58
N PRO B 305 10.40 11.48 -4.65
CA PRO B 305 11.09 10.51 -5.50
C PRO B 305 10.70 9.06 -5.17
N GLY B 306 10.57 8.22 -6.20
CA GLY B 306 10.28 6.81 -6.01
C GLY B 306 11.54 5.97 -5.99
N SER B 307 11.47 4.80 -6.63
CA SER B 307 12.53 3.80 -6.61
C SER B 307 13.52 3.92 -7.78
N ASP B 308 13.26 4.86 -8.68
CA ASP B 308 14.03 4.99 -9.91
C ASP B 308 14.79 6.29 -9.99
N ALA B 309 15.12 6.88 -8.85
CA ALA B 309 15.64 8.23 -8.85
C ALA B 309 16.65 8.47 -7.76
N TYR B 310 17.82 7.83 -7.87
CA TYR B 310 18.85 7.97 -6.84
C TYR B 310 19.20 9.42 -6.51
N TYR B 311 19.55 10.24 -7.50
CA TYR B 311 20.02 11.60 -7.21
C TYR B 311 18.95 12.47 -6.53
N ASN B 312 17.73 12.41 -7.03
CA ASN B 312 16.64 13.14 -6.40
C ASN B 312 16.41 12.67 -4.97
N TYR B 313 16.49 11.37 -4.74
CA TYR B 313 16.26 10.84 -3.41
C TYR B 313 17.33 11.27 -2.40
N VAL B 314 18.61 11.22 -2.79
CA VAL B 314 19.66 11.62 -1.84
C VAL B 314 19.59 13.11 -1.53
N LEU B 315 19.31 13.92 -2.54
CA LEU B 315 19.14 15.36 -2.34
C LEU B 315 17.99 15.59 -1.38
N THR B 316 16.93 14.81 -1.54
CA THR B 316 15.76 14.94 -0.68
C THR B 316 16.05 14.49 0.76
N LEU B 317 16.87 13.47 0.93
CA LEU B 317 17.29 13.05 2.28
C LEU B 317 18.02 14.17 3.01
N PHE B 318 18.92 14.86 2.30
CA PHE B 318 19.61 16.01 2.89
C PHE B 318 18.65 17.19 3.08
N GLY B 319 17.97 17.57 1.99
CA GLY B 319 17.15 18.78 1.95
C GLY B 319 15.89 18.71 2.79
N GLN B 320 15.02 17.76 2.48
CA GLN B 320 13.81 17.58 3.29
C GLN B 320 14.18 17.10 4.68
N GLY B 321 15.22 16.27 4.77
CA GLY B 321 15.71 15.81 6.07
C GLY B 321 15.99 17.00 6.97
N TRP B 322 16.79 17.94 6.48
CA TRP B 322 17.09 19.13 7.26
C TRP B 322 15.81 19.90 7.60
N ASP B 323 14.90 19.98 6.63
CA ASP B 323 13.63 20.67 6.78
C ASP B 323 12.76 20.03 7.87
N GLN B 324 13.00 18.76 8.14
CA GLN B 324 12.28 18.04 9.18
C GLN B 324 13.17 17.75 10.39
N HIS B 325 14.23 18.53 10.55
CA HIS B 325 15.06 18.45 11.76
C HIS B 325 15.59 17.03 11.97
N ARG B 326 15.98 16.36 10.89
CA ARG B 326 16.55 15.01 10.97
C ARG B 326 18.01 15.07 11.43
N PHE B 327 18.61 16.25 11.33
CA PHE B 327 19.99 16.45 11.78
C PHE B 327 20.30 17.94 11.77
N ARG B 328 21.28 18.34 12.56
CA ARG B 328 21.82 19.69 12.47
C ARG B 328 23.30 19.74 12.77
N PHE B 329 23.94 20.82 12.35
CA PHE B 329 25.37 20.99 12.54
C PHE B 329 25.64 22.10 13.54
N SER B 330 26.61 21.87 14.43
CA SER B 330 27.00 22.87 15.41
C SER B 330 27.91 23.91 14.77
N THR B 331 28.29 24.91 15.56
CA THR B 331 29.22 25.95 15.15
C THR B 331 30.56 25.36 14.77
N LYS B 332 30.93 24.25 15.39
CA LYS B 332 32.20 23.59 15.14
C LYS B 332 32.09 22.57 14.00
N GLY B 333 30.91 22.46 13.41
CA GLY B 333 30.71 21.53 12.30
C GLY B 333 30.46 20.10 12.73
N GLU B 334 30.11 19.92 14.00
CA GLU B 334 29.77 18.59 14.51
C GLU B 334 28.30 18.24 14.26
N LEU B 335 28.02 16.94 14.17
CA LEU B 335 26.62 16.50 14.12
C LEU B 335 25.91 16.74 15.45
N LEU B 336 24.76 17.40 15.39
CA LEU B 336 23.84 17.47 16.51
C LEU B 336 22.69 16.55 16.18
N PRO B 337 22.76 15.31 16.67
CA PRO B 337 21.82 14.28 16.26
C PRO B 337 20.43 14.54 16.82
N ASP B 338 19.41 14.16 16.07
CA ASP B 338 18.04 14.14 16.58
C ASP B 338 17.64 12.68 16.71
N TRP B 339 18.01 12.08 17.84
CA TRP B 339 17.75 10.67 18.09
C TRP B 339 16.61 10.50 19.12
N CYS C 2 -9.43 -13.92 12.05
CA CYS C 2 -10.78 -14.48 11.74
C CYS C 2 -11.62 -13.50 10.94
N THR C 3 -11.13 -13.11 9.77
CA THR C 3 -11.84 -12.18 8.90
C THR C 3 -11.81 -12.64 7.45
N TRP C 4 -12.67 -12.06 6.62
CA TRP C 4 -12.69 -12.35 5.19
C TRP C 4 -12.20 -11.12 4.42
N PRO C 5 -10.92 -11.13 4.00
CA PRO C 5 -10.28 -9.96 3.42
C PRO C 5 -11.01 -9.35 2.23
N ALA C 6 -11.48 -10.16 1.28
CA ALA C 6 -12.19 -9.61 0.14
C ALA C 6 -13.47 -8.90 0.60
N TRP C 7 -14.02 -9.34 1.71
CA TRP C 7 -15.24 -8.75 2.27
C TRP C 7 -14.93 -7.44 3.01
N GLU C 8 -13.95 -7.48 3.91
CA GLU C 8 -13.48 -6.26 4.56
C GLU C 8 -13.23 -5.16 3.52
N GLN C 9 -12.58 -5.49 2.42
CA GLN C 9 -12.30 -4.49 1.40
C GLN C 9 -13.56 -4.03 0.68
N PHE C 10 -14.53 -4.94 0.52
CA PHE C 10 -15.79 -4.58 -0.13
C PHE C 10 -16.59 -3.57 0.71
N LYS C 11 -16.62 -3.79 2.03
CA LYS C 11 -17.25 -2.83 2.94
C LYS C 11 -16.64 -1.45 2.82
N LYS C 12 -15.32 -1.37 2.79
CA LYS C 12 -14.63 -0.08 2.76
C LYS C 12 -14.96 0.72 1.51
N ASP C 13 -14.99 0.04 0.37
CA ASP C 13 -15.18 0.71 -0.91
C ASP C 13 -16.63 0.83 -1.37
N TYR C 14 -17.53 0.06 -0.78
CA TYR C 14 -18.89 -0.04 -1.32
C TYR C 14 -20.02 0.17 -0.30
N ILE C 15 -19.74 -0.03 0.98
CA ILE C 15 -20.79 0.04 1.98
C ILE C 15 -20.67 1.26 2.87
N SER C 16 -21.68 2.12 2.84
CA SER C 16 -21.66 3.34 3.63
C SER C 16 -21.67 3.05 5.13
N GLN C 17 -21.34 4.05 5.92
CA GLN C 17 -21.35 3.96 7.37
C GLN C 17 -22.74 3.59 7.87
N GLU C 18 -23.75 3.95 7.08
CA GLU C 18 -25.15 3.73 7.44
C GLU C 18 -25.62 2.35 7.00
N GLY C 19 -24.78 1.67 6.22
CA GLY C 19 -25.05 0.29 5.86
C GLY C 19 -25.73 0.06 4.53
N ARG C 20 -25.65 1.03 3.62
CA ARG C 20 -26.17 0.82 2.28
C ARG C 20 -25.06 0.48 1.29
N VAL C 21 -25.29 -0.54 0.49
CA VAL C 21 -24.35 -1.00 -0.53
C VAL C 21 -24.51 -0.15 -1.79
N ILE C 22 -23.42 0.49 -2.21
CA ILE C 22 -23.48 1.49 -3.28
C ILE C 22 -22.83 1.03 -4.59
N ASP C 23 -23.54 1.18 -5.70
CA ASP C 23 -22.96 0.97 -7.01
C ASP C 23 -22.59 2.32 -7.60
N PRO C 24 -21.30 2.63 -7.60
CA PRO C 24 -20.83 3.96 -7.96
C PRO C 24 -20.72 4.17 -9.46
N SER C 25 -20.99 3.14 -10.25
CA SER C 25 -20.89 3.25 -11.70
C SER C 25 -22.07 4.03 -12.26
N ASP C 26 -23.05 4.28 -11.40
CA ASP C 26 -24.23 5.03 -11.81
C ASP C 26 -24.21 6.46 -11.27
N ALA C 27 -24.55 7.42 -12.13
CA ALA C 27 -24.60 8.82 -11.73
C ALA C 27 -25.40 9.00 -10.43
N ARG C 28 -26.45 8.20 -10.24
CA ARG C 28 -27.31 8.31 -9.07
C ARG C 28 -26.79 7.56 -7.86
N LYS C 29 -25.59 6.98 -7.98
CA LYS C 29 -24.98 6.27 -6.86
C LYS C 29 -26.01 5.44 -6.12
N ILE C 30 -26.60 4.49 -6.85
CA ILE C 30 -27.77 3.77 -6.40
C ILE C 30 -27.49 2.64 -5.41
N THR C 31 -28.51 2.29 -4.65
CA THR C 31 -28.53 1.04 -3.91
C THR C 31 -29.73 0.23 -4.42
N THR C 32 -29.55 -1.08 -4.56
CA THR C 32 -30.64 -1.95 -4.97
C THR C 32 -30.96 -2.94 -3.85
N SER C 33 -32.13 -3.57 -3.91
CA SER C 33 -32.45 -4.60 -2.93
C SER C 33 -31.53 -5.82 -3.08
N GLN C 34 -31.06 -6.06 -4.31
CA GLN C 34 -30.10 -7.13 -4.56
C GLN C 34 -28.78 -6.87 -3.82
N GLY C 35 -28.29 -5.64 -3.89
CA GLY C 35 -27.06 -5.27 -3.20
C GLY C 35 -27.13 -5.42 -1.69
N GLN C 36 -28.25 -5.00 -1.10
CA GLN C 36 -28.42 -5.16 0.34
C GLN C 36 -28.42 -6.63 0.71
N SER C 37 -29.10 -7.43 -0.09
CA SER C 37 -29.21 -8.87 0.18
C SER C 37 -27.85 -9.55 0.05
N TYR C 38 -27.07 -9.14 -0.94
CA TYR C 38 -25.72 -9.67 -1.11
C TYR C 38 -24.84 -9.28 0.07
N GLY C 39 -25.05 -8.06 0.56
CA GLY C 39 -24.28 -7.57 1.69
C GLY C 39 -24.62 -8.34 2.95
N MET C 40 -25.91 -8.63 3.13
CA MET C 40 -26.37 -9.40 4.28
C MET C 40 -25.81 -10.80 4.23
N PHE C 41 -25.91 -11.45 3.06
CA PHE C 41 -25.35 -12.78 2.88
C PHE C 41 -23.86 -12.82 3.21
N SER C 42 -23.12 -11.90 2.62
CA SER C 42 -21.67 -11.87 2.79
C SER C 42 -21.29 -11.63 4.26
N ALA C 43 -22.00 -10.73 4.93
CA ALA C 43 -21.73 -10.45 6.34
C ALA C 43 -21.96 -11.70 7.18
N LEU C 44 -23.02 -12.43 6.89
CA LEU C 44 -23.32 -13.66 7.59
C LEU C 44 -22.21 -14.67 7.34
N ALA C 45 -21.82 -14.82 6.08
CA ALA C 45 -20.72 -15.71 5.72
C ALA C 45 -19.45 -15.40 6.52
N ALA C 46 -19.17 -14.11 6.68
CA ALA C 46 -17.96 -13.67 7.38
C ALA C 46 -18.11 -13.72 8.90
N ASN C 47 -19.32 -13.97 9.38
CA ASN C 47 -19.59 -13.90 10.82
C ASN C 47 -19.42 -12.46 11.27
N ASP C 48 -19.88 -11.53 10.44
CA ASP C 48 -19.74 -10.11 10.70
C ASP C 48 -21.10 -9.57 11.15
N ARG C 49 -21.45 -9.80 12.41
CA ARG C 49 -22.78 -9.47 12.93
C ARG C 49 -23.06 -7.96 12.87
N ALA C 50 -22.07 -7.16 13.26
CA ALA C 50 -22.22 -5.71 13.29
C ALA C 50 -22.60 -5.16 11.90
N ALA C 51 -21.94 -5.67 10.87
CA ALA C 51 -22.25 -5.24 9.50
C ALA C 51 -23.63 -5.73 9.06
N PHE C 52 -24.00 -6.93 9.50
CA PHE C 52 -25.29 -7.50 9.15
C PHE C 52 -26.42 -6.64 9.69
N ASP C 53 -26.35 -6.33 10.99
CA ASP C 53 -27.33 -5.47 11.64
C ASP C 53 -27.41 -4.10 10.98
N ASN C 54 -26.26 -3.51 10.71
CA ASN C 54 -26.22 -2.19 10.12
C ASN C 54 -26.89 -2.18 8.75
N ILE C 55 -26.58 -3.18 7.93
CA ILE C 55 -27.16 -3.30 6.59
C ILE C 55 -28.65 -3.61 6.63
N LEU C 56 -29.08 -4.42 7.59
CA LEU C 56 -30.49 -4.70 7.79
C LEU C 56 -31.25 -3.42 8.18
N ASP C 57 -30.69 -2.67 9.12
CA ASP C 57 -31.24 -1.37 9.54
C ASP C 57 -31.50 -0.45 8.35
N TRP C 58 -30.49 -0.26 7.51
CA TRP C 58 -30.66 0.60 6.35
C TRP C 58 -31.74 0.05 5.42
N THR C 59 -31.67 -1.25 5.17
CA THR C 59 -32.61 -1.92 4.27
C THR C 59 -34.06 -1.67 4.71
N GLN C 60 -34.33 -1.91 5.98
CA GLN C 60 -35.69 -1.80 6.49
C GLN C 60 -36.20 -0.36 6.44
N ASN C 61 -35.37 0.57 6.90
CA ASN C 61 -35.79 1.97 6.97
C ASN C 61 -35.95 2.64 5.61
N ASN C 62 -35.13 2.23 4.65
CA ASN C 62 -35.08 2.94 3.37
C ASN C 62 -35.74 2.22 2.19
N LEU C 63 -35.77 0.90 2.25
CA LEU C 63 -36.40 0.12 1.19
C LEU C 63 -37.79 -0.41 1.60
N ALA C 64 -38.03 -0.54 2.90
CA ALA C 64 -39.27 -1.14 3.37
C ALA C 64 -40.06 -0.21 4.28
N GLN C 65 -39.81 1.10 4.16
CA GLN C 65 -40.49 2.13 4.96
C GLN C 65 -40.53 1.81 6.44
N GLY C 66 -39.47 1.18 6.93
CA GLY C 66 -39.36 0.88 8.37
C GLY C 66 -39.43 -0.58 8.75
N SER C 67 -40.02 -1.41 7.90
CA SER C 67 -40.20 -2.83 8.25
C SER C 67 -40.37 -3.78 7.07
N LEU C 68 -39.54 -4.81 7.03
CA LEU C 68 -39.63 -5.86 6.02
C LEU C 68 -40.78 -6.81 6.33
N LYS C 69 -41.40 -6.61 7.50
CA LYS C 69 -42.53 -7.42 7.93
C LYS C 69 -43.81 -6.90 7.31
N GLU C 70 -43.75 -5.66 6.83
CA GLU C 70 -44.95 -4.99 6.35
C GLU C 70 -45.03 -4.91 4.83
N ARG C 71 -43.87 -5.02 4.18
CA ARG C 71 -43.81 -4.92 2.72
C ARG C 71 -42.53 -5.50 2.14
N LEU C 72 -42.58 -5.86 0.86
CA LEU C 72 -41.38 -6.23 0.14
C LEU C 72 -40.59 -4.96 -0.11
N PRO C 73 -39.26 -5.05 -0.11
CA PRO C 73 -38.40 -3.88 -0.28
C PRO C 73 -38.42 -3.35 -1.72
N ALA C 74 -38.43 -2.03 -1.85
CA ALA C 74 -38.27 -1.41 -3.16
C ALA C 74 -36.92 -1.85 -3.70
N TRP C 75 -36.83 -2.04 -5.01
CA TRP C 75 -35.60 -2.57 -5.57
C TRP C 75 -34.56 -1.47 -5.84
N LEU C 76 -35.01 -0.23 -5.97
CA LEU C 76 -34.13 0.84 -6.44
C LEU C 76 -34.19 2.09 -5.57
N TRP C 77 -33.04 2.47 -5.04
CA TRP C 77 -32.92 3.65 -4.19
C TRP C 77 -31.73 4.47 -4.64
N GLY C 78 -31.91 5.78 -4.75
CA GLY C 78 -30.83 6.63 -5.22
C GLY C 78 -31.11 8.12 -5.29
N LYS C 79 -30.09 8.87 -5.69
CA LYS C 79 -30.15 10.31 -5.75
C LYS C 79 -31.10 10.79 -6.85
N LYS C 80 -32.01 11.68 -6.46
CA LYS C 80 -32.88 12.34 -7.41
C LYS C 80 -32.21 13.64 -7.85
N GLU C 81 -32.84 14.33 -8.79
CA GLU C 81 -32.33 15.63 -9.19
C GLU C 81 -32.65 16.70 -8.15
N ASN C 82 -33.28 16.28 -7.06
CA ASN C 82 -33.78 17.18 -6.01
C ASN C 82 -32.80 18.20 -5.40
N SER C 83 -31.63 17.76 -4.95
CA SER C 83 -31.18 16.38 -5.06
C SER C 83 -31.41 15.61 -3.76
N LYS C 84 -32.61 15.05 -3.63
CA LYS C 84 -32.94 14.21 -2.48
C LYS C 84 -32.59 12.77 -2.80
N TRP C 85 -32.23 12.02 -1.77
CA TRP C 85 -31.97 10.61 -1.93
C TRP C 85 -33.17 9.84 -1.40
N GLU C 86 -33.79 9.06 -2.28
CA GLU C 86 -34.98 8.30 -1.94
C GLU C 86 -35.20 7.11 -2.89
N VAL C 87 -36.27 6.36 -2.65
CA VAL C 87 -36.66 5.25 -3.52
C VAL C 87 -36.98 5.77 -4.93
N LEU C 88 -36.37 5.18 -5.94
CA LEU C 88 -36.67 5.56 -7.34
C LEU C 88 -37.70 4.63 -7.96
N ASP C 89 -37.90 3.46 -7.36
CA ASP C 89 -38.87 2.50 -7.86
C ASP C 89 -39.26 1.58 -6.72
N SER C 90 -40.54 1.59 -6.35
CA SER C 90 -41.01 0.87 -5.18
C SER C 90 -41.31 -0.61 -5.48
N ASN C 91 -41.39 -0.96 -6.76
CA ASN C 91 -41.57 -2.35 -7.15
C ASN C 91 -40.43 -3.19 -6.59
N SER C 92 -40.70 -4.47 -6.35
CA SER C 92 -39.71 -5.37 -5.81
C SER C 92 -38.99 -6.15 -6.90
N ALA C 93 -37.77 -6.60 -6.58
CA ALA C 93 -37.07 -7.57 -7.39
C ALA C 93 -36.90 -8.82 -6.53
N SER C 94 -37.44 -9.94 -7.01
CA SER C 94 -37.56 -11.13 -6.17
C SER C 94 -36.25 -11.84 -5.85
N ASP C 95 -35.19 -11.59 -6.63
CA ASP C 95 -33.90 -12.20 -6.30
C ASP C 95 -33.33 -11.62 -5.01
N GLY C 96 -33.40 -10.31 -4.87
CA GLY C 96 -33.05 -9.67 -3.61
C GLY C 96 -33.95 -10.15 -2.48
N ASP C 97 -35.24 -10.26 -2.78
CA ASP C 97 -36.21 -10.71 -1.80
C ASP C 97 -35.84 -12.06 -1.18
N VAL C 98 -35.56 -13.04 -2.03
CA VAL C 98 -35.27 -14.40 -1.54
C VAL C 98 -33.91 -14.52 -0.87
N TRP C 99 -32.91 -13.80 -1.39
CA TRP C 99 -31.60 -13.79 -0.75
C TRP C 99 -31.69 -13.15 0.62
N MET C 100 -32.53 -12.12 0.74
CA MET C 100 -32.74 -11.44 2.00
C MET C 100 -33.42 -12.37 3.00
N ALA C 101 -34.49 -13.01 2.57
CA ALA C 101 -35.23 -13.93 3.43
C ALA C 101 -34.34 -15.10 3.87
N TRP C 102 -33.59 -15.66 2.93
CA TRP C 102 -32.68 -16.76 3.25
C TRP C 102 -31.67 -16.32 4.30
N SER C 103 -31.08 -15.15 4.08
CA SER C 103 -30.04 -14.65 4.97
C SER C 103 -30.55 -14.43 6.39
N LEU C 104 -31.74 -13.85 6.49
CA LEU C 104 -32.34 -13.59 7.79
C LEU C 104 -32.65 -14.88 8.53
N LEU C 105 -33.21 -15.85 7.83
CA LEU C 105 -33.58 -17.12 8.45
C LEU C 105 -32.35 -17.86 8.93
N GLU C 106 -31.30 -17.84 8.12
CA GLU C 106 -30.06 -18.52 8.48
C GLU C 106 -29.29 -17.79 9.58
N ALA C 107 -29.39 -16.46 9.58
CA ALA C 107 -28.79 -15.65 10.62
C ALA C 107 -29.48 -15.95 11.95
N GLY C 108 -30.80 -16.08 11.90
CA GLY C 108 -31.58 -16.35 13.10
C GLY C 108 -31.20 -17.69 13.70
N ARG C 109 -31.01 -18.68 12.83
CA ARG C 109 -30.63 -20.03 13.27
C ARG C 109 -29.19 -20.11 13.79
N LEU C 110 -28.25 -19.57 13.03
CA LEU C 110 -26.84 -19.67 13.37
C LEU C 110 -26.43 -18.75 14.51
N TRP C 111 -27.00 -17.55 14.56
CA TRP C 111 -26.71 -16.62 15.65
C TRP C 111 -27.75 -16.73 16.78
N LYS C 112 -28.69 -17.65 16.63
CA LYS C 112 -29.72 -17.88 17.63
C LYS C 112 -30.40 -16.59 18.06
N GLU C 113 -30.86 -15.83 17.06
CA GLU C 113 -31.54 -14.57 17.30
C GLU C 113 -32.94 -14.60 16.70
N GLN C 114 -33.94 -14.77 17.57
CA GLN C 114 -35.33 -14.87 17.13
C GLN C 114 -35.78 -13.72 16.22
N ARG C 115 -35.27 -12.53 16.47
CA ARG C 115 -35.66 -11.36 15.69
C ARG C 115 -35.38 -11.54 14.20
N TYR C 116 -34.29 -12.24 13.86
CA TYR C 116 -33.96 -12.46 12.45
C TYR C 116 -34.91 -13.49 11.83
N THR C 117 -35.18 -14.55 12.59
CA THR C 117 -36.13 -15.57 12.15
C THR C 117 -37.50 -14.99 11.86
N ASP C 118 -37.97 -14.10 12.75
CA ASP C 118 -39.29 -13.49 12.57
C ASP C 118 -39.36 -12.62 11.32
N ILE C 119 -38.35 -11.79 11.10
CA ILE C 119 -38.32 -10.93 9.90
C ILE C 119 -38.19 -11.77 8.62
N GLY C 120 -37.30 -12.77 8.64
CA GLY C 120 -37.16 -13.68 7.52
C GLY C 120 -38.43 -14.46 7.22
N SER C 121 -39.11 -14.94 8.27
CA SER C 121 -40.37 -15.67 8.13
C SER C 121 -41.43 -14.81 7.49
N ALA C 122 -41.61 -13.62 8.03
CA ALA C 122 -42.60 -12.69 7.53
C ALA C 122 -42.28 -12.29 6.10
N LEU C 123 -41.00 -12.14 5.79
CA LEU C 123 -40.59 -11.75 4.46
C LEU C 123 -40.83 -12.88 3.47
N LEU C 124 -40.46 -14.10 3.85
CA LEU C 124 -40.64 -15.26 2.98
C LEU C 124 -42.12 -15.51 2.71
N LYS C 125 -42.96 -15.36 3.73
CA LYS C 125 -44.39 -15.59 3.58
C LYS C 125 -44.99 -14.56 2.63
N ARG C 126 -44.50 -13.33 2.69
CA ARG C 126 -45.01 -12.27 1.82
C ARG C 126 -44.58 -12.46 0.37
N ILE C 127 -43.36 -12.96 0.16
CA ILE C 127 -42.90 -13.32 -1.18
C ILE C 127 -43.85 -14.34 -1.79
N ALA C 128 -44.17 -15.37 -1.01
CA ALA C 128 -45.12 -16.40 -1.43
C ALA C 128 -46.48 -15.80 -1.85
N ARG C 129 -46.98 -14.88 -1.03
CA ARG C 129 -48.30 -14.31 -1.26
C ARG C 129 -48.34 -13.27 -2.37
N GLU C 130 -47.23 -12.57 -2.59
CA GLU C 130 -47.25 -11.41 -3.47
C GLU C 130 -46.52 -11.55 -4.81
N GLU C 131 -45.57 -12.46 -4.90
CA GLU C 131 -44.86 -12.60 -6.17
C GLU C 131 -44.62 -14.05 -6.57
N VAL C 132 -45.48 -14.94 -6.06
CA VAL C 132 -45.55 -16.32 -6.53
C VAL C 132 -46.97 -16.52 -7.03
N VAL C 133 -47.10 -17.01 -8.27
CA VAL C 133 -48.42 -17.23 -8.88
C VAL C 133 -48.52 -18.61 -9.49
N THR C 134 -49.74 -19.09 -9.69
CA THR C 134 -49.96 -20.38 -10.31
C THR C 134 -50.05 -20.24 -11.82
N VAL C 135 -49.15 -20.92 -12.55
CA VAL C 135 -49.12 -20.85 -14.00
C VAL C 135 -49.61 -22.17 -14.61
N PRO C 136 -50.68 -22.13 -15.41
CA PRO C 136 -51.19 -23.34 -16.08
C PRO C 136 -50.10 -23.99 -16.92
N GLY C 137 -49.97 -25.31 -16.81
CA GLY C 137 -48.86 -26.01 -17.45
C GLY C 137 -47.63 -26.17 -16.57
N LEU C 138 -47.50 -25.33 -15.54
CA LEU C 138 -46.32 -25.34 -14.68
C LEU C 138 -46.69 -25.55 -13.21
N GLY C 139 -47.58 -24.71 -12.69
CA GLY C 139 -47.86 -24.67 -11.25
C GLY C 139 -47.25 -23.40 -10.67
N SER C 140 -46.97 -23.42 -9.37
CA SER C 140 -46.34 -22.28 -8.69
C SER C 140 -45.06 -21.83 -9.36
N MET C 141 -44.98 -20.54 -9.66
CA MET C 141 -43.77 -19.96 -10.24
C MET C 141 -43.45 -18.67 -9.52
N LEU C 142 -42.16 -18.34 -9.45
CA LEU C 142 -41.73 -17.10 -8.82
C LEU C 142 -41.53 -16.02 -9.88
N LEU C 143 -42.35 -14.97 -9.83
CA LEU C 143 -42.17 -13.82 -10.72
C LEU C 143 -40.94 -13.00 -10.30
N PRO C 144 -40.32 -12.31 -11.26
CA PRO C 144 -39.17 -11.44 -11.01
C PRO C 144 -39.50 -10.23 -10.14
N GLY C 145 -40.78 -10.00 -9.88
CA GLY C 145 -41.20 -8.85 -9.08
C GLY C 145 -42.70 -8.81 -8.87
N LYS C 146 -43.14 -7.98 -7.93
CA LYS C 146 -44.55 -7.89 -7.56
C LYS C 146 -45.44 -7.52 -8.74
N VAL C 147 -45.03 -6.50 -9.50
CA VAL C 147 -45.79 -6.10 -10.69
C VAL C 147 -44.90 -6.01 -11.92
N GLY C 148 -45.50 -6.19 -13.10
CA GLY C 148 -44.80 -5.95 -14.35
C GLY C 148 -44.26 -7.17 -15.06
N PHE C 149 -44.59 -8.36 -14.57
CA PHE C 149 -44.05 -9.60 -15.15
C PHE C 149 -45.12 -10.65 -15.46
N ALA C 150 -46.39 -10.29 -15.26
CA ALA C 150 -47.48 -11.23 -15.51
C ALA C 150 -48.60 -10.58 -16.31
N GLU C 151 -49.07 -11.29 -17.33
CA GLU C 151 -50.25 -10.88 -18.10
C GLU C 151 -51.33 -11.94 -18.01
N ASP C 152 -52.47 -11.68 -18.64
CA ASP C 152 -53.57 -12.64 -18.62
C ASP C 152 -53.08 -14.07 -18.86
N ASN C 153 -52.35 -14.26 -19.96
CA ASN C 153 -51.94 -15.60 -20.36
C ASN C 153 -50.47 -15.73 -20.73
N SER C 154 -49.63 -14.86 -20.15
CA SER C 154 -48.19 -14.93 -20.35
C SER C 154 -47.44 -14.40 -19.14
N TRP C 155 -46.24 -14.90 -18.94
CA TRP C 155 -45.45 -14.55 -17.78
C TRP C 155 -43.99 -14.39 -18.18
N ARG C 156 -43.27 -13.50 -17.49
CA ARG C 156 -41.84 -13.33 -17.77
C ARG C 156 -41.04 -13.78 -16.54
N PHE C 157 -40.03 -14.61 -16.78
CA PHE C 157 -39.26 -15.19 -15.67
C PHE C 157 -37.76 -14.90 -15.80
N ASN C 158 -37.04 -15.06 -14.69
CA ASN C 158 -35.60 -14.84 -14.66
C ASN C 158 -34.89 -16.02 -13.98
N PRO C 159 -34.31 -16.91 -14.79
CA PRO C 159 -33.69 -18.15 -14.33
C PRO C 159 -32.65 -17.97 -13.22
N SER C 160 -31.97 -16.83 -13.20
CA SER C 160 -30.93 -16.59 -12.20
C SER C 160 -31.46 -16.21 -10.82
N TYR C 161 -32.77 -16.03 -10.69
CA TYR C 161 -33.32 -15.41 -9.47
C TYR C 161 -33.37 -16.32 -8.25
N LEU C 162 -33.68 -17.60 -8.46
CA LEU C 162 -33.80 -18.54 -7.35
C LEU C 162 -32.76 -19.65 -7.45
N PRO C 163 -31.65 -19.51 -6.69
CA PRO C 163 -30.63 -20.55 -6.74
C PRO C 163 -31.20 -21.86 -6.21
N PRO C 164 -30.80 -22.98 -6.81
CA PRO C 164 -31.28 -24.28 -6.35
C PRO C 164 -31.04 -24.55 -4.87
N THR C 165 -29.95 -24.05 -4.31
CA THR C 165 -29.69 -24.27 -2.88
C THR C 165 -30.71 -23.53 -2.01
N LEU C 166 -31.13 -22.36 -2.45
CA LEU C 166 -32.15 -21.60 -1.72
C LEU C 166 -33.52 -22.26 -1.88
N ALA C 167 -33.78 -22.76 -3.09
CA ALA C 167 -35.01 -23.49 -3.36
C ALA C 167 -35.14 -24.69 -2.42
N GLN C 168 -34.05 -25.42 -2.25
CA GLN C 168 -34.01 -26.55 -1.33
C GLN C 168 -34.35 -26.12 0.09
N TYR C 169 -33.66 -25.09 0.58
CA TYR C 169 -33.84 -24.62 1.94
C TYR C 169 -35.30 -24.27 2.26
N PHE C 170 -35.93 -23.54 1.36
CA PHE C 170 -37.30 -23.09 1.57
C PHE C 170 -38.34 -24.20 1.64
N THR C 171 -38.06 -25.36 1.05
CA THR C 171 -39.04 -26.46 1.06
C THR C 171 -39.49 -26.79 2.49
N ARG C 172 -38.66 -26.45 3.48
CA ARG C 172 -38.97 -26.76 4.88
C ARG C 172 -40.20 -26.00 5.38
N PHE C 173 -40.55 -24.91 4.68
CA PHE C 173 -41.69 -24.10 5.07
C PHE C 173 -42.98 -24.50 4.36
N GLY C 174 -42.94 -25.57 3.58
CA GLY C 174 -44.14 -26.06 2.91
C GLY C 174 -44.50 -25.28 1.65
N ALA C 175 -45.78 -25.35 1.27
CA ALA C 175 -46.28 -24.69 0.06
C ALA C 175 -46.13 -23.17 0.17
N PRO C 176 -45.84 -22.50 -0.97
CA PRO C 176 -45.67 -23.06 -2.31
C PRO C 176 -44.24 -23.51 -2.61
N TRP C 177 -43.35 -23.43 -1.62
CA TRP C 177 -41.93 -23.69 -1.84
C TRP C 177 -41.64 -25.14 -2.24
N THR C 178 -42.45 -26.07 -1.76
CA THR C 178 -42.34 -27.47 -2.15
C THR C 178 -42.40 -27.62 -3.66
N THR C 179 -43.45 -27.05 -4.26
CA THR C 179 -43.62 -27.09 -5.71
C THR C 179 -42.58 -26.23 -6.41
N LEU C 180 -42.32 -25.04 -5.85
CA LEU C 180 -41.38 -24.11 -6.46
C LEU C 180 -40.02 -24.74 -6.71
N ARG C 181 -39.54 -25.57 -5.78
CA ARG C 181 -38.28 -26.26 -6.02
C ARG C 181 -38.33 -27.05 -7.33
N GLU C 182 -39.44 -27.75 -7.55
CA GLU C 182 -39.62 -28.53 -8.78
C GLU C 182 -39.73 -27.66 -10.04
N THR C 183 -40.50 -26.59 -9.98
CA THR C 183 -40.74 -25.74 -11.16
C THR C 183 -39.51 -24.89 -11.48
N ASN C 184 -38.72 -24.57 -10.46
CA ASN C 184 -37.44 -23.89 -10.64
C ASN C 184 -36.51 -24.73 -11.51
N GLN C 185 -36.43 -26.03 -11.19
CA GLN C 185 -35.65 -26.96 -11.99
C GLN C 185 -36.17 -26.98 -13.44
N ARG C 186 -37.49 -26.97 -13.61
CA ARG C 186 -38.06 -26.91 -14.96
C ARG C 186 -37.61 -25.65 -15.68
N LEU C 187 -37.70 -24.52 -14.99
CA LEU C 187 -37.27 -23.25 -15.56
C LEU C 187 -35.83 -23.31 -16.05
N LEU C 188 -34.96 -23.86 -15.23
CA LEU C 188 -33.55 -23.97 -15.57
C LEU C 188 -33.31 -24.94 -16.72
N LEU C 189 -33.95 -26.11 -16.65
CA LEU C 189 -33.70 -27.16 -17.63
C LEU C 189 -34.36 -26.98 -19.00
N GLU C 190 -35.52 -26.34 -19.06
CA GLU C 190 -36.28 -26.31 -20.31
C GLU C 190 -36.11 -25.03 -21.14
N THR C 191 -35.31 -24.09 -20.65
CA THR C 191 -35.13 -22.82 -21.35
C THR C 191 -33.70 -22.63 -21.89
N ALA C 192 -32.95 -23.73 -21.96
CA ALA C 192 -31.58 -23.67 -22.45
C ALA C 192 -31.35 -24.66 -23.60
N PRO C 193 -32.04 -24.46 -24.73
CA PRO C 193 -32.02 -25.44 -25.83
C PRO C 193 -30.62 -25.62 -26.46
N LYS C 194 -29.76 -24.62 -26.33
CA LYS C 194 -28.39 -24.76 -26.85
C LYS C 194 -27.37 -24.85 -25.72
N GLY C 195 -27.85 -25.10 -24.50
CA GLY C 195 -26.97 -25.26 -23.35
C GLY C 195 -26.66 -23.96 -22.62
N PHE C 196 -27.31 -22.86 -23.05
CA PHE C 196 -27.09 -21.58 -22.39
C PHE C 196 -28.39 -21.05 -21.78
N SER C 197 -28.31 -20.60 -20.52
CA SER C 197 -29.48 -20.09 -19.81
C SER C 197 -29.73 -18.63 -20.19
N PRO C 198 -31.00 -18.28 -20.40
CA PRO C 198 -31.32 -16.89 -20.78
C PRO C 198 -31.41 -15.94 -19.59
N ASP C 199 -31.02 -14.68 -19.80
CA ASP C 199 -31.26 -13.63 -18.81
C ASP C 199 -32.74 -13.57 -18.44
N TRP C 200 -33.59 -13.52 -19.46
CA TRP C 200 -35.04 -13.44 -19.28
C TRP C 200 -35.72 -14.41 -20.25
N VAL C 201 -36.87 -14.94 -19.85
CA VAL C 201 -37.61 -15.84 -20.71
C VAL C 201 -39.12 -15.83 -20.42
N ARG C 202 -39.93 -15.80 -21.47
CA ARG C 202 -41.38 -15.78 -21.32
C ARG C 202 -42.02 -17.16 -21.48
N TYR C 203 -43.17 -17.33 -20.85
CA TYR C 203 -43.97 -18.52 -20.99
C TYR C 203 -45.40 -18.10 -21.30
N GLU C 204 -45.99 -18.73 -22.30
CA GLU C 204 -47.37 -18.44 -22.65
C GLU C 204 -48.23 -19.68 -22.46
N LYS C 205 -49.46 -19.49 -21.98
CA LYS C 205 -50.35 -20.62 -21.74
C LYS C 205 -50.55 -21.44 -23.01
N ASP C 206 -50.35 -22.75 -22.89
CA ASP C 206 -50.50 -23.70 -24.00
C ASP C 206 -49.43 -23.61 -25.10
N LYS C 207 -48.79 -22.46 -25.24
CA LYS C 207 -47.76 -22.32 -26.26
C LYS C 207 -46.35 -22.65 -25.74
N GLY C 208 -46.23 -22.74 -24.42
CA GLY C 208 -44.97 -23.14 -23.80
C GLY C 208 -43.94 -22.04 -23.71
N TRP C 209 -42.69 -22.44 -23.53
CA TRP C 209 -41.59 -21.49 -23.43
C TRP C 209 -41.36 -20.77 -24.76
N GLN C 210 -41.12 -19.47 -24.68
CA GLN C 210 -40.86 -18.67 -25.86
C GLN C 210 -39.36 -18.59 -26.12
N LEU C 211 -38.87 -19.52 -26.94
CA LEU C 211 -37.44 -19.70 -27.11
C LEU C 211 -36.92 -19.32 -28.49
N LYS C 212 -37.76 -18.68 -29.30
CA LYS C 212 -37.29 -18.12 -30.56
C LYS C 212 -36.32 -17.00 -30.25
N ALA C 213 -35.36 -16.76 -31.13
CA ALA C 213 -34.39 -15.69 -30.91
C ALA C 213 -35.08 -14.36 -30.58
N GLU C 214 -34.65 -13.74 -29.48
CA GLU C 214 -35.22 -12.48 -29.01
C GLU C 214 -34.14 -11.67 -28.31
N LYS C 215 -34.37 -10.37 -28.19
CA LYS C 215 -33.37 -9.44 -27.64
C LYS C 215 -32.86 -9.82 -26.25
N THR C 216 -33.77 -10.11 -25.32
CA THR C 216 -33.36 -10.44 -23.95
C THR C 216 -33.16 -11.94 -23.76
N LEU C 217 -33.40 -12.71 -24.81
CA LEU C 217 -33.15 -14.15 -24.75
C LEU C 217 -31.69 -14.46 -25.04
N ILE C 218 -30.82 -13.95 -24.18
CA ILE C 218 -29.41 -14.21 -24.27
C ILE C 218 -28.86 -14.49 -22.87
N SER C 219 -27.77 -15.25 -22.82
CA SER C 219 -27.07 -15.49 -21.57
C SER C 219 -26.00 -14.41 -21.39
N SER C 220 -26.26 -13.43 -20.53
CA SER C 220 -25.27 -12.39 -20.24
C SER C 220 -25.13 -12.12 -18.75
N TYR C 221 -25.43 -10.89 -18.33
CA TYR C 221 -25.15 -10.45 -16.96
C TYR C 221 -26.05 -11.05 -15.89
N ASP C 222 -27.31 -11.28 -16.23
CA ASP C 222 -28.19 -11.95 -15.28
C ASP C 222 -27.87 -13.43 -15.23
N ALA C 223 -27.82 -14.04 -16.41
CA ALA C 223 -27.74 -15.48 -16.54
C ALA C 223 -26.43 -16.11 -16.06
N ILE C 224 -25.34 -15.33 -16.03
CA ILE C 224 -24.04 -15.84 -15.59
C ILE C 224 -24.11 -16.43 -14.17
N ARG C 225 -25.04 -15.94 -13.37
CA ARG C 225 -25.21 -16.42 -12.00
C ARG C 225 -25.81 -17.83 -11.98
N VAL C 226 -26.62 -18.16 -12.98
CA VAL C 226 -27.21 -19.49 -13.07
C VAL C 226 -26.14 -20.58 -12.95
N TYR C 227 -25.07 -20.42 -13.72
CA TYR C 227 -23.98 -21.40 -13.73
C TYR C 227 -23.29 -21.51 -12.37
N MET C 228 -23.11 -20.35 -11.74
CA MET C 228 -22.49 -20.27 -10.43
C MET C 228 -23.35 -20.93 -9.35
N TRP C 229 -24.65 -20.65 -9.33
CA TRP C 229 -25.55 -21.29 -8.37
C TRP C 229 -25.49 -22.81 -8.48
N VAL C 230 -25.50 -23.31 -9.72
CA VAL C 230 -25.40 -24.76 -9.96
C VAL C 230 -24.09 -25.32 -9.41
N GLY C 231 -22.99 -24.61 -9.68
CA GLY C 231 -21.68 -25.00 -9.15
C GLY C 231 -21.66 -25.09 -7.64
N MET C 232 -22.48 -24.28 -6.98
CA MET C 232 -22.48 -24.24 -5.51
C MET C 232 -23.34 -25.33 -4.88
N MET C 233 -24.07 -26.09 -5.70
CA MET C 233 -24.87 -27.19 -5.16
C MET C 233 -23.96 -28.25 -4.56
N PRO C 234 -24.43 -28.95 -3.52
CA PRO C 234 -23.66 -30.06 -2.97
C PRO C 234 -23.58 -31.21 -3.98
N ASP C 235 -22.40 -31.81 -4.10
CA ASP C 235 -22.14 -32.84 -5.11
C ASP C 235 -23.07 -34.03 -4.97
N SER C 236 -23.61 -34.23 -3.77
CA SER C 236 -24.50 -35.36 -3.51
C SER C 236 -25.91 -35.14 -4.05
N ASP C 237 -26.23 -33.92 -4.47
CA ASP C 237 -27.54 -33.66 -5.06
C ASP C 237 -27.57 -34.09 -6.52
N PRO C 238 -28.36 -35.11 -6.85
CA PRO C 238 -28.37 -35.66 -8.20
C PRO C 238 -28.80 -34.64 -9.26
N GLN C 239 -29.54 -33.63 -8.83
CA GLN C 239 -29.94 -32.54 -9.73
C GLN C 239 -28.75 -31.72 -10.23
N LYS C 240 -27.63 -31.72 -9.49
CA LYS C 240 -26.47 -30.89 -9.86
C LYS C 240 -25.85 -31.34 -11.18
N ALA C 241 -25.57 -32.64 -11.27
CA ALA C 241 -25.00 -33.20 -12.49
C ALA C 241 -25.96 -33.06 -13.68
N ARG C 242 -27.26 -33.13 -13.41
CA ARG C 242 -28.25 -32.89 -14.46
C ARG C 242 -28.08 -31.49 -15.06
N MET C 243 -28.03 -30.49 -14.18
CA MET C 243 -27.87 -29.11 -14.62
C MET C 243 -26.48 -28.81 -15.18
N LEU C 244 -25.44 -29.37 -14.58
CA LEU C 244 -24.09 -29.24 -15.11
C LEU C 244 -24.05 -29.69 -16.57
N ASN C 245 -24.61 -30.88 -16.83
CA ASN C 245 -24.64 -31.43 -18.18
C ASN C 245 -25.48 -30.59 -19.15
N ARG C 246 -26.62 -30.09 -18.69
CA ARG C 246 -27.44 -29.20 -19.51
C ARG C 246 -26.67 -27.95 -19.94
N PHE C 247 -25.88 -27.38 -19.03
CA PHE C 247 -25.15 -26.15 -19.30
C PHE C 247 -23.69 -26.41 -19.71
N LYS C 248 -23.38 -27.64 -20.12
CA LYS C 248 -22.01 -27.99 -20.49
C LYS C 248 -21.39 -27.09 -21.57
N PRO C 249 -22.17 -26.65 -22.56
CA PRO C 249 -21.60 -25.78 -23.61
C PRO C 249 -20.95 -24.51 -23.07
N MET C 250 -21.45 -23.96 -21.97
CA MET C 250 -20.82 -22.79 -21.34
C MET C 250 -19.45 -23.14 -20.77
N ALA C 251 -19.35 -24.33 -20.16
CA ALA C 251 -18.07 -24.81 -19.65
C ALA C 251 -17.11 -25.12 -20.80
N THR C 252 -17.65 -25.69 -21.87
CA THR C 252 -16.83 -26.02 -23.04
C THR C 252 -16.25 -24.77 -23.70
N PHE C 253 -17.07 -23.73 -23.81
CA PHE C 253 -16.60 -22.47 -24.39
C PHE C 253 -15.48 -21.86 -23.55
N THR C 254 -15.66 -21.89 -22.24
CA THR C 254 -14.70 -21.28 -21.34
C THR C 254 -13.37 -22.03 -21.35
N GLU C 255 -13.45 -23.37 -21.32
CA GLU C 255 -12.25 -24.19 -21.35
C GLU C 255 -11.47 -23.98 -22.63
N LYS C 256 -12.19 -23.93 -23.75
CA LYS C 256 -11.57 -23.80 -25.06
C LYS C 256 -10.98 -22.41 -25.29
N ASN C 257 -11.59 -21.38 -24.74
CA ASN C 257 -11.18 -20.01 -25.04
C ASN C 257 -10.36 -19.33 -23.97
N GLY C 258 -10.38 -19.87 -22.76
CA GLY C 258 -9.63 -19.27 -21.64
C GLY C 258 -10.44 -18.22 -20.91
N TYR C 259 -11.68 -18.02 -21.35
CA TYR C 259 -12.57 -17.02 -20.77
C TYR C 259 -14.03 -17.33 -21.11
N PRO C 260 -14.96 -16.90 -20.24
CA PRO C 260 -16.37 -17.04 -20.56
C PRO C 260 -16.79 -15.91 -21.49
N PRO C 261 -17.80 -16.16 -22.34
CA PRO C 261 -18.26 -15.14 -23.27
C PRO C 261 -19.10 -14.07 -22.56
N GLU C 262 -19.24 -12.91 -23.18
CA GLU C 262 -20.05 -11.84 -22.60
C GLU C 262 -21.54 -12.08 -22.86
N LYS C 263 -21.87 -12.38 -24.11
CA LYS C 263 -23.26 -12.61 -24.51
C LYS C 263 -23.35 -13.87 -25.35
N VAL C 264 -24.38 -14.69 -25.07
CA VAL C 264 -24.63 -15.87 -25.88
C VAL C 264 -26.11 -15.95 -26.32
N ASP C 265 -26.32 -16.04 -27.63
CA ASP C 265 -27.67 -16.19 -28.17
C ASP C 265 -28.25 -17.53 -27.74
N VAL C 266 -29.32 -17.48 -26.96
CA VAL C 266 -29.89 -18.69 -26.34
C VAL C 266 -30.46 -19.68 -27.36
N ALA C 267 -31.04 -19.15 -28.44
CA ALA C 267 -31.65 -19.98 -29.48
C ALA C 267 -30.65 -20.59 -30.47
N THR C 268 -29.51 -19.91 -30.69
CA THR C 268 -28.53 -20.41 -31.67
C THR C 268 -27.26 -20.93 -31.01
N GLY C 269 -26.96 -20.44 -29.81
CA GLY C 269 -25.72 -20.80 -29.13
C GLY C 269 -24.54 -19.97 -29.61
N LYS C 270 -24.80 -18.95 -30.42
CA LYS C 270 -23.73 -18.09 -30.90
C LYS C 270 -23.22 -17.18 -29.79
N ALA C 271 -21.91 -17.24 -29.54
CA ALA C 271 -21.29 -16.48 -28.46
C ALA C 271 -20.56 -15.24 -28.98
N GLN C 272 -20.56 -14.18 -28.16
CA GLN C 272 -19.88 -12.93 -28.52
C GLN C 272 -19.10 -12.34 -27.36
N GLY C 273 -17.98 -11.70 -27.67
CA GLY C 273 -17.24 -10.91 -26.70
C GLY C 273 -16.56 -11.71 -25.62
N LYS C 274 -16.00 -11.00 -24.66
CA LYS C 274 -15.26 -11.62 -23.57
C LYS C 274 -15.83 -11.14 -22.24
N GLY C 275 -16.34 -12.06 -21.44
CA GLY C 275 -16.91 -11.72 -20.14
C GLY C 275 -15.95 -10.98 -19.22
N PRO C 276 -16.48 -10.06 -18.40
CA PRO C 276 -15.66 -9.35 -17.42
C PRO C 276 -15.18 -10.30 -16.32
N VAL C 277 -14.28 -9.81 -15.46
CA VAL C 277 -13.63 -10.64 -14.44
C VAL C 277 -14.65 -11.36 -13.57
N GLY C 278 -15.76 -10.69 -13.29
CA GLY C 278 -16.84 -11.28 -12.52
C GLY C 278 -17.37 -12.56 -13.13
N PHE C 279 -17.46 -12.60 -14.45
CA PHE C 279 -17.91 -13.80 -15.14
C PHE C 279 -16.95 -14.95 -14.85
N SER C 280 -15.65 -14.66 -14.90
CA SER C 280 -14.64 -15.65 -14.57
C SER C 280 -14.81 -16.13 -13.13
N ALA C 281 -15.06 -15.22 -12.20
CA ALA C 281 -15.27 -15.63 -10.81
C ALA C 281 -16.47 -16.58 -10.71
N ALA C 282 -17.49 -16.34 -11.53
CA ALA C 282 -18.68 -17.17 -11.55
C ALA C 282 -18.41 -18.56 -12.10
N MET C 283 -17.42 -18.67 -12.98
CA MET C 283 -17.04 -19.95 -13.54
C MET C 283 -16.33 -20.87 -12.53
N LEU C 284 -15.84 -20.31 -11.43
CA LEU C 284 -15.00 -21.09 -10.51
C LEU C 284 -15.76 -22.26 -9.85
N PRO C 285 -16.94 -21.99 -9.29
CA PRO C 285 -17.72 -23.09 -8.72
C PRO C 285 -18.27 -24.00 -9.82
N PHE C 286 -18.53 -23.43 -10.99
CA PHE C 286 -19.20 -24.12 -12.10
C PHE C 286 -18.32 -25.13 -12.84
N LEU C 287 -17.08 -24.74 -13.14
CA LEU C 287 -16.15 -25.59 -13.88
C LEU C 287 -15.68 -26.76 -13.05
N GLN C 288 -15.74 -27.96 -13.63
CA GLN C 288 -15.35 -29.16 -12.92
C GLN C 288 -13.94 -29.61 -13.32
N ASN C 289 -13.45 -29.12 -14.45
CA ASN C 289 -12.10 -29.45 -14.91
C ASN C 289 -11.03 -28.64 -14.14
N ARG C 290 -10.07 -29.34 -13.56
CA ARG C 290 -9.07 -28.69 -12.72
C ARG C 290 -8.28 -27.59 -13.44
N ASP C 291 -7.77 -27.90 -14.63
CA ASP C 291 -6.98 -26.92 -15.38
C ASP C 291 -7.78 -25.71 -15.83
N ALA C 292 -8.98 -25.93 -16.36
CA ALA C 292 -9.84 -24.85 -16.83
C ALA C 292 -10.21 -23.93 -15.66
N GLN C 293 -10.49 -24.55 -14.53
CA GLN C 293 -10.78 -23.84 -13.31
C GLN C 293 -9.58 -23.00 -12.86
N ALA C 294 -8.39 -23.58 -12.99
CA ALA C 294 -7.15 -22.88 -12.65
C ALA C 294 -6.86 -21.70 -13.59
N VAL C 295 -7.35 -21.76 -14.81
CA VAL C 295 -7.17 -20.66 -15.76
C VAL C 295 -8.03 -19.47 -15.33
N GLN C 296 -9.24 -19.76 -14.86
CA GLN C 296 -10.16 -18.73 -14.39
C GLN C 296 -9.71 -18.14 -13.06
N ARG C 297 -9.13 -18.98 -12.21
CA ARG C 297 -8.61 -18.55 -10.92
C ARG C 297 -7.52 -17.51 -11.13
N GLN C 298 -6.68 -17.75 -12.14
CA GLN C 298 -5.60 -16.82 -12.47
C GLN C 298 -6.15 -15.49 -12.95
N ARG C 299 -7.16 -15.52 -13.81
CA ARG C 299 -7.72 -14.30 -14.39
C ARG C 299 -8.33 -13.42 -13.30
N VAL C 300 -9.05 -14.04 -12.36
CA VAL C 300 -9.65 -13.31 -11.25
C VAL C 300 -8.59 -12.70 -10.33
N ALA C 301 -7.53 -13.46 -10.04
CA ALA C 301 -6.49 -12.99 -9.13
C ALA C 301 -5.67 -11.87 -9.72
N ASP C 302 -5.41 -11.95 -11.03
CA ASP C 302 -4.59 -10.93 -11.70
C ASP C 302 -5.38 -9.70 -12.17
N ASN C 303 -6.71 -9.77 -12.11
CA ASN C 303 -7.54 -8.64 -12.50
C ASN C 303 -8.61 -8.39 -11.45
N PHE C 304 -8.20 -8.42 -10.18
CA PHE C 304 -9.15 -8.36 -9.09
C PHE C 304 -9.88 -7.02 -9.10
N PRO C 305 -11.21 -7.07 -8.97
CA PRO C 305 -12.01 -5.84 -9.05
C PRO C 305 -11.59 -4.79 -8.05
N GLY C 306 -11.57 -3.54 -8.49
CA GLY C 306 -11.21 -2.40 -7.64
C GLY C 306 -12.45 -1.76 -7.06
N SER C 307 -12.37 -0.44 -6.85
CA SER C 307 -13.42 0.34 -6.20
C SER C 307 -14.54 0.79 -7.13
N ASP C 308 -14.35 0.65 -8.43
CA ASP C 308 -15.36 1.16 -9.37
C ASP C 308 -16.01 0.05 -10.19
N ALA C 309 -16.20 -1.12 -9.57
CA ALA C 309 -16.79 -2.26 -10.27
C ALA C 309 -17.67 -3.09 -9.35
N TYR C 310 -18.82 -2.53 -8.99
CA TYR C 310 -19.71 -3.20 -8.06
C TYR C 310 -20.14 -4.59 -8.52
N TYR C 311 -20.59 -4.72 -9.78
CA TYR C 311 -21.07 -6.01 -10.26
C TYR C 311 -19.99 -7.08 -10.25
N ASN C 312 -18.81 -6.73 -10.76
CA ASN C 312 -17.69 -7.66 -10.80
C ASN C 312 -17.29 -8.09 -9.41
N TYR C 313 -17.36 -7.16 -8.47
CA TYR C 313 -16.97 -7.43 -7.10
C TYR C 313 -17.94 -8.38 -6.41
N VAL C 314 -19.24 -8.14 -6.54
CA VAL C 314 -20.20 -9.06 -5.91
C VAL C 314 -20.10 -10.49 -6.47
N LEU C 315 -19.88 -10.60 -7.78
CA LEU C 315 -19.70 -11.91 -8.41
C LEU C 315 -18.45 -12.60 -7.86
N THR C 316 -17.40 -11.81 -7.66
CA THR C 316 -16.16 -12.33 -7.12
C THR C 316 -16.30 -12.79 -5.66
N LEU C 317 -17.07 -12.06 -4.86
CA LEU C 317 -17.33 -12.50 -3.49
C LEU C 317 -17.99 -13.87 -3.45
N PHE C 318 -18.97 -14.10 -4.30
CA PHE C 318 -19.63 -15.40 -4.40
C PHE C 318 -18.67 -16.46 -4.97
N GLY C 319 -18.14 -16.18 -6.15
CA GLY C 319 -17.37 -17.18 -6.91
C GLY C 319 -16.01 -17.51 -6.34
N GLN C 320 -15.18 -16.48 -6.13
CA GLN C 320 -13.88 -16.69 -5.50
C GLN C 320 -14.08 -17.05 -4.04
N GLY C 321 -15.12 -16.50 -3.43
CA GLY C 321 -15.42 -16.85 -2.04
C GLY C 321 -15.62 -18.36 -1.91
N TRP C 322 -16.42 -18.91 -2.81
CA TRP C 322 -16.70 -20.33 -2.81
C TRP C 322 -15.41 -21.10 -3.15
N ASP C 323 -14.66 -20.57 -4.11
CA ASP C 323 -13.37 -21.15 -4.47
C ASP C 323 -12.40 -21.19 -3.29
N GLN C 324 -12.54 -20.23 -2.37
CA GLN C 324 -11.67 -20.18 -1.19
C GLN C 324 -12.37 -20.66 0.07
N HIS C 325 -13.45 -21.42 -0.10
CA HIS C 325 -14.14 -22.05 1.02
C HIS C 325 -14.67 -21.03 2.04
N ARG C 326 -15.16 -19.90 1.57
CA ARG C 326 -15.69 -18.87 2.48
C ARG C 326 -17.07 -19.27 3.02
N PHE C 327 -17.67 -20.27 2.40
CA PHE C 327 -19.00 -20.74 2.76
C PHE C 327 -19.32 -21.97 1.93
N ARG C 328 -20.15 -22.85 2.49
CA ARG C 328 -20.66 -24.01 1.77
C ARG C 328 -22.16 -24.13 2.02
N PHE C 329 -22.86 -24.85 1.15
CA PHE C 329 -24.27 -25.14 1.35
C PHE C 329 -24.50 -26.63 1.68
N SER C 330 -25.40 -26.90 2.62
CA SER C 330 -25.76 -28.28 2.96
C SER C 330 -26.76 -28.86 1.96
N THR C 331 -27.01 -30.16 2.07
CA THR C 331 -27.94 -30.85 1.17
C THR C 331 -29.37 -30.34 1.39
N LYS C 332 -29.57 -29.64 2.50
CA LYS C 332 -30.88 -29.04 2.78
C LYS C 332 -30.86 -27.54 2.49
N GLY C 333 -29.81 -27.06 1.85
CA GLY C 333 -29.72 -25.67 1.43
C GLY C 333 -29.30 -24.71 2.55
N GLU C 334 -28.81 -25.26 3.66
CA GLU C 334 -28.38 -24.43 4.78
C GLU C 334 -26.93 -23.95 4.62
N LEU C 335 -26.64 -22.78 5.17
CA LEU C 335 -25.25 -22.31 5.24
C LEU C 335 -24.42 -23.23 6.13
N LEU C 336 -23.33 -23.73 5.57
CA LEU C 336 -22.32 -24.43 6.36
C LEU C 336 -21.18 -23.44 6.53
N PRO C 337 -21.19 -22.68 7.64
CA PRO C 337 -20.29 -21.55 7.70
C PRO C 337 -18.84 -21.96 7.91
N ASP C 338 -17.92 -21.11 7.45
CA ASP C 338 -16.51 -21.26 7.76
C ASP C 338 -16.13 -20.06 8.62
N TRP C 339 -16.23 -20.24 9.93
CA TRP C 339 -16.04 -19.13 10.87
C TRP C 339 -14.81 -19.33 11.76
N CYS D 2 1.97 -8.72 -19.45
CA CYS D 2 1.87 -10.11 -18.90
C CYS D 2 2.88 -10.33 -17.77
N THR D 3 2.38 -10.38 -16.54
CA THR D 3 3.25 -10.64 -15.38
C THR D 3 2.69 -11.70 -14.44
N TRP D 4 3.56 -12.25 -13.60
CA TRP D 4 3.16 -13.16 -12.54
C TRP D 4 3.41 -12.47 -11.21
N PRO D 5 2.37 -11.82 -10.66
CA PRO D 5 2.49 -10.96 -9.48
C PRO D 5 3.34 -11.56 -8.36
N ALA D 6 3.05 -12.80 -7.98
CA ALA D 6 3.77 -13.44 -6.89
C ALA D 6 5.28 -13.49 -7.16
N TRP D 7 5.64 -13.74 -8.40
CA TRP D 7 7.05 -13.80 -8.81
C TRP D 7 7.69 -12.40 -8.75
N GLU D 8 6.98 -11.40 -9.28
CA GLU D 8 7.46 -10.01 -9.25
C GLU D 8 7.74 -9.55 -7.82
N GLN D 9 6.88 -9.96 -6.89
CA GLN D 9 7.06 -9.58 -5.50
C GLN D 9 8.22 -10.35 -4.88
N PHE D 10 8.42 -11.59 -5.34
CA PHE D 10 9.53 -12.41 -4.84
C PHE D 10 10.87 -11.83 -5.28
N LYS D 11 10.96 -11.42 -6.55
CA LYS D 11 12.14 -10.74 -7.05
C LYS D 11 12.45 -9.54 -6.18
N LYS D 12 11.45 -8.67 -6.03
CA LYS D 12 11.66 -7.42 -5.30
C LYS D 12 12.12 -7.67 -3.86
N ASP D 13 11.66 -8.77 -3.27
CA ASP D 13 11.92 -9.03 -1.85
C ASP D 13 13.10 -9.97 -1.57
N TYR D 14 13.49 -10.78 -2.55
CA TYR D 14 14.47 -11.85 -2.30
C TYR D 14 15.64 -11.93 -3.27
N ILE D 15 15.53 -11.26 -4.42
CA ILE D 15 16.57 -11.35 -5.45
C ILE D 15 17.32 -10.02 -5.63
N SER D 16 18.63 -10.03 -5.37
CA SER D 16 19.44 -8.82 -5.47
C SER D 16 19.57 -8.35 -6.92
N GLN D 17 20.03 -7.12 -7.10
CA GLN D 17 20.24 -6.59 -8.45
C GLN D 17 21.25 -7.43 -9.25
N GLU D 18 22.05 -8.21 -8.53
CA GLU D 18 23.12 -8.99 -9.15
C GLU D 18 22.66 -10.41 -9.51
N GLY D 19 21.48 -10.78 -9.04
CA GLY D 19 20.86 -12.04 -9.44
C GLY D 19 20.93 -13.17 -8.44
N ARG D 20 21.14 -12.84 -7.16
CA ARG D 20 21.19 -13.89 -6.14
C ARG D 20 19.94 -13.88 -5.27
N VAL D 21 19.41 -15.08 -5.06
CA VAL D 21 18.24 -15.31 -4.21
C VAL D 21 18.70 -15.41 -2.77
N ILE D 22 18.09 -14.64 -1.88
CA ILE D 22 18.60 -14.54 -0.51
C ILE D 22 17.60 -15.01 0.55
N ASP D 23 18.10 -15.81 1.49
CA ASP D 23 17.29 -16.26 2.62
C ASP D 23 17.59 -15.33 3.79
N PRO D 24 16.66 -14.41 4.08
CA PRO D 24 16.85 -13.34 5.07
C PRO D 24 16.82 -13.83 6.51
N SER D 25 16.25 -15.01 6.74
CA SER D 25 16.10 -15.52 8.10
C SER D 25 17.47 -15.77 8.73
N ASP D 26 18.40 -16.25 7.91
CA ASP D 26 19.73 -16.61 8.40
C ASP D 26 20.63 -15.39 8.65
N ALA D 27 21.40 -15.47 9.73
CA ALA D 27 22.35 -14.39 10.06
C ALA D 27 23.30 -14.05 8.89
N ARG D 28 23.65 -15.06 8.11
CA ARG D 28 24.60 -14.90 7.00
C ARG D 28 23.95 -14.48 5.68
N LYS D 29 22.65 -14.18 5.70
CA LYS D 29 21.95 -13.77 4.48
C LYS D 29 22.37 -14.64 3.29
N ILE D 30 22.15 -15.94 3.46
CA ILE D 30 22.67 -16.95 2.55
C ILE D 30 21.98 -17.09 1.18
N THR D 31 22.73 -17.64 0.22
CA THR D 31 22.19 -18.05 -1.06
C THR D 31 22.53 -19.51 -1.28
N THR D 32 21.56 -20.29 -1.76
CA THR D 32 21.77 -21.72 -2.02
C THR D 32 21.59 -22.04 -3.49
N SER D 33 22.12 -23.18 -3.92
CA SER D 33 21.94 -23.61 -5.31
C SER D 33 20.48 -23.95 -5.57
N GLN D 34 19.78 -24.40 -4.53
CA GLN D 34 18.35 -24.63 -4.63
C GLN D 34 17.62 -23.32 -4.95
N GLY D 35 17.95 -22.26 -4.22
CA GLY D 35 17.32 -20.95 -4.44
C GLY D 35 17.55 -20.41 -5.83
N GLN D 36 18.80 -20.51 -6.30
CA GLN D 36 19.12 -20.13 -7.67
C GLN D 36 18.30 -20.94 -8.68
N SER D 37 18.24 -22.26 -8.47
CA SER D 37 17.50 -23.12 -9.40
C SER D 37 16.02 -22.75 -9.41
N TYR D 38 15.46 -22.44 -8.24
CA TYR D 38 14.07 -22.00 -8.15
C TYR D 38 13.89 -20.66 -8.84
N GLY D 39 14.86 -19.77 -8.70
CA GLY D 39 14.82 -18.49 -9.38
C GLY D 39 14.77 -18.66 -10.87
N MET D 40 15.69 -19.46 -11.41
CA MET D 40 15.71 -19.75 -12.83
C MET D 40 14.38 -20.36 -13.30
N PHE D 41 13.88 -21.33 -12.54
CA PHE D 41 12.62 -21.97 -12.90
C PHE D 41 11.48 -20.98 -12.96
N SER D 42 11.33 -20.21 -11.89
CA SER D 42 10.24 -19.25 -11.79
C SER D 42 10.37 -18.18 -12.87
N ALA D 43 11.60 -17.78 -13.17
CA ALA D 43 11.84 -16.78 -14.19
C ALA D 43 11.41 -17.30 -15.55
N LEU D 44 11.78 -18.54 -15.83
CA LEU D 44 11.37 -19.20 -17.06
C LEU D 44 9.85 -19.30 -17.13
N ALA D 45 9.24 -19.77 -16.04
CA ALA D 45 7.79 -19.93 -15.98
C ALA D 45 7.07 -18.62 -16.28
N ALA D 46 7.63 -17.53 -15.79
CA ALA D 46 7.02 -16.22 -15.93
C ALA D 46 7.43 -15.52 -17.22
N ASN D 47 8.25 -16.19 -18.02
CA ASN D 47 8.77 -15.60 -19.27
C ASN D 47 9.61 -14.37 -19.00
N ASP D 48 10.35 -14.44 -17.90
CA ASP D 48 11.18 -13.33 -17.48
C ASP D 48 12.62 -13.60 -17.91
N ARG D 49 12.94 -13.29 -19.15
CA ARG D 49 14.28 -13.57 -19.70
C ARG D 49 15.37 -12.81 -18.94
N ALA D 50 15.17 -11.51 -18.75
CA ALA D 50 16.17 -10.67 -18.10
C ALA D 50 16.54 -11.16 -16.70
N ALA D 51 15.54 -11.55 -15.92
CA ALA D 51 15.80 -12.09 -14.59
C ALA D 51 16.52 -13.44 -14.69
N PHE D 52 16.17 -14.22 -15.69
CA PHE D 52 16.77 -15.53 -15.88
C PHE D 52 18.28 -15.38 -16.12
N ASP D 53 18.63 -14.51 -17.06
CA ASP D 53 20.02 -14.27 -17.40
C ASP D 53 20.79 -13.80 -16.18
N ASN D 54 20.24 -12.82 -15.48
CA ASN D 54 20.88 -12.24 -14.30
C ASN D 54 21.12 -13.30 -13.23
N ILE D 55 20.13 -14.16 -13.02
CA ILE D 55 20.25 -15.23 -12.02
C ILE D 55 21.26 -16.29 -12.47
N LEU D 56 21.30 -16.56 -13.77
CA LEU D 56 22.26 -17.49 -14.33
C LEU D 56 23.68 -16.93 -14.16
N ASP D 57 23.84 -15.66 -14.52
CA ASP D 57 25.14 -14.99 -14.41
C ASP D 57 25.70 -15.15 -13.01
N TRP D 58 24.89 -14.83 -12.01
CA TRP D 58 25.35 -14.88 -10.63
C TRP D 58 25.75 -16.30 -10.27
N THR D 59 24.87 -17.25 -10.57
CA THR D 59 25.12 -18.64 -10.26
C THR D 59 26.45 -19.13 -10.84
N GLN D 60 26.69 -18.82 -12.11
CA GLN D 60 27.91 -19.24 -12.79
C GLN D 60 29.14 -18.66 -12.10
N ASN D 61 29.18 -17.33 -12.00
CA ASN D 61 30.31 -16.62 -11.43
C ASN D 61 30.57 -16.90 -9.95
N ASN D 62 29.50 -17.09 -9.19
CA ASN D 62 29.64 -17.19 -7.74
C ASN D 62 29.58 -18.59 -7.13
N LEU D 63 28.91 -19.51 -7.82
CA LEU D 63 28.77 -20.88 -7.31
C LEU D 63 29.57 -21.92 -8.11
N ALA D 64 29.88 -21.61 -9.37
CA ALA D 64 30.62 -22.54 -10.21
C ALA D 64 31.91 -21.91 -10.73
N GLN D 65 32.54 -21.08 -9.89
CA GLN D 65 33.78 -20.38 -10.23
C GLN D 65 33.88 -19.97 -11.69
N GLY D 66 32.77 -19.51 -12.26
CA GLY D 66 32.78 -18.98 -13.62
C GLY D 66 31.98 -19.75 -14.65
N SER D 67 31.86 -21.06 -14.47
CA SER D 67 31.15 -21.89 -15.47
C SER D 67 30.54 -23.18 -14.92
N LEU D 68 29.23 -23.33 -15.14
CA LEU D 68 28.52 -24.56 -14.78
C LEU D 68 28.92 -25.70 -15.72
N LYS D 69 29.56 -25.36 -16.83
CA LYS D 69 30.06 -26.39 -17.74
C LYS D 69 31.23 -27.12 -17.11
N GLU D 70 31.94 -26.43 -16.21
CA GLU D 70 33.19 -26.95 -15.67
C GLU D 70 33.04 -27.62 -14.30
N ARG D 71 31.93 -27.34 -13.61
CA ARG D 71 31.73 -27.91 -12.28
C ARG D 71 30.29 -27.80 -11.80
N LEU D 72 29.98 -28.55 -10.74
CA LEU D 72 28.68 -28.48 -10.11
C LEU D 72 28.71 -27.35 -9.08
N PRO D 73 27.61 -26.60 -8.98
CA PRO D 73 27.60 -25.40 -8.15
C PRO D 73 27.66 -25.71 -6.65
N ALA D 74 28.43 -24.93 -5.91
CA ALA D 74 28.43 -25.03 -4.45
C ALA D 74 27.01 -24.78 -3.99
N TRP D 75 26.64 -25.36 -2.85
CA TRP D 75 25.27 -25.27 -2.40
C TRP D 75 25.05 -24.09 -1.46
N LEU D 76 26.13 -23.59 -0.86
CA LEU D 76 26.00 -22.55 0.17
C LEU D 76 26.96 -21.37 -0.03
N TRP D 77 26.39 -20.17 -0.05
CA TRP D 77 27.15 -18.94 -0.27
C TRP D 77 26.63 -17.89 0.72
N GLY D 78 27.52 -17.24 1.45
CA GLY D 78 27.07 -16.30 2.48
C GLY D 78 28.16 -15.52 3.18
N LYS D 79 27.75 -14.66 4.11
CA LYS D 79 28.66 -13.77 4.81
C LYS D 79 29.50 -14.50 5.85
N LYS D 80 30.81 -14.37 5.72
CA LYS D 80 31.74 -14.90 6.71
C LYS D 80 31.94 -13.91 7.85
N GLU D 81 32.43 -14.39 8.99
CA GLU D 81 32.66 -13.54 10.15
C GLU D 81 33.62 -12.38 9.84
N ASN D 82 34.50 -12.59 8.87
CA ASN D 82 35.46 -11.55 8.47
C ASN D 82 34.80 -10.48 7.59
N SER D 83 33.47 -10.50 7.54
CA SER D 83 32.69 -9.50 6.80
C SER D 83 32.67 -9.72 5.29
N LYS D 84 33.41 -10.72 4.82
CA LYS D 84 33.45 -11.02 3.39
C LYS D 84 32.37 -12.02 2.99
N TRP D 85 31.87 -11.87 1.76
CA TRP D 85 30.82 -12.72 1.21
C TRP D 85 31.39 -13.69 0.18
N GLU D 86 31.36 -14.98 0.50
CA GLU D 86 31.89 -16.00 -0.42
C GLU D 86 31.23 -17.37 -0.22
N VAL D 87 31.74 -18.37 -0.94
CA VAL D 87 31.26 -19.74 -0.79
C VAL D 87 31.51 -20.23 0.63
N LEU D 88 30.50 -20.83 1.24
CA LEU D 88 30.62 -21.35 2.60
C LEU D 88 30.84 -22.87 2.58
N ASP D 89 30.35 -23.51 1.54
CA ASP D 89 30.52 -24.96 1.39
C ASP D 89 30.46 -25.31 -0.09
N SER D 90 31.54 -25.89 -0.62
CA SER D 90 31.68 -26.13 -2.05
C SER D 90 30.96 -27.38 -2.52
N ASN D 91 30.53 -28.20 -1.56
CA ASN D 91 29.80 -29.40 -1.92
C ASN D 91 28.48 -29.03 -2.61
N SER D 92 28.07 -29.88 -3.55
CA SER D 92 26.85 -29.67 -4.30
C SER D 92 25.63 -30.42 -3.76
N ALA D 93 24.47 -29.80 -3.89
CA ALA D 93 23.18 -30.43 -3.58
C ALA D 93 22.41 -30.80 -4.85
N SER D 94 22.04 -32.07 -4.95
CA SER D 94 21.43 -32.59 -6.18
C SER D 94 20.15 -31.90 -6.61
N ASP D 95 19.28 -31.61 -5.65
CA ASP D 95 17.99 -31.01 -6.00
C ASP D 95 18.19 -29.74 -6.81
N GLY D 96 19.04 -28.83 -6.32
CA GLY D 96 19.35 -27.61 -7.06
C GLY D 96 19.98 -27.93 -8.40
N ASP D 97 20.84 -28.94 -8.41
CA ASP D 97 21.52 -29.35 -9.62
C ASP D 97 20.55 -29.73 -10.74
N VAL D 98 19.59 -30.59 -10.42
CA VAL D 98 18.64 -31.07 -11.42
C VAL D 98 17.70 -29.98 -11.92
N TRP D 99 17.21 -29.13 -11.01
CA TRP D 99 16.32 -28.04 -11.39
C TRP D 99 17.03 -27.01 -12.26
N MET D 100 18.31 -26.78 -11.99
CA MET D 100 19.10 -25.90 -12.84
C MET D 100 19.22 -26.45 -14.26
N ALA D 101 19.60 -27.72 -14.36
CA ALA D 101 19.75 -28.38 -15.65
C ALA D 101 18.44 -28.37 -16.43
N TRP D 102 17.38 -28.85 -15.80
CA TRP D 102 16.07 -28.85 -16.44
C TRP D 102 15.71 -27.46 -16.95
N SER D 103 15.82 -26.47 -16.06
CA SER D 103 15.45 -25.10 -16.40
C SER D 103 16.23 -24.60 -17.61
N LEU D 104 17.54 -24.81 -17.58
CA LEU D 104 18.41 -24.35 -18.68
C LEU D 104 18.03 -25.02 -19.98
N LEU D 105 17.82 -26.34 -19.92
CA LEU D 105 17.45 -27.10 -21.10
C LEU D 105 16.12 -26.61 -21.69
N GLU D 106 15.15 -26.36 -20.82
CA GLU D 106 13.84 -25.90 -21.29
C GLU D 106 13.92 -24.46 -21.78
N ALA D 107 14.78 -23.66 -21.15
CA ALA D 107 15.02 -22.29 -21.56
C ALA D 107 15.61 -22.25 -22.96
N GLY D 108 16.63 -23.07 -23.20
CA GLY D 108 17.24 -23.18 -24.52
C GLY D 108 16.24 -23.64 -25.56
N ARG D 109 15.44 -24.64 -25.18
CA ARG D 109 14.41 -25.19 -26.05
C ARG D 109 13.29 -24.18 -26.34
N LEU D 110 12.84 -23.49 -25.29
CA LEU D 110 11.69 -22.61 -25.41
C LEU D 110 12.03 -21.21 -25.92
N TRP D 111 13.19 -20.69 -25.51
CA TRP D 111 13.62 -19.39 -25.98
C TRP D 111 14.51 -19.50 -27.20
N LYS D 112 14.72 -20.73 -27.66
CA LYS D 112 15.55 -20.99 -28.83
C LYS D 112 16.92 -20.32 -28.68
N GLU D 113 17.61 -20.63 -27.58
CA GLU D 113 18.96 -20.14 -27.38
C GLU D 113 19.91 -21.30 -27.11
N GLN D 114 20.86 -21.49 -28.01
CA GLN D 114 21.78 -22.62 -27.94
C GLN D 114 22.63 -22.60 -26.67
N ARG D 115 22.93 -21.39 -26.18
CA ARG D 115 23.80 -21.24 -25.03
C ARG D 115 23.25 -21.94 -23.80
N TYR D 116 21.94 -21.83 -23.57
CA TYR D 116 21.28 -22.50 -22.44
C TYR D 116 21.30 -24.00 -22.64
N THR D 117 20.99 -24.45 -23.84
CA THR D 117 21.04 -25.88 -24.17
C THR D 117 22.43 -26.43 -23.91
N ASP D 118 23.45 -25.72 -24.38
CA ASP D 118 24.83 -26.14 -24.17
C ASP D 118 25.16 -26.24 -22.69
N ILE D 119 24.89 -25.17 -21.95
CA ILE D 119 25.21 -25.12 -20.52
C ILE D 119 24.41 -26.17 -19.76
N GLY D 120 23.13 -26.29 -20.07
CA GLY D 120 22.27 -27.26 -19.40
C GLY D 120 22.62 -28.69 -19.78
N SER D 121 22.81 -28.92 -21.07
CA SER D 121 23.12 -30.27 -21.55
C SER D 121 24.45 -30.76 -21.02
N ALA D 122 25.29 -29.83 -20.55
CA ALA D 122 26.60 -30.18 -19.99
C ALA D 122 26.53 -30.40 -18.49
N LEU D 123 25.69 -29.62 -17.81
CA LEU D 123 25.55 -29.73 -16.37
C LEU D 123 24.88 -31.04 -15.99
N LEU D 124 24.00 -31.52 -16.85
CA LEU D 124 23.31 -32.79 -16.64
C LEU D 124 24.33 -33.93 -16.69
N LYS D 125 25.04 -34.01 -17.81
CA LYS D 125 26.09 -35.02 -17.98
C LYS D 125 26.95 -35.11 -16.73
N ARG D 126 27.27 -33.95 -16.15
CA ARG D 126 28.16 -33.91 -14.99
C ARG D 126 27.48 -34.38 -13.71
N ILE D 127 26.20 -34.06 -13.55
CA ILE D 127 25.43 -34.59 -12.44
C ILE D 127 25.45 -36.11 -12.53
N ALA D 128 25.26 -36.60 -13.76
CA ALA D 128 25.28 -38.03 -14.02
C ALA D 128 26.60 -38.67 -13.60
N ARG D 129 27.71 -38.09 -14.04
CA ARG D 129 29.03 -38.65 -13.75
C ARG D 129 29.44 -38.50 -12.28
N GLU D 130 29.15 -37.34 -11.68
CA GLU D 130 29.67 -37.02 -10.35
C GLU D 130 28.78 -37.32 -9.15
N GLU D 131 27.46 -37.34 -9.33
CA GLU D 131 26.57 -37.64 -8.20
C GLU D 131 25.51 -38.73 -8.45
N VAL D 132 25.68 -39.48 -9.53
CA VAL D 132 24.83 -40.65 -9.77
C VAL D 132 25.67 -41.91 -9.75
N VAL D 133 25.40 -42.80 -8.79
CA VAL D 133 26.20 -44.01 -8.63
C VAL D 133 25.38 -45.29 -8.83
N THR D 134 26.07 -46.43 -8.81
CA THR D 134 25.43 -47.73 -8.94
C THR D 134 25.35 -48.41 -7.57
N VAL D 135 24.14 -48.69 -7.11
CA VAL D 135 23.93 -49.30 -5.81
C VAL D 135 23.34 -50.70 -5.98
N PRO D 136 24.04 -51.73 -5.44
CA PRO D 136 23.63 -53.13 -5.58
C PRO D 136 22.31 -53.43 -4.89
N GLY D 137 21.32 -53.87 -5.68
CA GLY D 137 19.99 -54.16 -5.16
C GLY D 137 18.98 -53.11 -5.61
N LEU D 138 19.45 -52.13 -6.38
CA LEU D 138 18.58 -51.06 -6.87
C LEU D 138 18.94 -50.65 -8.31
N GLY D 139 20.18 -50.23 -8.51
CA GLY D 139 20.65 -49.73 -9.80
C GLY D 139 21.22 -48.34 -9.67
N SER D 140 21.12 -47.54 -10.74
CA SER D 140 21.50 -46.13 -10.69
C SER D 140 20.67 -45.39 -9.64
N MET D 141 21.34 -44.56 -8.85
CA MET D 141 20.65 -43.77 -7.84
C MET D 141 21.23 -42.36 -7.78
N LEU D 142 20.36 -41.37 -7.60
CA LEU D 142 20.81 -40.00 -7.44
C LEU D 142 21.24 -39.75 -5.99
N LEU D 143 22.51 -39.41 -5.81
CA LEU D 143 23.02 -39.01 -4.51
C LEU D 143 22.58 -37.57 -4.25
N PRO D 144 22.29 -37.25 -2.99
CA PRO D 144 21.93 -35.90 -2.56
C PRO D 144 23.03 -34.86 -2.84
N GLY D 145 24.28 -35.32 -2.89
CA GLY D 145 25.42 -34.42 -3.16
C GLY D 145 26.64 -35.16 -3.70
N LYS D 146 27.62 -34.41 -4.19
CA LYS D 146 28.81 -35.05 -4.76
C LYS D 146 29.56 -35.86 -3.70
N VAL D 147 29.47 -35.41 -2.45
CA VAL D 147 30.17 -36.08 -1.36
C VAL D 147 29.33 -36.08 -0.08
N GLY D 148 29.65 -37.00 0.82
CA GLY D 148 29.05 -36.99 2.16
C GLY D 148 27.85 -37.90 2.37
N PHE D 149 27.31 -38.46 1.30
CA PHE D 149 26.15 -39.35 1.43
C PHE D 149 26.45 -40.78 0.99
N ALA D 150 27.62 -40.99 0.40
CA ALA D 150 28.00 -42.31 -0.09
C ALA D 150 29.00 -42.98 0.84
N GLU D 151 29.02 -44.31 0.80
CA GLU D 151 29.88 -45.10 1.65
C GLU D 151 30.06 -46.51 1.08
N ASP D 152 30.74 -47.36 1.82
CA ASP D 152 31.01 -48.72 1.37
C ASP D 152 29.77 -49.61 1.50
N ASN D 153 29.14 -49.56 2.67
CA ASN D 153 28.04 -50.46 2.97
C ASN D 153 26.66 -49.79 3.04
N SER D 154 26.64 -48.46 3.03
CA SER D 154 25.39 -47.72 3.23
C SER D 154 25.31 -46.46 2.37
N TRP D 155 24.10 -46.10 1.98
CA TRP D 155 23.85 -44.87 1.21
C TRP D 155 22.69 -44.08 1.78
N ARG D 156 22.69 -42.77 1.54
CA ARG D 156 21.65 -41.90 2.07
C ARG D 156 20.96 -41.15 0.93
N PHE D 157 19.63 -41.06 1.00
CA PHE D 157 18.87 -40.47 -0.10
C PHE D 157 17.81 -39.47 0.38
N ASN D 158 17.39 -38.61 -0.54
CA ASN D 158 16.36 -37.63 -0.27
C ASN D 158 15.28 -37.68 -1.35
N PRO D 159 14.16 -38.35 -1.04
CA PRO D 159 13.06 -38.61 -1.97
C PRO D 159 12.48 -37.33 -2.58
N SER D 160 12.69 -36.19 -1.92
CA SER D 160 12.19 -34.92 -2.42
C SER D 160 13.06 -34.29 -3.52
N TYR D 161 14.25 -34.84 -3.71
CA TYR D 161 15.23 -34.23 -4.63
C TYR D 161 14.89 -34.34 -6.10
N LEU D 162 14.38 -35.50 -6.52
CA LEU D 162 14.04 -35.69 -7.93
C LEU D 162 12.54 -35.86 -8.19
N PRO D 163 11.90 -34.78 -8.70
CA PRO D 163 10.47 -34.83 -9.05
C PRO D 163 10.24 -35.80 -10.21
N PRO D 164 9.19 -36.62 -10.11
CA PRO D 164 8.88 -37.58 -11.17
C PRO D 164 8.81 -36.95 -12.56
N THR D 165 8.34 -35.71 -12.64
CA THR D 165 8.20 -35.03 -13.92
C THR D 165 9.56 -34.72 -14.55
N LEU D 166 10.57 -34.45 -13.72
CA LEU D 166 11.91 -34.16 -14.23
C LEU D 166 12.64 -35.45 -14.62
N ALA D 167 12.40 -36.52 -13.88
CA ALA D 167 12.96 -37.83 -14.22
C ALA D 167 12.49 -38.24 -15.60
N GLN D 168 11.21 -38.01 -15.86
CA GLN D 168 10.63 -38.33 -17.16
C GLN D 168 11.29 -37.52 -18.27
N TYR D 169 11.50 -36.25 -18.02
CA TYR D 169 12.11 -35.37 -19.01
C TYR D 169 13.53 -35.79 -19.32
N PHE D 170 14.22 -36.28 -18.31
CA PHE D 170 15.64 -36.61 -18.40
C PHE D 170 15.93 -37.91 -19.16
N THR D 171 14.94 -38.80 -19.23
CA THR D 171 15.13 -40.06 -19.95
C THR D 171 15.54 -39.81 -21.40
N ARG D 172 15.07 -38.70 -21.97
CA ARG D 172 15.36 -38.38 -23.36
C ARG D 172 16.86 -38.31 -23.64
N PHE D 173 17.67 -38.42 -22.60
CA PHE D 173 19.12 -38.36 -22.75
C PHE D 173 19.79 -39.68 -22.41
N GLY D 174 18.99 -40.75 -22.40
CA GLY D 174 19.51 -42.09 -22.17
C GLY D 174 20.11 -42.30 -20.79
N ALA D 175 20.96 -43.32 -20.69
CA ALA D 175 21.64 -43.66 -19.45
C ALA D 175 22.36 -42.45 -18.86
N PRO D 176 22.36 -42.34 -17.53
CA PRO D 176 21.70 -43.30 -16.65
C PRO D 176 20.27 -42.89 -16.32
N TRP D 177 19.74 -41.91 -17.04
CA TRP D 177 18.46 -41.30 -16.67
C TRP D 177 17.27 -42.22 -16.94
N THR D 178 17.38 -43.07 -17.96
CA THR D 178 16.34 -44.05 -18.25
C THR D 178 16.14 -44.94 -17.02
N THR D 179 17.25 -45.44 -16.49
CA THR D 179 17.23 -46.26 -15.29
C THR D 179 16.72 -45.46 -14.09
N LEU D 180 17.19 -44.23 -13.96
CA LEU D 180 16.87 -43.38 -12.81
C LEU D 180 15.36 -43.10 -12.65
N ARG D 181 14.66 -42.94 -13.77
CA ARG D 181 13.22 -42.75 -13.73
C ARG D 181 12.53 -43.86 -12.95
N GLU D 182 12.97 -45.10 -13.18
CA GLU D 182 12.39 -46.26 -12.49
C GLU D 182 12.92 -46.36 -11.07
N THR D 183 14.19 -46.04 -10.92
CA THR D 183 14.85 -46.07 -9.61
C THR D 183 14.20 -45.07 -8.67
N ASN D 184 13.89 -43.90 -9.21
CA ASN D 184 13.26 -42.83 -8.45
C ASN D 184 11.89 -43.28 -7.90
N GLN D 185 11.10 -43.92 -8.75
CA GLN D 185 9.79 -44.41 -8.33
C GLN D 185 9.91 -45.41 -7.18
N ARG D 186 10.94 -46.25 -7.22
CA ARG D 186 11.17 -47.22 -6.17
C ARG D 186 11.48 -46.51 -4.86
N LEU D 187 12.30 -45.48 -4.94
CA LEU D 187 12.64 -44.68 -3.77
C LEU D 187 11.38 -44.12 -3.09
N LEU D 188 10.51 -43.51 -3.88
CA LEU D 188 9.30 -42.88 -3.35
C LEU D 188 8.34 -43.89 -2.73
N LEU D 189 8.11 -44.99 -3.44
CA LEU D 189 7.08 -45.97 -3.07
C LEU D 189 7.47 -46.87 -1.89
N GLU D 190 8.75 -47.23 -1.83
CA GLU D 190 9.19 -48.24 -0.86
C GLU D 190 9.58 -47.67 0.51
N THR D 191 9.65 -46.34 0.62
CA THR D 191 10.11 -45.73 1.87
C THR D 191 9.01 -45.06 2.69
N ALA D 192 7.76 -45.33 2.33
CA ALA D 192 6.62 -44.74 3.04
C ALA D 192 5.68 -45.80 3.62
N PRO D 193 6.20 -46.63 4.54
CA PRO D 193 5.42 -47.74 5.12
C PRO D 193 4.07 -47.32 5.73
N LYS D 194 3.91 -46.05 6.07
CA LYS D 194 2.67 -45.59 6.70
C LYS D 194 2.01 -44.45 5.95
N GLY D 195 2.43 -44.25 4.71
CA GLY D 195 1.82 -43.25 3.83
C GLY D 195 2.46 -41.88 3.89
N PHE D 196 3.59 -41.78 4.58
CA PHE D 196 4.31 -40.51 4.71
C PHE D 196 5.77 -40.66 4.27
N SER D 197 6.17 -39.85 3.29
CA SER D 197 7.54 -39.90 2.77
C SER D 197 8.51 -39.21 3.74
N PRO D 198 9.71 -39.80 3.91
CA PRO D 198 10.68 -39.25 4.85
C PRO D 198 11.59 -38.21 4.22
N ASP D 199 12.04 -37.24 5.03
CA ASP D 199 13.00 -36.23 4.59
C ASP D 199 14.25 -36.91 4.07
N TRP D 200 14.81 -37.81 4.89
CA TRP D 200 16.03 -38.52 4.55
C TRP D 200 15.85 -40.02 4.79
N VAL D 201 16.39 -40.84 3.89
CA VAL D 201 16.34 -42.29 4.05
C VAL D 201 17.70 -42.94 3.82
N ARG D 202 18.03 -43.92 4.65
CA ARG D 202 19.27 -44.66 4.48
C ARG D 202 19.04 -46.05 3.90
N TYR D 203 19.89 -46.45 2.97
CA TYR D 203 19.83 -47.79 2.37
C TYR D 203 21.14 -48.53 2.61
N GLU D 204 21.04 -49.66 3.31
CA GLU D 204 22.21 -50.44 3.69
C GLU D 204 22.25 -51.72 2.85
N LYS D 205 23.36 -51.95 2.16
CA LYS D 205 23.48 -53.11 1.28
C LYS D 205 23.11 -54.42 1.99
N ASP D 206 22.42 -55.30 1.27
CA ASP D 206 22.02 -56.60 1.80
C ASP D 206 20.87 -56.54 2.80
N LYS D 207 20.52 -55.32 3.21
CA LYS D 207 19.46 -55.15 4.21
C LYS D 207 18.31 -54.29 3.67
N GLY D 208 18.58 -53.52 2.63
CA GLY D 208 17.58 -52.67 2.01
C GLY D 208 17.40 -51.36 2.76
N TRP D 209 16.20 -50.79 2.66
CA TRP D 209 15.89 -49.52 3.31
C TRP D 209 15.93 -49.65 4.83
N GLN D 210 16.44 -48.62 5.49
CA GLN D 210 16.40 -48.57 6.95
C GLN D 210 15.17 -47.79 7.38
N LEU D 211 14.04 -48.50 7.48
CA LEU D 211 12.75 -47.86 7.71
C LEU D 211 12.34 -47.89 9.16
N LYS D 212 13.21 -48.43 10.01
CA LYS D 212 12.93 -48.46 11.43
C LYS D 212 12.86 -47.05 12.00
N ALA D 213 12.04 -46.86 13.02
CA ALA D 213 11.88 -45.55 13.67
C ALA D 213 13.22 -44.83 13.79
N GLU D 214 13.16 -43.51 13.92
CA GLU D 214 14.39 -42.72 13.99
C GLU D 214 14.10 -41.21 13.86
N LYS D 215 15.10 -40.39 14.14
CA LYS D 215 14.93 -38.95 14.26
C LYS D 215 14.76 -38.21 12.93
N THR D 216 15.50 -38.62 11.91
CA THR D 216 15.47 -37.92 10.62
C THR D 216 14.58 -38.63 9.61
N LEU D 217 14.09 -39.81 9.98
CA LEU D 217 13.11 -40.52 9.19
C LEU D 217 11.75 -39.97 9.52
N ILE D 218 11.47 -38.77 9.03
CA ILE D 218 10.19 -38.11 9.28
C ILE D 218 9.81 -37.30 8.05
N SER D 219 8.53 -37.05 7.89
CA SER D 219 8.04 -36.18 6.83
C SER D 219 8.04 -34.75 7.37
N SER D 220 8.93 -33.92 6.84
CA SER D 220 9.03 -32.54 7.28
C SER D 220 9.24 -31.62 6.09
N TYR D 221 10.17 -30.68 6.28
CA TYR D 221 10.39 -29.57 5.35
C TYR D 221 10.97 -30.00 4.00
N ASP D 222 11.68 -31.11 3.97
CA ASP D 222 12.16 -31.64 2.68
C ASP D 222 11.08 -32.46 2.01
N ALA D 223 10.47 -33.35 2.79
CA ALA D 223 9.53 -34.34 2.26
C ALA D 223 8.24 -33.70 1.73
N ILE D 224 7.82 -32.60 2.35
CA ILE D 224 6.57 -31.96 1.97
C ILE D 224 6.52 -31.75 0.46
N ARG D 225 7.69 -31.64 -0.14
CA ARG D 225 7.76 -31.39 -1.58
C ARG D 225 7.42 -32.62 -2.40
N VAL D 226 7.63 -33.80 -1.83
CA VAL D 226 7.30 -35.05 -2.53
C VAL D 226 5.84 -35.05 -2.99
N TYR D 227 4.93 -34.79 -2.06
CA TYR D 227 3.50 -34.73 -2.35
C TYR D 227 3.21 -33.70 -3.42
N MET D 228 3.86 -32.55 -3.36
CA MET D 228 3.67 -31.52 -4.37
C MET D 228 4.12 -31.97 -5.76
N TRP D 229 5.31 -32.58 -5.84
CA TRP D 229 5.82 -33.04 -7.13
C TRP D 229 4.86 -34.05 -7.75
N VAL D 230 4.29 -34.91 -6.90
CA VAL D 230 3.35 -35.92 -7.38
C VAL D 230 2.10 -35.26 -7.92
N GLY D 231 1.61 -34.24 -7.22
CA GLY D 231 0.41 -33.52 -7.63
C GLY D 231 0.57 -32.80 -8.95
N MET D 232 1.80 -32.38 -9.26
CA MET D 232 2.05 -31.62 -10.48
C MET D 232 2.23 -32.52 -11.71
N MET D 233 2.28 -33.84 -11.48
CA MET D 233 2.38 -34.77 -12.59
C MET D 233 1.12 -34.70 -13.44
N PRO D 234 1.29 -34.82 -14.77
CA PRO D 234 0.12 -34.83 -15.67
C PRO D 234 -0.75 -36.05 -15.38
N ASP D 235 -2.07 -35.86 -15.40
CA ASP D 235 -3.01 -36.95 -15.17
C ASP D 235 -2.77 -38.07 -16.16
N SER D 236 -2.24 -37.71 -17.33
CA SER D 236 -1.87 -38.68 -18.38
C SER D 236 -0.85 -39.70 -17.90
N ASP D 237 0.16 -39.24 -17.15
CA ASP D 237 1.23 -40.12 -16.68
C ASP D 237 0.68 -41.28 -15.86
N PRO D 238 0.91 -42.52 -16.34
CA PRO D 238 0.39 -43.76 -15.77
C PRO D 238 0.82 -44.02 -14.32
N GLN D 239 1.93 -43.42 -13.89
CA GLN D 239 2.50 -43.72 -12.57
C GLN D 239 2.04 -42.79 -11.44
N LYS D 240 1.21 -41.81 -11.77
CA LYS D 240 0.70 -40.86 -10.79
C LYS D 240 -0.23 -41.53 -9.77
N ALA D 241 -1.07 -42.44 -10.26
CA ALA D 241 -2.09 -43.08 -9.43
C ALA D 241 -1.50 -43.85 -8.25
N ARG D 242 -0.45 -44.61 -8.50
CA ARG D 242 0.23 -45.38 -7.44
C ARG D 242 0.74 -44.47 -6.34
N MET D 243 1.40 -43.38 -6.75
CA MET D 243 1.99 -42.45 -5.79
C MET D 243 0.94 -41.76 -4.91
N LEU D 244 -0.12 -41.25 -5.54
CA LEU D 244 -1.20 -40.63 -4.78
C LEU D 244 -1.77 -41.59 -3.73
N ASN D 245 -2.07 -42.81 -4.16
CA ASN D 245 -2.60 -43.82 -3.26
C ASN D 245 -1.60 -44.19 -2.17
N ARG D 246 -0.33 -44.25 -2.55
CA ARG D 246 0.73 -44.50 -1.58
C ARG D 246 0.78 -43.41 -0.49
N PHE D 247 0.61 -42.17 -0.89
CA PHE D 247 0.71 -41.05 0.05
C PHE D 247 -0.65 -40.50 0.49
N LYS D 248 -1.70 -41.26 0.20
CA LYS D 248 -3.07 -40.89 0.55
C LYS D 248 -3.21 -40.40 1.98
N PRO D 249 -2.58 -41.11 2.93
CA PRO D 249 -2.71 -40.74 4.33
C PRO D 249 -2.27 -39.31 4.63
N MET D 250 -1.39 -38.76 3.81
CA MET D 250 -1.02 -37.34 3.92
C MET D 250 -2.19 -36.47 3.49
N ALA D 251 -2.88 -36.90 2.42
CA ALA D 251 -4.12 -36.26 1.99
C ALA D 251 -5.20 -36.41 3.04
N THR D 252 -5.40 -37.65 3.50
CA THR D 252 -6.42 -37.94 4.49
C THR D 252 -6.27 -37.04 5.72
N PHE D 253 -5.05 -36.92 6.23
CA PHE D 253 -4.81 -36.12 7.42
C PHE D 253 -5.16 -34.63 7.20
N THR D 254 -4.73 -34.10 6.07
CA THR D 254 -4.98 -32.72 5.74
C THR D 254 -6.48 -32.43 5.60
N GLU D 255 -7.18 -33.35 4.96
CA GLU D 255 -8.63 -33.21 4.76
C GLU D 255 -9.37 -33.21 6.08
N LYS D 256 -9.01 -34.14 6.96
CA LYS D 256 -9.68 -34.25 8.24
C LYS D 256 -9.38 -33.09 9.18
N ASN D 257 -8.12 -32.68 9.24
CA ASN D 257 -7.72 -31.67 10.20
C ASN D 257 -7.79 -30.24 9.68
N GLY D 258 -7.71 -30.10 8.36
CA GLY D 258 -7.82 -28.80 7.72
C GLY D 258 -6.47 -28.13 7.57
N TYR D 259 -5.40 -28.89 7.82
CA TYR D 259 -4.03 -28.39 7.68
C TYR D 259 -3.07 -29.57 7.62
N PRO D 260 -1.97 -29.40 6.88
CA PRO D 260 -0.93 -30.42 6.87
C PRO D 260 -0.16 -30.38 8.18
N PRO D 261 0.36 -31.53 8.63
CA PRO D 261 1.11 -31.59 9.87
C PRO D 261 2.55 -31.12 9.68
N GLU D 262 3.17 -30.59 10.74
CA GLU D 262 4.55 -30.10 10.64
C GLU D 262 5.53 -31.24 10.44
N LYS D 263 5.37 -32.30 11.22
CA LYS D 263 6.27 -33.45 11.17
C LYS D 263 5.51 -34.74 11.44
N VAL D 264 5.85 -35.79 10.69
CA VAL D 264 5.20 -37.08 10.87
C VAL D 264 6.23 -38.21 10.87
N ASP D 265 6.13 -39.08 11.88
CA ASP D 265 7.03 -40.23 11.98
C ASP D 265 6.71 -41.25 10.90
N VAL D 266 7.62 -41.38 9.93
CA VAL D 266 7.41 -42.27 8.79
C VAL D 266 7.11 -43.70 9.20
N ALA D 267 7.73 -44.17 10.28
CA ALA D 267 7.55 -45.56 10.71
C ALA D 267 6.19 -45.82 11.37
N THR D 268 5.72 -44.88 12.18
CA THR D 268 4.45 -45.05 12.89
C THR D 268 3.30 -44.26 12.25
N GLY D 269 3.65 -43.23 11.49
CA GLY D 269 2.63 -42.37 10.89
C GLY D 269 2.10 -41.38 11.91
N LYS D 270 2.67 -41.41 13.11
CA LYS D 270 2.36 -40.43 14.13
C LYS D 270 2.67 -39.02 13.63
N ALA D 271 1.70 -38.11 13.74
CA ALA D 271 1.88 -36.74 13.27
C ALA D 271 1.85 -35.73 14.41
N GLN D 272 2.65 -34.68 14.28
CA GLN D 272 2.66 -33.62 15.29
C GLN D 272 2.68 -32.23 14.65
N GLY D 273 2.07 -31.27 15.34
CA GLY D 273 2.12 -29.88 14.93
C GLY D 273 1.36 -29.57 13.66
N LYS D 274 1.31 -28.27 13.34
CA LYS D 274 0.64 -27.78 12.15
C LYS D 274 1.68 -27.15 11.23
N GLY D 275 1.79 -27.64 10.02
CA GLY D 275 2.75 -27.11 9.04
C GLY D 275 2.54 -25.64 8.71
N PRO D 276 3.61 -24.96 8.28
CA PRO D 276 3.50 -23.54 7.93
C PRO D 276 2.79 -23.35 6.60
N VAL D 277 2.46 -22.10 6.27
CA VAL D 277 1.67 -21.83 5.09
C VAL D 277 2.22 -22.55 3.86
N GLY D 278 3.54 -22.56 3.72
CA GLY D 278 4.19 -23.21 2.58
C GLY D 278 3.74 -24.66 2.40
N PHE D 279 3.54 -25.36 3.52
CA PHE D 279 3.04 -26.73 3.49
C PHE D 279 1.63 -26.82 2.87
N SER D 280 0.78 -25.85 3.20
CA SER D 280 -0.57 -25.81 2.63
C SER D 280 -0.53 -25.53 1.13
N ALA D 281 0.41 -24.70 0.72
CA ALA D 281 0.57 -24.38 -0.70
C ALA D 281 1.02 -25.63 -1.43
N ALA D 282 1.85 -26.43 -0.77
CA ALA D 282 2.34 -27.68 -1.31
C ALA D 282 1.20 -28.67 -1.54
N MET D 283 0.20 -28.64 -0.66
CA MET D 283 -0.93 -29.54 -0.75
C MET D 283 -1.86 -29.22 -1.92
N LEU D 284 -1.73 -28.03 -2.50
CA LEU D 284 -2.68 -27.59 -3.53
C LEU D 284 -2.73 -28.50 -4.75
N PRO D 285 -1.58 -28.74 -5.38
CA PRO D 285 -1.57 -29.64 -6.54
C PRO D 285 -1.84 -31.08 -6.12
N PHE D 286 -1.55 -31.39 -4.85
CA PHE D 286 -1.59 -32.76 -4.34
C PHE D 286 -3.02 -33.24 -4.03
N LEU D 287 -3.79 -32.43 -3.31
CA LEU D 287 -5.15 -32.81 -2.91
C LEU D 287 -6.07 -32.93 -4.12
N GLN D 288 -6.82 -34.04 -4.19
CA GLN D 288 -7.72 -34.25 -5.32
C GLN D 288 -9.15 -33.83 -4.98
N ASN D 289 -9.45 -33.73 -3.69
CA ASN D 289 -10.76 -33.29 -3.20
C ASN D 289 -10.95 -31.76 -3.29
N ARG D 290 -11.99 -31.33 -4.00
CA ARG D 290 -12.26 -29.90 -4.21
C ARG D 290 -12.33 -29.07 -2.95
N ASP D 291 -13.08 -29.58 -1.95
CA ASP D 291 -13.30 -28.84 -0.71
C ASP D 291 -12.03 -28.70 0.11
N ALA D 292 -11.29 -29.79 0.27
CA ALA D 292 -10.06 -29.77 1.06
C ALA D 292 -9.02 -28.89 0.38
N GLN D 293 -8.99 -28.98 -0.93
CA GLN D 293 -8.15 -28.15 -1.77
C GLN D 293 -8.47 -26.69 -1.47
N ALA D 294 -9.76 -26.38 -1.39
CA ALA D 294 -10.22 -25.01 -1.12
C ALA D 294 -9.89 -24.55 0.30
N VAL D 295 -9.92 -25.47 1.26
CA VAL D 295 -9.55 -25.12 2.63
C VAL D 295 -8.10 -24.66 2.64
N GLN D 296 -7.24 -25.40 1.93
CA GLN D 296 -5.83 -25.04 1.83
C GLN D 296 -5.62 -23.75 1.04
N ARG D 297 -6.43 -23.54 0.01
CA ARG D 297 -6.35 -22.34 -0.80
C ARG D 297 -6.63 -21.10 0.05
N GLN D 298 -7.64 -21.20 0.91
CA GLN D 298 -7.97 -20.11 1.82
C GLN D 298 -6.81 -19.80 2.77
N ARG D 299 -6.22 -20.83 3.36
CA ARG D 299 -5.11 -20.63 4.30
C ARG D 299 -3.92 -19.93 3.66
N VAL D 300 -3.62 -20.28 2.41
CA VAL D 300 -2.52 -19.65 1.70
C VAL D 300 -2.79 -18.19 1.43
N ALA D 301 -3.99 -17.88 0.95
CA ALA D 301 -4.37 -16.53 0.61
C ALA D 301 -4.37 -15.59 1.83
N ASP D 302 -4.83 -16.09 2.97
CA ASP D 302 -5.01 -15.28 4.17
C ASP D 302 -3.72 -15.14 5.00
N ASN D 303 -2.71 -15.96 4.71
CA ASN D 303 -1.42 -15.87 5.37
C ASN D 303 -0.29 -15.92 4.37
N PHE D 304 -0.42 -15.14 3.30
CA PHE D 304 0.54 -15.17 2.22
C PHE D 304 1.90 -14.70 2.73
N PRO D 305 2.97 -15.43 2.34
CA PRO D 305 4.34 -15.14 2.81
C PRO D 305 4.74 -13.69 2.57
N GLY D 306 5.35 -13.09 3.58
CA GLY D 306 5.91 -11.74 3.46
C GLY D 306 7.35 -11.80 2.95
N SER D 307 8.14 -10.80 3.31
CA SER D 307 9.52 -10.67 2.85
C SER D 307 10.50 -11.39 3.78
N ASP D 308 9.97 -12.03 4.82
CA ASP D 308 10.80 -12.64 5.85
C ASP D 308 10.66 -14.15 5.90
N ALA D 309 10.32 -14.77 4.77
CA ALA D 309 10.00 -16.20 4.82
C ALA D 309 10.34 -16.87 3.51
N TYR D 310 11.63 -17.11 3.31
CA TYR D 310 12.11 -17.66 2.05
C TYR D 310 11.48 -19.00 1.71
N TYR D 311 11.46 -19.94 2.66
CA TYR D 311 10.98 -21.29 2.35
C TYR D 311 9.47 -21.34 2.04
N ASN D 312 8.67 -20.71 2.90
CA ASN D 312 7.23 -20.63 2.65
C ASN D 312 6.92 -20.02 1.30
N TYR D 313 7.66 -18.98 0.93
CA TYR D 313 7.41 -18.28 -0.33
C TYR D 313 7.79 -19.15 -1.51
N VAL D 314 8.92 -19.84 -1.39
CA VAL D 314 9.36 -20.71 -2.46
C VAL D 314 8.34 -21.81 -2.74
N LEU D 315 7.88 -22.46 -1.67
CA LEU D 315 6.85 -23.50 -1.79
C LEU D 315 5.57 -22.93 -2.37
N THR D 316 5.27 -21.68 -2.02
CA THR D 316 4.05 -21.03 -2.49
C THR D 316 4.12 -20.70 -3.96
N LEU D 317 5.30 -20.32 -4.44
CA LEU D 317 5.48 -20.08 -5.87
C LEU D 317 5.16 -21.33 -6.66
N PHE D 318 5.56 -22.48 -6.14
CA PHE D 318 5.27 -23.76 -6.77
C PHE D 318 3.83 -24.19 -6.58
N GLY D 319 3.38 -24.19 -5.32
CA GLY D 319 2.08 -24.73 -4.97
C GLY D 319 0.93 -23.87 -5.44
N GLN D 320 0.93 -22.60 -5.06
CA GLN D 320 -0.12 -21.69 -5.52
C GLN D 320 0.05 -21.42 -7.02
N GLY D 321 1.30 -21.27 -7.46
CA GLY D 321 1.59 -21.08 -8.87
C GLY D 321 0.90 -22.13 -9.73
N TRP D 322 1.05 -23.40 -9.34
CA TRP D 322 0.39 -24.48 -10.06
C TRP D 322 -1.13 -24.34 -9.90
N ASP D 323 -1.57 -24.08 -8.67
CA ASP D 323 -2.99 -23.87 -8.42
C ASP D 323 -3.56 -22.75 -9.29
N GLN D 324 -2.70 -21.84 -9.74
CA GLN D 324 -3.14 -20.72 -10.58
C GLN D 324 -2.70 -20.84 -12.04
N HIS D 325 -2.38 -22.05 -12.47
CA HIS D 325 -2.04 -22.29 -13.87
C HIS D 325 -0.87 -21.43 -14.35
N ARG D 326 0.09 -21.20 -13.46
CA ARG D 326 1.26 -20.40 -13.82
C ARG D 326 2.18 -21.22 -14.73
N PHE D 327 2.07 -22.53 -14.62
CA PHE D 327 2.83 -23.45 -15.48
C PHE D 327 2.23 -24.84 -15.39
N ARG D 328 2.46 -25.63 -16.43
CA ARG D 328 2.05 -27.02 -16.46
C ARG D 328 3.19 -27.87 -16.98
N PHE D 329 3.16 -29.17 -16.66
CA PHE D 329 4.14 -30.12 -17.16
C PHE D 329 3.50 -31.07 -18.15
N SER D 330 4.13 -31.28 -19.30
CA SER D 330 3.61 -32.26 -20.27
C SER D 330 3.96 -33.68 -19.85
N THR D 331 3.53 -34.66 -20.63
CA THR D 331 3.74 -36.07 -20.29
C THR D 331 5.20 -36.49 -20.44
N LYS D 332 5.94 -35.76 -21.27
CA LYS D 332 7.38 -35.97 -21.45
C LYS D 332 8.16 -35.17 -20.42
N GLY D 333 7.45 -34.54 -19.49
CA GLY D 333 8.09 -33.74 -18.45
C GLY D 333 8.58 -32.38 -18.93
N GLU D 334 8.02 -31.89 -20.04
CA GLU D 334 8.38 -30.57 -20.55
C GLU D 334 7.54 -29.47 -19.90
N LEU D 335 8.02 -28.23 -20.02
CA LEU D 335 7.26 -27.10 -19.54
C LEU D 335 6.24 -26.69 -20.59
N LEU D 336 4.98 -26.70 -20.20
CA LEU D 336 3.93 -26.12 -21.00
C LEU D 336 3.67 -24.74 -20.40
N PRO D 337 4.30 -23.71 -20.97
CA PRO D 337 4.33 -22.39 -20.37
C PRO D 337 2.97 -21.73 -20.44
N ASP D 338 2.71 -20.80 -19.53
CA ASP D 338 1.52 -19.96 -19.60
C ASP D 338 2.01 -18.53 -19.72
N TRP D 339 2.32 -18.14 -20.96
CA TRP D 339 2.85 -16.82 -21.25
C TRP D 339 1.79 -15.95 -21.90
C2 BGC E . -16.61 23.16 18.12
C3 BGC E . -18.11 23.23 17.84
C4 BGC E . -18.93 22.16 18.56
C5 BGC E . -18.21 20.83 18.85
C6 BGC E . -18.54 19.76 17.81
C1 BGC E . -16.12 21.73 17.99
O1 BGC E . -16.39 21.25 16.67
O2 BGC E . -16.32 23.61 19.44
O3 BGC E . -18.36 23.17 16.44
O4 BGC E . -19.32 22.71 19.80
O5 BGC E . -16.79 20.93 18.98
O6 BGC E . -17.87 20.06 16.59
C2 BGC E . -20.39 22.08 21.82
C3 BGC E . -21.71 21.81 22.52
C4 BGC E . -22.81 22.74 22.00
C5 BGC E . -22.84 22.71 20.48
C6 BGC E . -23.92 23.62 19.91
C1 BGC E . -20.54 22.18 20.31
O2 BGC E . -19.46 21.03 22.12
O3 BGC E . -21.55 22.01 23.92
O4 BGC E . -24.04 22.26 22.51
O5 BGC E . -21.57 23.11 19.98
O6 BGC E . -23.68 24.98 20.29
C2 BGC E . -26.21 22.75 23.38
C3 BGC E . -26.99 23.66 24.31
C4 BGC E . -26.27 23.80 25.64
C5 BGC E . -24.85 24.29 25.38
C6 BGC E . -24.04 24.49 26.66
C1 BGC E . -24.76 23.24 23.25
O2 BGC E . -26.82 22.74 22.09
O3 BGC E . -28.29 23.11 24.52
O4 BGC E . -26.98 24.75 26.42
O5 BGC E . -24.17 23.36 24.54
O6 BGC E . -23.79 23.23 27.28
C2 BGC E . -27.55 25.52 28.61
C3 BGC E . -27.98 25.09 30.00
C4 BGC E . -29.16 24.15 29.90
C5 BGC E . -28.82 22.97 28.99
C6 BGC E . -30.03 22.05 28.81
C1 BGC E . -27.28 24.30 27.73
O2 BGC E . -26.37 26.32 28.69
O3 BGC E . -28.35 26.24 30.77
O4 BGC E . -29.49 23.69 31.21
O5 BGC E . -28.44 23.45 27.70
O6 BGC E . -31.03 22.77 28.07
C2 BGC E . -31.05 22.54 32.62
C3 BGC E . -32.39 22.88 33.25
C4 BGC E . -32.41 24.35 33.64
C5 BGC E . -31.89 25.23 32.50
C6 BGC E . -30.60 25.96 32.87
C1 BGC E . -30.87 23.33 31.33
O2 BGC E . -30.99 21.14 32.31
O3 BGC E . -32.60 22.08 34.43
O4 BGC E . -33.74 24.76 33.98
O5 BGC E . -31.72 24.48 31.29
O6 BGC E . -29.59 25.03 33.30
C2 BGC F . 30.14 13.60 -7.47
C3 BGC F . 31.34 12.65 -7.52
C4 BGC F . 31.44 11.91 -8.86
C5 BGC F . 30.12 11.68 -9.61
C6 BGC F . 29.54 10.28 -9.44
C1 BGC F . 28.89 12.91 -7.97
O1 BGC F . 28.68 11.68 -7.26
O2 BGC F . 30.36 14.74 -8.31
O3 BGC F . 31.29 11.72 -6.45
O4 BGC F . 32.29 12.68 -9.70
O5 BGC F . 29.11 12.64 -9.34
O6 BGC F . 29.46 9.96 -8.05
C2 BGC F . 33.21 12.59 -11.90
C3 BGC F . 34.15 11.84 -12.83
C4 BGC F . 35.47 11.55 -12.13
C5 BGC F . 35.19 10.83 -10.81
C6 BGC F . 36.47 10.45 -10.07
C1 BGC F . 33.08 11.86 -10.57
O2 BGC F . 31.92 12.69 -12.51
O3 BGC F . 34.37 12.63 -14.00
O4 BGC F . 36.25 10.70 -12.94
O5 BGC F . 34.37 11.67 -10.00
O6 BGC F . 37.12 11.60 -9.53
C2 BGC F . 38.37 10.11 -13.84
C3 BGC F . 39.70 10.68 -14.30
C4 BGC F . 39.46 11.76 -15.34
C5 BGC F . 38.45 12.81 -14.86
C6 BGC F . 37.92 13.59 -16.05
C1 BGC F . 37.52 11.24 -13.27
O2 BGC F . 38.57 9.10 -12.84
O3 BGC F . 40.47 9.64 -14.89
O4 BGC F . 40.71 12.38 -15.64
O5 BGC F . 37.30 12.22 -14.27
O6 BGC F . 38.38 14.94 -15.97
C2 BGC F . 41.97 13.60 -17.30
C3 BGC F . 42.31 13.69 -18.78
C4 BGC F . 42.75 12.33 -19.28
C5 BGC F . 41.66 11.31 -18.99
C6 BGC F . 42.03 9.92 -19.48
C1 BGC F . 40.94 12.51 -17.05
O2 BGC F . 41.44 14.87 -16.87
O3 BGC F . 43.33 14.65 -18.99
O4 BGC F . 42.96 12.42 -20.69
O5 BGC F . 41.43 11.26 -17.58
O6 BGC F . 42.96 9.30 -18.58
C2 BGC F . 44.21 11.49 -22.51
C3 BGC F . 45.61 11.27 -23.08
C4 BGC F . 46.43 12.53 -22.85
C5 BGC F . 46.52 12.74 -21.34
C6 BGC F . 47.48 13.87 -20.98
C1 BGC F . 44.26 11.98 -21.06
O2 BGC F . 43.47 10.27 -22.57
O3 BGC F . 45.56 10.97 -24.48
O4 BGC F . 47.74 12.39 -23.43
O5 BGC F . 45.20 13.06 -20.89
O6 BGC F . 47.04 15.09 -21.60
C2 BGC G . -31.46 -8.17 -10.75
C3 BGC G . -32.60 -7.52 -9.94
C4 BGC G . -32.97 -6.14 -10.48
C5 BGC G . -31.73 -5.29 -10.75
C6 BGC G . -31.05 -4.90 -9.45
C1 BGC G . -30.32 -7.20 -11.05
O1 BGC G . -29.57 -6.93 -9.87
O2 BGC G . -31.97 -8.65 -12.00
O3 BGC G . -32.25 -7.40 -8.57
O4 BGC G . -33.69 -6.31 -11.68
O5 BGC G . -30.83 -5.99 -11.62
O6 BGC G . -29.67 -4.63 -9.68
C2 BGC G . -34.96 -5.22 -13.39
C3 BGC G . -36.01 -4.15 -13.66
C4 BGC G . -37.19 -4.34 -12.71
C5 BGC G . -36.71 -4.41 -11.27
C6 BGC G . -37.87 -4.63 -10.30
C1 BGC G . -34.61 -5.25 -11.90
O2 BGC G . -33.78 -4.97 -14.15
O3 BGC G . -36.44 -4.23 -15.02
O4 BGC G . -38.06 -3.21 -12.85
O5 BGC G . -35.78 -5.47 -11.12
O6 BGC G . -38.55 -5.84 -10.63
C2 BGC G . -40.26 -2.37 -13.05
C3 BGC G . -41.66 -2.67 -13.58
C4 BGC G . -41.58 -3.00 -15.07
C5 BGC G . -40.50 -4.02 -15.40
C6 BGC G . -40.25 -3.96 -16.90
C1 BGC G . -39.34 -3.55 -13.34
O2 BGC G . -40.32 -2.13 -11.65
O3 BGC G . -42.48 -1.52 -13.38
O4 BGC G . -42.83 -3.52 -15.53
O5 BGC G . -39.26 -3.76 -14.74
O6 BGC G . -39.97 -5.27 -17.39
C2 BGC G . -44.42 -3.70 -17.33
C3 BGC G . -45.13 -2.93 -18.43
C4 BGC G . -45.57 -1.55 -17.98
C5 BGC G . -44.45 -0.78 -17.26
C6 BGC G . -45.05 0.39 -16.50
C1 BGC G . -43.31 -2.86 -16.70
O2 BGC G . -43.84 -4.89 -17.87
O3 BGC G . -46.30 -3.63 -18.88
O4 BGC G . -45.98 -0.87 -19.16
O5 BGC G . -43.80 -1.59 -16.28
O6 BGC G . -44.61 1.60 -17.10
C2 BGC G . -46.32 1.25 -20.22
C3 BGC G . -47.56 2.07 -20.52
C4 BGC G . -48.74 1.13 -20.74
C5 BGC G . -48.75 0.02 -19.69
C6 BGC G . -48.35 -1.33 -20.28
C1 BGC G . -46.51 0.44 -18.94
O2 BGC G . -45.18 2.12 -20.09
O3 BGC G . -47.33 2.86 -21.69
O4 BGC G . -49.96 1.87 -20.67
O5 BGC G . -47.89 0.36 -18.60
O6 BGC G . -47.38 -1.13 -21.31
C2 BGC H . 17.87 -28.96 -0.06
C3 BGC H . 19.33 -28.75 -0.46
C4 BGC H . 20.23 -28.36 0.72
C5 BGC H . 19.55 -27.50 1.78
C6 BGC H . 19.48 -26.01 1.40
C1 BGC H . 17.41 -27.90 0.92
O1 BGC H . 17.54 -26.61 0.31
O2 BGC H . 17.70 -30.24 0.57
O3 BGC H . 19.44 -27.77 -1.50
O4 BGC H . 20.67 -29.58 1.31
O5 BGC H . 18.24 -27.96 2.08
O6 BGC H . 19.62 -25.86 -0.01
C2 BGC H . 22.00 -30.30 3.09
C3 BGC H . 23.41 -30.25 3.67
C4 BGC H . 24.36 -30.91 2.68
C5 BGC H . 24.23 -30.37 1.27
C6 BGC H . 24.90 -31.37 0.33
C1 BGC H . 22.00 -29.54 1.78
O2 BGC H . 21.08 -29.69 3.99
O3 BGC H . 23.42 -30.96 4.92
O4 BGC H . 25.69 -30.69 3.12
O5 BGC H . 22.86 -30.20 0.85
O6 BGC H . 25.03 -30.83 -1.00
C2 BGC H . 27.90 -31.61 3.16
C3 BGC H . 28.68 -32.90 3.33
C4 BGC H . 28.30 -33.56 4.64
C5 BGC H . 26.79 -33.73 4.77
C6 BGC H . 26.42 -34.19 6.18
C1 BGC H . 26.42 -31.92 3.25
O2 BGC H . 28.21 -31.01 1.90
O3 BGC H . 30.09 -32.62 3.32
O4 BGC H . 28.95 -34.83 4.70
O5 BGC H . 26.11 -32.50 4.52
O6 BGC H . 25.23 -34.97 6.13
C2 BGC H . 29.61 -36.69 6.07
C3 BGC H . 30.17 -37.12 7.42
C4 BGC H . 31.35 -36.23 7.80
C5 BGC H . 31.00 -34.75 7.71
C6 BGC H . 32.24 -33.90 7.97
C1 BGC H . 29.34 -35.19 6.04
O2 BGC H . 28.40 -37.40 5.81
O3 BGC H . 30.60 -38.48 7.34
O4 BGC H . 31.77 -36.55 9.12
O5 BGC H . 30.53 -34.47 6.38
O6 BGC H . 33.21 -34.16 6.94
C2 BGC H . 33.74 -36.82 10.52
C3 BGC H . 35.06 -37.60 10.62
C4 BGC H . 34.81 -39.07 10.34
C5 BGC H . 33.42 -39.26 9.72
C6 BGC H . 32.32 -39.11 10.76
C1 BGC H . 33.15 -36.96 9.12
O2 BGC H . 33.96 -35.44 10.82
O3 BGC H . 35.62 -37.44 11.92
O4 BGC H . 35.83 -39.60 9.48
O5 BGC H . 33.25 -38.32 8.66
O6 BGC H . 31.06 -38.83 10.14
#